data_9F7Z
#
_entry.id   9F7Z
#
_cell.length_a   170.330
_cell.length_b   102.469
_cell.length_c   167.366
_cell.angle_alpha   90.000
_cell.angle_beta   91.540
_cell.angle_gamma   90.000
#
_symmetry.space_group_name_H-M   'C 1 2 1'
#
loop_
_entity.id
_entity.type
_entity.pdbx_description
1 polymer 'anti-4-1BB DARPin'
2 polymer 'Tumor necrosis factor receptor superfamily member 9'
3 branched beta-L-fucopyranose-(1-3)-2-acetamido-2-deoxy-beta-D-glucopyranose
4 branched beta-L-fucopyranose-(1-3)-[2-acetamido-2-deoxy-beta-D-glucopyranose-(1-4)][beta-L-fucopyranose-(1-6)]2-acetamido-2-deoxy-beta-D-glucopyranose
5 branched beta-L-fucopyranose-(1-6)-2-acetamido-2-deoxy-beta-D-glucopyranose
6 non-polymer 2-acetamido-2-deoxy-beta-D-glucopyranose
7 water water
#
loop_
_entity_poly.entity_id
_entity_poly.type
_entity_poly.pdbx_seq_one_letter_code
_entity_poly.pdbx_strand_id
1 'polypeptide(L)'
;GSDLGKKLLKAAQEGQDDEVRELLKAGADVNAKDLRGITPLHVAAWQGHLEIVEVLLKAGADVNAKDSKGETPLHLAAFR
GHLEIVEVLLKAGADVNAQDQQGETPADLAALAGHVDIAEVLQKAA
;
A,C,E,G,I,K,M,O
2 'polypeptide(L)'
;QDPCSNCPAGTFCDNNRNQICSPCPPNSFSSAGGQRTCDICRQCKGVFRTRKECSSTSNAECDCTPGFHCLGAGCSMCEQ
DCKQGQELTKKGCKDCCFGTFNDQKRGICRPWTNCSLDGKSVLVNGTKERDVVCGPSP
;
B,D,F,H,J,L,N,P
#
loop_
_chem_comp.id
_chem_comp.type
_chem_comp.name
_chem_comp.formula
FUL L-saccharide, beta linking beta-L-fucopyranose 'C6 H12 O5'
NAG D-saccharide, beta linking 2-acetamido-2-deoxy-beta-D-glucopyranose 'C8 H15 N O6'
#
# COMPACT_ATOMS: atom_id res chain seq x y z
N ASP A 3 12.22 6.00 37.08
CA ASP A 3 12.34 5.72 38.56
C ASP A 3 13.27 4.54 38.86
N LEU A 4 13.28 3.48 38.02
CA LEU A 4 14.19 2.32 38.14
C LEU A 4 15.63 2.76 37.81
N GLY A 5 15.78 3.62 36.79
CA GLY A 5 17.06 4.23 36.39
C GLY A 5 17.68 5.04 37.52
N LYS A 6 16.87 5.90 38.17
CA LYS A 6 17.28 6.74 39.32
C LYS A 6 17.74 5.84 40.48
N LYS A 7 17.02 4.75 40.74
CA LYS A 7 17.31 3.76 41.82
C LYS A 7 18.64 3.04 41.53
N LEU A 8 18.95 2.78 40.26
CA LEU A 8 20.16 2.06 39.81
C LEU A 8 21.38 2.97 39.98
N LEU A 9 21.26 4.26 39.69
CA LEU A 9 22.35 5.26 39.85
C LEU A 9 22.75 5.31 41.34
N LYS A 10 21.77 5.45 42.24
CA LYS A 10 21.96 5.48 43.71
C LYS A 10 22.60 4.16 44.15
N ALA A 11 22.09 3.03 43.66
CA ALA A 11 22.56 1.66 43.96
C ALA A 11 24.05 1.55 43.64
N ALA A 12 24.44 1.95 42.43
CA ALA A 12 25.83 1.98 41.93
C ALA A 12 26.68 2.93 42.79
N GLN A 13 26.16 4.10 43.13
CA GLN A 13 26.82 5.17 43.94
C GLN A 13 27.13 4.62 45.33
N GLU A 14 26.09 4.17 46.03
CA GLU A 14 26.15 3.66 47.44
C GLU A 14 27.09 2.45 47.52
N GLY A 15 27.19 1.67 46.43
CA GLY A 15 28.07 0.48 46.33
C GLY A 15 27.35 -0.79 46.76
N GLN A 16 26.05 -0.88 46.50
CA GLN A 16 25.17 -2.00 46.91
C GLN A 16 25.08 -2.99 45.76
N ASP A 17 25.94 -4.01 45.79
CA ASP A 17 26.18 -4.98 44.69
C ASP A 17 24.88 -5.73 44.38
N ASP A 18 24.20 -6.23 45.42
CA ASP A 18 22.97 -7.05 45.27
C ASP A 18 21.83 -6.19 44.74
N GLU A 19 21.68 -4.95 45.24
CA GLU A 19 20.61 -3.99 44.86
C GLU A 19 20.72 -3.64 43.37
N VAL A 20 21.95 -3.54 42.84
CA VAL A 20 22.20 -3.31 41.39
C VAL A 20 21.71 -4.54 40.62
N ARG A 21 22.16 -5.74 41.01
CA ARG A 21 21.83 -7.02 40.34
C ARG A 21 20.31 -7.17 40.22
N GLU A 22 19.59 -6.91 41.32
CA GLU A 22 18.10 -6.97 41.40
C GLU A 22 17.49 -5.98 40.40
N LEU A 23 17.92 -4.70 40.47
CA LEU A 23 17.38 -3.58 39.65
C LEU A 23 17.65 -3.82 38.16
N LEU A 24 18.82 -4.36 37.80
CA LEU A 24 19.15 -4.76 36.41
C LEU A 24 18.23 -5.88 35.96
N LYS A 25 18.08 -6.93 36.79
CA LYS A 25 17.21 -8.12 36.53
C LYS A 25 15.73 -7.72 36.46
N ALA A 26 15.35 -6.60 37.09
CA ALA A 26 14.00 -5.98 37.00
C ALA A 26 13.87 -5.06 35.78
N GLY A 27 14.83 -5.09 34.84
CA GLY A 27 14.76 -4.39 33.54
C GLY A 27 15.00 -2.89 33.67
N ALA A 28 15.97 -2.48 34.50
CA ALA A 28 16.45 -1.08 34.59
C ALA A 28 17.37 -0.80 33.40
N ASP A 29 17.35 0.45 32.90
CA ASP A 29 18.24 0.89 31.80
C ASP A 29 19.66 1.02 32.35
N VAL A 30 20.57 0.18 31.86
CA VAL A 30 21.99 0.11 32.31
C VAL A 30 22.74 1.39 31.90
N ASN A 31 22.28 2.10 30.86
CA ASN A 31 22.90 3.32 30.29
C ASN A 31 22.10 4.57 30.71
N ALA A 32 21.49 4.58 31.90
CA ALA A 32 20.59 5.67 32.36
C ALA A 32 21.42 6.91 32.72
N LYS A 33 21.41 7.93 31.86
CA LYS A 33 22.03 9.26 32.14
C LYS A 33 21.17 10.01 33.16
N ASP A 34 21.79 10.88 33.96
CA ASP A 34 21.11 11.95 34.74
C ASP A 34 21.19 13.24 33.90
N LEU A 35 20.92 14.40 34.49
CA LEU A 35 20.97 15.72 33.80
C LEU A 35 22.41 16.07 33.43
N ARG A 36 23.39 15.56 34.19
CA ARG A 36 24.84 15.76 33.93
C ARG A 36 25.40 14.65 33.02
N GLY A 37 24.55 13.81 32.42
CA GLY A 37 24.95 12.76 31.47
C GLY A 37 25.69 11.62 32.15
N ILE A 38 25.53 11.46 33.48
CA ILE A 38 26.28 10.49 34.32
C ILE A 38 25.52 9.15 34.34
N THR A 39 26.10 8.11 33.74
CA THR A 39 25.60 6.71 33.69
C THR A 39 26.01 5.98 34.98
N PRO A 40 25.36 4.83 35.31
CA PRO A 40 25.82 3.97 36.39
C PRO A 40 27.32 3.63 36.34
N LEU A 41 27.87 3.44 35.15
CA LEU A 41 29.29 3.03 34.97
C LEU A 41 30.21 4.17 35.42
N HIS A 42 29.92 5.41 35.01
CA HIS A 42 30.63 6.64 35.49
C HIS A 42 30.71 6.64 37.01
N VAL A 43 29.55 6.49 37.65
CA VAL A 43 29.36 6.56 39.13
C VAL A 43 30.20 5.46 39.79
N ALA A 44 30.06 4.23 39.32
CA ALA A 44 30.81 3.05 39.82
C ALA A 44 32.30 3.29 39.64
N ALA A 45 32.71 3.81 38.48
CA ALA A 45 34.11 4.14 38.12
C ALA A 45 34.63 5.23 39.05
N TRP A 46 33.82 6.25 39.32
CA TRP A 46 34.17 7.40 40.19
C TRP A 46 34.46 6.91 41.61
N GLN A 47 33.68 5.95 42.12
CA GLN A 47 33.74 5.55 43.55
C GLN A 47 34.39 4.17 43.73
N GLY A 48 35.00 3.61 42.68
CA GLY A 48 35.91 2.45 42.77
C GLY A 48 35.21 1.13 43.10
N HIS A 49 33.98 0.94 42.63
CA HIS A 49 33.12 -0.24 42.92
C HIS A 49 33.29 -1.31 41.83
N LEU A 50 34.47 -1.96 41.80
CA LEU A 50 34.89 -2.94 40.76
C LEU A 50 33.78 -3.96 40.50
N GLU A 51 33.40 -4.70 41.56
CA GLU A 51 32.20 -5.59 41.62
C GLU A 51 31.09 -5.04 40.71
N ILE A 52 30.65 -3.78 40.90
CA ILE A 52 29.49 -3.17 40.19
C ILE A 52 29.90 -2.78 38.76
N VAL A 53 31.13 -2.29 38.57
CA VAL A 53 31.68 -1.94 37.23
C VAL A 53 31.59 -3.19 36.34
N GLU A 54 31.94 -4.36 36.88
CA GLU A 54 32.00 -5.65 36.13
C GLU A 54 30.59 -6.05 35.71
N VAL A 55 29.62 -5.98 36.64
CA VAL A 55 28.24 -6.47 36.38
C VAL A 55 27.51 -5.50 35.44
N LEU A 56 27.77 -4.19 35.53
CA LEU A 56 27.17 -3.16 34.63
C LEU A 56 27.69 -3.36 33.20
N LEU A 57 28.99 -3.59 33.03
CA LEU A 57 29.63 -3.88 31.71
C LEU A 57 29.05 -5.17 31.13
N LYS A 58 28.97 -6.22 31.95
CA LYS A 58 28.45 -7.55 31.56
C LYS A 58 26.97 -7.45 31.15
N ALA A 59 26.24 -6.45 31.67
CA ALA A 59 24.83 -6.12 31.31
C ALA A 59 24.76 -5.07 30.18
N GLY A 60 25.85 -4.85 29.46
CA GLY A 60 25.88 -4.02 28.22
C GLY A 60 25.90 -2.53 28.50
N ALA A 61 26.75 -2.09 29.43
CA ALA A 61 27.01 -0.67 29.69
C ALA A 61 27.87 -0.11 28.54
N ASP A 62 27.56 1.12 28.10
CA ASP A 62 28.42 1.88 27.14
C ASP A 62 29.71 2.26 27.88
N VAL A 63 30.81 1.59 27.54
CA VAL A 63 32.15 1.77 28.18
C VAL A 63 32.70 3.18 27.86
N ASN A 64 32.34 3.76 26.72
CA ASN A 64 32.81 5.10 26.25
C ASN A 64 31.66 6.10 26.31
N ALA A 65 30.74 5.94 27.26
CA ALA A 65 29.68 6.92 27.56
C ALA A 65 30.32 8.25 27.98
N LYS A 66 29.91 9.36 27.38
CA LYS A 66 30.45 10.72 27.66
C LYS A 66 29.44 11.42 28.60
N ASP A 67 29.95 12.10 29.63
CA ASP A 67 29.11 12.97 30.50
C ASP A 67 28.94 14.32 29.77
N SER A 68 28.20 15.25 30.37
CA SER A 68 27.88 16.57 29.80
C SER A 68 29.16 17.35 29.48
N LYS A 69 30.23 17.16 30.26
CA LYS A 69 31.53 17.88 30.08
C LYS A 69 32.56 16.95 29.39
N GLY A 70 32.12 15.81 28.81
CA GLY A 70 32.93 14.99 27.90
C GLY A 70 33.74 13.91 28.59
N GLU A 71 33.60 13.73 29.92
CA GLU A 71 34.35 12.72 30.71
C GLU A 71 33.70 11.34 30.56
N THR A 72 34.54 10.31 30.38
CA THR A 72 34.19 8.89 30.25
C THR A 72 34.47 8.16 31.55
N PRO A 73 33.88 6.96 31.79
CA PRO A 73 34.24 6.15 32.94
C PRO A 73 35.75 5.94 33.11
N LEU A 74 36.50 5.85 32.01
CA LEU A 74 37.98 5.68 32.08
C LEU A 74 38.59 6.96 32.68
N HIS A 75 38.15 8.14 32.23
CA HIS A 75 38.59 9.45 32.77
C HIS A 75 38.43 9.46 34.30
N LEU A 76 37.27 9.02 34.79
CA LEU A 76 36.93 9.07 36.23
C LEU A 76 37.81 8.10 37.00
N ALA A 77 37.83 6.84 36.57
CA ALA A 77 38.70 5.77 37.12
C ALA A 77 40.15 6.26 37.17
N ALA A 78 40.62 6.88 36.09
CA ALA A 78 42.01 7.40 35.93
C ALA A 78 42.25 8.51 36.96
N PHE A 79 41.34 9.47 37.04
CA PHE A 79 41.42 10.63 37.97
C PHE A 79 41.37 10.17 39.43
N ARG A 80 40.55 9.16 39.74
CA ARG A 80 40.22 8.74 41.13
C ARG A 80 41.17 7.63 41.60
N GLY A 81 42.13 7.21 40.77
CA GLY A 81 43.24 6.31 41.15
C GLY A 81 42.79 4.86 41.34
N HIS A 82 41.91 4.36 40.47
CA HIS A 82 41.29 3.00 40.59
C HIS A 82 41.87 2.06 39.52
N LEU A 83 43.14 1.69 39.65
CA LEU A 83 43.96 0.99 38.63
C LEU A 83 43.22 -0.25 38.11
N GLU A 84 42.62 -1.05 39.00
CA GLU A 84 42.00 -2.35 38.62
C GLU A 84 40.79 -2.07 37.73
N ILE A 85 39.98 -1.07 38.07
CA ILE A 85 38.80 -0.61 37.29
C ILE A 85 39.29 -0.04 35.94
N VAL A 86 40.38 0.73 35.94
CA VAL A 86 41.02 1.24 34.69
C VAL A 86 41.30 0.04 33.78
N GLU A 87 41.97 -0.99 34.32
CA GLU A 87 42.39 -2.20 33.57
C GLU A 87 41.16 -2.91 33.00
N VAL A 88 40.12 -3.11 33.82
CA VAL A 88 38.86 -3.82 33.43
C VAL A 88 38.18 -3.05 32.30
N LEU A 89 38.12 -1.72 32.39
CA LEU A 89 37.48 -0.86 31.36
C LEU A 89 38.24 -0.98 30.04
N LEU A 90 39.58 -0.99 30.10
CA LEU A 90 40.44 -1.16 28.90
C LEU A 90 40.13 -2.52 28.24
N LYS A 91 40.11 -3.60 29.01
CA LYS A 91 39.75 -4.97 28.54
C LYS A 91 38.35 -4.98 27.90
N ALA A 92 37.43 -4.14 28.38
CA ALA A 92 36.06 -3.97 27.84
C ALA A 92 36.03 -2.98 26.66
N GLY A 93 37.20 -2.56 26.16
CA GLY A 93 37.33 -1.75 24.93
C GLY A 93 37.12 -0.27 25.18
N ALA A 94 37.73 0.27 26.23
CA ALA A 94 37.65 1.71 26.59
C ALA A 94 38.55 2.51 25.63
N ASP A 95 38.10 3.70 25.22
CA ASP A 95 38.86 4.63 24.33
C ASP A 95 39.92 5.33 25.17
N VAL A 96 41.17 4.87 25.06
CA VAL A 96 42.31 5.25 25.94
C VAL A 96 42.79 6.67 25.62
N ASN A 97 42.63 7.16 24.38
CA ASN A 97 43.09 8.51 23.96
C ASN A 97 41.89 9.45 23.80
N ALA A 98 40.73 9.11 24.36
CA ALA A 98 39.51 9.95 24.36
C ALA A 98 39.79 11.27 25.07
N GLN A 99 39.35 12.39 24.49
CA GLN A 99 39.43 13.75 25.11
C GLN A 99 38.09 14.06 25.78
N ASP A 100 38.12 14.94 26.80
CA ASP A 100 36.92 15.61 27.39
C ASP A 100 36.75 16.95 26.68
N GLN A 101 35.74 17.75 27.05
CA GLN A 101 35.54 19.14 26.55
C GLN A 101 36.86 19.91 26.55
N GLN A 102 37.63 19.80 27.64
CA GLN A 102 38.87 20.60 27.88
C GLN A 102 40.09 19.93 27.20
N GLY A 103 39.86 18.85 26.45
CA GLY A 103 40.87 18.24 25.58
C GLY A 103 41.89 17.44 26.35
N GLU A 104 41.48 16.82 27.46
CA GLU A 104 42.37 16.09 28.39
C GLU A 104 42.00 14.61 28.38
N THR A 105 43.01 13.75 28.17
CA THR A 105 42.89 12.27 28.14
C THR A 105 42.83 11.75 29.57
N PRO A 106 42.35 10.50 29.81
CA PRO A 106 42.47 9.88 31.14
C PRO A 106 43.92 9.89 31.64
N ALA A 107 44.89 9.63 30.77
CA ALA A 107 46.34 9.74 31.03
C ALA A 107 46.66 11.11 31.66
N ASP A 108 46.07 12.19 31.16
CA ASP A 108 46.25 13.57 31.68
C ASP A 108 45.67 13.67 33.09
N LEU A 109 44.45 13.15 33.30
CA LEU A 109 43.73 13.20 34.61
C LEU A 109 44.50 12.37 35.65
N ALA A 110 45.00 11.19 35.26
CA ALA A 110 45.84 10.33 36.12
C ALA A 110 47.05 11.14 36.60
N ALA A 111 47.73 11.83 35.69
CA ALA A 111 48.92 12.66 35.97
C ALA A 111 48.53 13.83 36.88
N LEU A 112 47.38 14.46 36.61
CA LEU A 112 46.84 15.61 37.40
C LEU A 112 46.67 15.21 38.87
N ALA A 113 46.07 14.03 39.12
CA ALA A 113 45.81 13.49 40.48
C ALA A 113 47.04 12.77 41.04
N GLY A 114 48.18 12.78 40.33
CA GLY A 114 49.45 12.18 40.78
C GLY A 114 49.38 10.65 40.85
N HIS A 115 48.71 10.03 39.88
CA HIS A 115 48.63 8.57 39.72
C HIS A 115 49.51 8.15 38.53
N VAL A 116 50.82 8.25 38.70
CA VAL A 116 51.81 8.02 37.60
C VAL A 116 51.72 6.54 37.18
N ASP A 117 51.72 5.64 38.16
CA ASP A 117 51.45 4.19 38.00
C ASP A 117 50.36 4.00 36.95
N ILE A 118 49.17 4.59 37.14
CA ILE A 118 47.99 4.41 36.25
C ILE A 118 48.25 5.06 34.90
N ALA A 119 48.81 6.27 34.89
CA ALA A 119 49.15 7.02 33.66
C ALA A 119 50.03 6.15 32.77
N GLU A 120 51.03 5.49 33.36
CA GLU A 120 51.98 4.58 32.66
C GLU A 120 51.20 3.44 32.01
N VAL A 121 50.26 2.82 32.72
CA VAL A 121 49.39 1.73 32.18
C VAL A 121 48.66 2.26 30.94
N LEU A 122 48.06 3.44 31.04
CA LEU A 122 47.26 4.05 29.94
C LEU A 122 48.18 4.45 28.77
N GLN A 123 49.42 4.82 29.04
CA GLN A 123 50.38 5.26 28.00
C GLN A 123 50.88 4.04 27.23
N LYS A 124 51.14 2.92 27.91
CA LYS A 124 51.57 1.64 27.28
C LYS A 124 50.47 1.17 26.33
N ALA A 125 49.21 1.13 26.80
CA ALA A 125 48.05 0.72 25.98
C ALA A 125 47.76 1.83 24.96
N ALA A 126 48.26 1.71 23.71
CA ALA A 126 48.20 2.75 22.65
C ALA A 126 48.78 4.08 23.16
N ASP B 2 17.07 10.78 47.57
CA ASP B 2 16.68 11.43 48.87
C ASP B 2 17.89 11.92 49.66
N PRO B 3 18.96 11.12 49.87
CA PRO B 3 20.09 11.56 50.70
C PRO B 3 21.15 12.40 49.94
N CYS B 4 20.97 12.59 48.63
CA CYS B 4 21.91 13.28 47.72
C CYS B 4 21.43 14.71 47.47
N SER B 5 20.12 14.91 47.27
CA SER B 5 19.43 16.22 47.18
C SER B 5 19.97 17.23 48.21
N ASN B 6 20.32 16.78 49.42
CA ASN B 6 20.77 17.60 50.57
C ASN B 6 22.25 18.04 50.45
N CYS B 7 22.96 17.57 49.42
CA CYS B 7 24.41 17.86 49.23
C CYS B 7 24.56 19.24 48.62
N PRO B 8 25.43 20.10 49.19
CA PRO B 8 25.69 21.43 48.63
C PRO B 8 26.71 21.38 47.48
N ALA B 9 26.92 22.52 46.81
CA ALA B 9 28.06 22.76 45.91
C ALA B 9 29.38 22.64 46.69
N GLY B 10 30.51 22.48 45.98
CA GLY B 10 31.83 22.15 46.57
C GLY B 10 31.89 20.73 47.13
N THR B 11 30.98 19.86 46.69
CA THR B 11 30.67 18.54 47.32
C THR B 11 29.95 17.63 46.32
N PHE B 12 30.11 16.31 46.49
CA PHE B 12 29.42 15.25 45.70
C PHE B 12 28.77 14.22 46.63
N CYS B 13 27.73 13.55 46.16
CA CYS B 13 26.95 12.53 46.91
C CYS B 13 27.80 11.27 47.05
N ASP B 14 27.85 10.68 48.26
CA ASP B 14 28.81 9.61 48.67
C ASP B 14 28.25 8.92 49.91
N ASN B 15 27.72 7.70 49.78
CA ASN B 15 27.10 6.93 50.89
C ASN B 15 27.84 5.60 51.11
N ASN B 16 29.13 5.53 50.75
CA ASN B 16 29.97 4.31 50.91
C ASN B 16 30.35 4.16 52.39
N ARG B 17 30.73 5.27 53.05
CA ARG B 17 31.56 5.27 54.30
C ARG B 17 30.90 6.11 55.43
N ASN B 18 29.56 6.05 55.56
CA ASN B 18 28.77 6.60 56.70
C ASN B 18 28.58 8.12 56.58
N GLN B 19 29.40 8.83 55.80
CA GLN B 19 29.19 10.24 55.33
C GLN B 19 28.05 10.27 54.30
N ILE B 20 27.23 11.34 54.27
CA ILE B 20 26.12 11.54 53.27
C ILE B 20 26.68 12.15 51.98
N CYS B 21 27.64 13.08 52.10
CA CYS B 21 28.34 13.78 50.98
C CYS B 21 29.82 14.00 51.33
N SER B 22 30.73 13.99 50.35
CA SER B 22 32.18 14.29 50.53
C SER B 22 32.58 15.55 49.76
N PRO B 23 33.68 16.23 50.18
CA PRO B 23 34.15 17.43 49.50
C PRO B 23 34.79 17.05 48.15
N CYS B 24 34.64 17.89 47.14
CA CYS B 24 35.23 17.69 45.79
C CYS B 24 36.74 17.55 45.92
N PRO B 25 37.35 16.46 45.40
CA PRO B 25 38.80 16.25 45.57
C PRO B 25 39.60 17.33 44.86
N PRO B 26 40.91 17.47 45.17
CA PRO B 26 41.71 18.55 44.59
C PRO B 26 41.71 18.51 43.06
N ASN B 27 41.70 19.70 42.44
CA ASN B 27 41.62 19.90 40.97
C ASN B 27 40.28 19.38 40.42
N SER B 28 39.23 19.37 41.24
CA SER B 28 37.83 19.14 40.78
C SER B 28 36.92 20.09 41.54
N PHE B 29 35.71 20.32 41.01
CA PHE B 29 34.72 21.26 41.58
C PHE B 29 33.28 20.78 41.32
N SER B 30 32.34 21.21 42.17
CA SER B 30 30.87 21.08 41.96
C SER B 30 30.26 22.48 42.09
N SER B 31 29.72 23.04 41.00
CA SER B 31 29.11 24.40 40.94
C SER B 31 27.64 24.35 41.36
N ALA B 32 26.97 23.20 41.18
CA ALA B 32 25.63 22.93 41.76
C ALA B 32 25.80 22.07 43.00
N GLY B 33 24.77 22.06 43.82
CA GLY B 33 24.58 20.99 44.82
C GLY B 33 23.83 19.82 44.24
N GLY B 34 23.91 18.65 44.88
CA GLY B 34 23.21 17.42 44.47
C GLY B 34 23.89 16.75 43.28
N GLN B 35 25.18 17.07 43.02
CA GLN B 35 25.99 16.42 41.96
C GLN B 35 26.50 15.06 42.40
N ARG B 36 26.42 14.06 41.51
CA ARG B 36 26.85 12.67 41.75
C ARG B 36 28.36 12.58 41.59
N THR B 37 28.97 13.50 40.81
CA THR B 37 30.42 13.50 40.46
C THR B 37 30.90 14.95 40.34
N CYS B 38 32.14 15.24 40.77
CA CYS B 38 32.78 16.57 40.65
C CYS B 38 33.42 16.70 39.27
N ASP B 39 33.14 17.82 38.59
CA ASP B 39 33.72 18.19 37.27
C ASP B 39 35.19 18.57 37.48
N ILE B 40 36.03 18.39 36.46
CA ILE B 40 37.50 18.55 36.56
C ILE B 40 37.86 20.01 36.24
N CYS B 41 38.79 20.59 37.01
CA CYS B 41 39.31 21.98 36.86
C CYS B 41 40.05 22.12 35.54
N ARG B 42 39.79 23.19 34.76
CA ARG B 42 40.65 23.57 33.61
C ARG B 42 42.06 23.86 34.14
N GLN B 43 43.08 23.26 33.55
CA GLN B 43 44.52 23.51 33.86
C GLN B 43 45.07 24.51 32.83
N CYS B 44 45.95 25.43 33.24
CA CYS B 44 46.39 26.60 32.43
C CYS B 44 47.83 26.98 32.77
N LYS B 45 48.76 26.52 31.93
CA LYS B 45 50.20 26.89 32.01
C LYS B 45 50.74 27.12 30.59
N GLY B 46 51.92 27.76 30.48
CA GLY B 46 52.58 28.07 29.20
C GLY B 46 51.84 29.17 28.46
N VAL B 47 51.25 28.83 27.33
CA VAL B 47 50.59 29.81 26.40
C VAL B 47 49.33 30.31 27.11
N PHE B 48 48.60 29.39 27.74
CA PHE B 48 47.41 29.69 28.58
C PHE B 48 47.88 30.24 29.93
N ARG B 49 47.22 31.32 30.35
CA ARG B 49 47.49 32.05 31.61
C ARG B 49 46.20 31.99 32.41
N THR B 50 46.33 31.61 33.69
CA THR B 50 45.19 31.46 34.63
C THR B 50 44.75 32.85 35.10
N ARG B 51 43.50 33.21 34.81
CA ARG B 51 42.91 34.54 35.10
C ARG B 51 42.11 34.45 36.40
N LYS B 52 41.25 33.42 36.51
CA LYS B 52 40.56 33.01 37.77
C LYS B 52 41.08 31.61 38.12
N GLU B 53 41.53 31.42 39.36
CA GLU B 53 42.01 30.12 39.89
C GLU B 53 40.80 29.20 40.13
N CYS B 54 41.02 27.88 40.05
CA CYS B 54 39.96 26.87 40.33
C CYS B 54 39.67 26.86 41.84
N SER B 55 38.39 26.83 42.21
CA SER B 55 37.91 26.58 43.59
C SER B 55 37.21 25.22 43.63
N SER B 56 36.90 24.75 44.84
CA SER B 56 36.09 23.52 45.09
C SER B 56 34.68 23.67 44.47
N THR B 57 34.18 24.89 44.36
CA THR B 57 32.78 25.19 43.96
C THR B 57 32.73 25.86 42.58
N SER B 58 33.86 26.26 41.97
CA SER B 58 33.89 27.02 40.68
C SER B 58 35.15 26.68 39.87
N ASN B 59 34.96 26.50 38.55
CA ASN B 59 36.04 26.18 37.58
C ASN B 59 37.01 27.36 37.47
N ALA B 60 38.26 27.09 37.12
CA ALA B 60 39.25 28.10 36.67
C ALA B 60 38.78 28.68 35.33
N GLU B 61 39.08 29.96 35.10
CA GLU B 61 38.91 30.63 33.78
C GLU B 61 40.30 31.06 33.33
N CYS B 62 40.54 31.20 32.03
CA CYS B 62 41.89 31.44 31.47
C CYS B 62 41.86 32.33 30.23
N ASP B 63 42.94 33.09 30.05
CA ASP B 63 43.22 33.83 28.81
C ASP B 63 44.53 33.26 28.25
N CYS B 64 44.99 33.84 27.15
CA CYS B 64 46.27 33.52 26.48
C CYS B 64 47.31 34.57 26.85
N THR B 65 48.57 34.16 26.96
CA THR B 65 49.73 35.03 27.28
C THR B 65 49.88 36.08 26.19
N PRO B 66 50.55 37.23 26.47
CA PRO B 66 50.80 38.23 25.43
C PRO B 66 51.49 37.64 24.18
N GLY B 67 51.14 38.17 23.00
CA GLY B 67 51.57 37.64 21.69
C GLY B 67 50.62 36.57 21.17
N PHE B 68 49.51 36.33 21.86
CA PHE B 68 48.44 35.37 21.52
C PHE B 68 47.09 35.95 21.93
N HIS B 69 46.00 35.36 21.45
CA HIS B 69 44.60 35.79 21.71
C HIS B 69 43.68 34.57 21.75
N CYS B 70 42.65 34.61 22.60
CA CYS B 70 41.67 33.50 22.78
C CYS B 70 40.84 33.34 21.51
N LEU B 71 40.46 32.09 21.23
CA LEU B 71 39.55 31.72 20.12
C LEU B 71 38.56 30.69 20.67
N GLY B 72 37.28 30.95 20.45
CA GLY B 72 36.17 30.11 20.91
C GLY B 72 35.74 30.45 22.32
N ALA B 73 34.56 29.95 22.71
CA ALA B 73 33.90 30.19 24.01
C ALA B 73 34.83 29.74 25.14
N GLY B 74 35.02 30.60 26.14
CA GLY B 74 35.82 30.31 27.35
C GLY B 74 37.28 30.00 27.03
N CYS B 75 37.80 30.62 25.97
CA CYS B 75 39.22 30.56 25.58
C CYS B 75 39.64 29.09 25.41
N SER B 76 38.94 28.38 24.52
CA SER B 76 39.11 26.92 24.24
C SER B 76 40.53 26.64 23.75
N MET B 77 41.03 27.45 22.82
CA MET B 77 42.36 27.37 22.17
C MET B 77 42.92 28.80 22.00
N CYS B 78 44.25 28.94 21.88
CA CYS B 78 44.95 30.23 21.60
C CYS B 78 45.41 30.31 20.15
N GLU B 79 45.41 31.52 19.57
CA GLU B 79 45.88 31.80 18.19
C GLU B 79 46.92 32.92 18.29
N GLN B 80 48.01 32.80 17.52
CA GLN B 80 49.10 33.82 17.44
C GLN B 80 48.53 35.18 17.02
N ASP B 81 48.93 36.26 17.69
CA ASP B 81 48.69 37.65 17.23
C ASP B 81 49.58 37.88 15.99
N CYS B 82 49.08 38.62 15.00
CA CYS B 82 49.88 39.25 13.92
C CYS B 82 49.92 40.76 14.15
N LYS B 83 50.76 41.46 13.40
CA LYS B 83 50.84 42.95 13.41
C LYS B 83 49.55 43.51 12.78
N GLN B 84 49.34 44.82 12.90
CA GLN B 84 48.29 45.54 12.14
C GLN B 84 48.72 45.60 10.68
N GLY B 85 47.75 45.52 9.76
CA GLY B 85 48.00 45.34 8.32
C GLY B 85 48.64 43.98 8.01
N GLN B 86 48.27 42.96 8.79
CA GLN B 86 48.55 41.53 8.49
C GLN B 86 47.29 40.71 8.76
N GLU B 87 47.25 39.53 8.18
CA GLU B 87 46.30 38.45 8.58
C GLU B 87 47.13 37.20 8.84
N LEU B 88 46.54 36.21 9.53
CA LEU B 88 47.20 34.92 9.83
C LEU B 88 46.79 33.91 8.77
N THR B 89 47.67 33.63 7.81
CA THR B 89 47.55 32.53 6.81
C THR B 89 48.10 31.24 7.44
N LYS B 90 47.89 30.11 6.78
CA LYS B 90 48.46 28.80 7.19
C LYS B 90 49.99 28.87 7.10
N LYS B 91 50.53 29.64 6.15
CA LYS B 91 51.99 29.90 5.98
C LYS B 91 52.48 30.80 7.13
N GLY B 92 51.60 31.61 7.73
CA GLY B 92 51.89 32.41 8.94
C GLY B 92 51.37 33.83 8.84
N CYS B 93 51.98 34.80 9.52
CA CYS B 93 51.60 36.25 9.48
C CYS B 93 52.07 36.84 8.16
N LYS B 94 51.15 36.96 7.20
CA LYS B 94 51.38 37.60 5.88
C LYS B 94 50.75 38.99 5.90
N ASP B 95 51.41 39.97 5.26
CA ASP B 95 50.91 41.36 5.08
C ASP B 95 49.67 41.35 4.20
N CYS B 96 48.79 42.34 4.38
CA CYS B 96 47.53 42.48 3.60
C CYS B 96 47.85 42.83 2.14
N CYS B 97 47.05 42.33 1.19
CA CYS B 97 47.14 42.67 -0.26
C CYS B 97 46.76 44.15 -0.45
N PHE B 98 46.75 44.67 -1.70
CA PHE B 98 46.72 46.13 -1.95
C PHE B 98 45.40 46.74 -1.42
N GLY B 99 44.26 46.28 -1.95
CA GLY B 99 42.95 46.95 -1.73
C GLY B 99 42.28 46.60 -0.41
N THR B 100 43.05 46.08 0.56
CA THR B 100 42.55 45.41 1.77
C THR B 100 43.40 45.85 2.98
N PHE B 101 42.79 45.83 4.17
CA PHE B 101 43.37 46.36 5.45
C PHE B 101 42.98 45.46 6.64
N ASN B 102 43.71 45.58 7.75
CA ASN B 102 43.36 45.00 9.08
C ASN B 102 43.85 45.94 10.19
N ASP B 103 42.90 46.60 10.87
CA ASP B 103 43.16 47.59 11.96
C ASP B 103 43.43 46.90 13.30
N GLN B 104 43.20 45.59 13.39
CA GLN B 104 43.37 44.77 14.62
C GLN B 104 44.66 43.95 14.54
N LYS B 105 45.00 43.27 15.64
CA LYS B 105 46.13 42.31 15.75
C LYS B 105 45.60 40.87 15.63
N ARG B 106 44.35 40.69 15.15
CA ARG B 106 43.77 39.34 14.91
C ARG B 106 42.77 39.40 13.74
N GLY B 107 42.57 38.26 13.10
CA GLY B 107 41.54 38.07 12.05
C GLY B 107 42.08 38.29 10.65
N ILE B 108 41.17 38.33 9.69
CA ILE B 108 41.47 38.39 8.22
C ILE B 108 41.68 39.85 7.81
N CYS B 109 42.31 40.06 6.66
CA CYS B 109 42.28 41.35 5.92
C CYS B 109 40.88 41.49 5.31
N ARG B 110 40.31 42.69 5.40
CA ARG B 110 38.98 43.07 4.85
C ARG B 110 39.24 44.12 3.76
N PRO B 111 38.45 44.18 2.67
CA PRO B 111 38.65 45.21 1.64
C PRO B 111 38.29 46.62 2.15
N TRP B 112 38.98 47.65 1.64
CA TRP B 112 38.65 49.09 1.89
C TRP B 112 37.17 49.34 1.59
N THR B 113 36.58 50.34 2.22
CA THR B 113 35.18 50.77 2.00
C THR B 113 35.10 51.41 0.61
N ASN B 114 34.07 51.05 -0.17
CA ASN B 114 33.73 51.71 -1.45
C ASN B 114 32.86 52.93 -1.11
N CYS B 115 33.42 54.13 -1.15
CA CYS B 115 32.70 55.40 -0.83
C CYS B 115 31.56 55.63 -1.83
N SER B 116 31.82 55.35 -3.11
CA SER B 116 30.87 55.46 -4.27
C SER B 116 29.50 54.87 -3.91
N LEU B 117 29.47 53.73 -3.21
CA LEU B 117 28.23 53.01 -2.81
C LEU B 117 27.25 53.96 -2.12
N ASP B 118 27.71 54.76 -1.15
CA ASP B 118 26.88 55.74 -0.38
C ASP B 118 26.83 57.10 -1.10
N GLY B 119 27.54 57.25 -2.22
CA GLY B 119 27.66 58.51 -2.99
C GLY B 119 28.90 59.30 -2.65
N LYS B 120 29.52 59.06 -1.48
CA LYS B 120 30.65 59.82 -0.93
C LYS B 120 31.92 59.60 -1.77
N SER B 121 32.93 60.43 -1.50
CA SER B 121 34.26 60.39 -2.15
C SER B 121 35.32 60.10 -1.09
N VAL B 122 36.40 59.42 -1.50
CA VAL B 122 37.60 59.12 -0.67
C VAL B 122 38.20 60.45 -0.15
N LEU B 123 37.86 60.84 1.09
CA LEU B 123 38.42 62.02 1.80
C LEU B 123 39.91 61.72 2.11
N VAL B 124 40.17 60.60 2.79
CA VAL B 124 41.54 60.11 3.13
C VAL B 124 41.68 58.70 2.56
N ASN B 125 42.84 58.44 1.96
CA ASN B 125 43.20 57.12 1.34
C ASN B 125 43.35 56.08 2.45
N GLY B 126 43.17 54.80 2.13
CA GLY B 126 43.40 53.66 3.05
C GLY B 126 44.87 53.26 3.08
N THR B 127 45.18 52.21 3.85
CA THR B 127 46.50 51.52 3.85
C THR B 127 46.30 50.09 4.38
N LYS B 128 47.36 49.28 4.41
CA LYS B 128 47.35 47.93 5.04
C LYS B 128 46.81 48.04 6.48
N GLU B 129 47.22 49.09 7.21
CA GLU B 129 46.91 49.29 8.65
C GLU B 129 45.49 49.83 8.88
N ARG B 130 44.90 50.59 7.95
CA ARG B 130 43.60 51.27 8.23
C ARG B 130 42.78 51.47 6.95
N ASP B 131 41.46 51.56 7.16
CA ASP B 131 40.42 51.73 6.12
C ASP B 131 40.49 53.14 5.52
N VAL B 132 39.85 53.32 4.37
CA VAL B 132 39.53 54.64 3.74
C VAL B 132 38.63 55.44 4.69
N VAL B 133 38.80 56.76 4.67
CA VAL B 133 37.85 57.76 5.26
C VAL B 133 37.07 58.36 4.08
N CYS B 134 35.75 58.19 4.08
CA CYS B 134 34.82 58.76 3.08
C CYS B 134 34.39 60.18 3.51
N GLY B 135 33.96 61.01 2.56
CA GLY B 135 33.83 62.47 2.73
C GLY B 135 32.52 62.96 2.14
N PRO B 136 32.52 63.77 1.04
CA PRO B 136 31.28 64.37 0.52
C PRO B 136 30.26 63.38 -0.08
N SER C 2 -16.48 21.88 22.94
CA SER C 2 -17.33 22.69 22.01
C SER C 2 -18.16 23.70 22.80
N ASP C 3 -17.55 24.85 23.12
CA ASP C 3 -18.21 26.01 23.80
C ASP C 3 -19.42 26.52 23.01
N LEU C 4 -19.38 26.50 21.67
CA LEU C 4 -20.40 27.10 20.78
C LEU C 4 -21.68 26.27 20.84
N GLY C 5 -21.57 24.93 20.87
CA GLY C 5 -22.72 24.01 20.90
C GLY C 5 -23.57 24.22 22.15
N LYS C 6 -22.91 24.26 23.31
CA LYS C 6 -23.55 24.49 24.64
C LYS C 6 -24.20 25.87 24.67
N LYS C 7 -23.54 26.89 24.09
CA LYS C 7 -24.05 28.30 24.05
C LYS C 7 -25.31 28.39 23.17
N LEU C 8 -25.37 27.58 22.11
CA LEU C 8 -26.50 27.59 21.13
C LEU C 8 -27.72 26.92 21.75
N LEU C 9 -27.52 25.85 22.54
CA LEU C 9 -28.60 25.18 23.31
C LEU C 9 -29.26 26.17 24.26
N LYS C 10 -28.47 26.91 25.04
CA LYS C 10 -28.95 27.91 26.03
C LYS C 10 -29.71 29.01 25.28
N ALA C 11 -29.13 29.49 24.17
CA ALA C 11 -29.70 30.55 23.31
C ALA C 11 -31.09 30.14 22.82
N ALA C 12 -31.21 28.92 22.29
CA ALA C 12 -32.48 28.31 21.80
C ALA C 12 -33.47 28.18 22.97
N GLN C 13 -33.01 27.71 24.13
CA GLN C 13 -33.83 27.50 25.34
C GLN C 13 -34.40 28.83 25.83
N GLU C 14 -33.50 29.79 26.11
CA GLU C 14 -33.84 31.11 26.73
C GLU C 14 -34.78 31.89 25.81
N GLY C 15 -34.68 31.67 24.49
CA GLY C 15 -35.51 32.33 23.47
C GLY C 15 -34.87 33.61 22.98
N GLN C 16 -33.53 33.63 22.87
CA GLN C 16 -32.72 34.79 22.44
C GLN C 16 -32.44 34.64 20.95
N ASP C 17 -33.31 35.24 20.13
CA ASP C 17 -33.36 35.05 18.65
C ASP C 17 -32.03 35.54 18.05
N ASP C 18 -31.59 36.74 18.45
CA ASP C 18 -30.36 37.41 17.93
C ASP C 18 -29.11 36.61 18.33
N GLU C 19 -29.05 36.13 19.58
CA GLU C 19 -27.89 35.37 20.14
C GLU C 19 -27.71 34.05 19.37
N VAL C 20 -28.81 33.42 18.94
CA VAL C 20 -28.79 32.21 18.07
C VAL C 20 -28.16 32.60 16.72
N ARG C 21 -28.70 33.64 16.07
CA ARG C 21 -28.27 34.12 14.73
C ARG C 21 -26.75 34.36 14.73
N GLU C 22 -26.26 35.06 15.77
CA GLU C 22 -24.81 35.36 15.96
C GLU C 22 -24.01 34.06 16.07
N LEU C 23 -24.43 33.15 16.95
CA LEU C 23 -23.74 31.85 17.23
C LEU C 23 -23.73 30.95 15.98
N LEU C 24 -24.82 30.95 15.21
CA LEU C 24 -24.90 30.22 13.91
C LEU C 24 -23.90 30.82 12.92
N LYS C 25 -23.90 32.15 12.78
CA LYS C 25 -23.00 32.94 11.89
C LYS C 25 -21.54 32.80 12.35
N ALA C 26 -21.29 32.47 13.62
CA ALA C 26 -19.97 32.13 14.20
C ALA C 26 -19.60 30.65 13.94
N GLY C 27 -20.36 29.92 13.12
CA GLY C 27 -20.06 28.55 12.67
C GLY C 27 -20.29 27.51 13.76
N ALA C 28 -21.31 27.68 14.62
CA ALA C 28 -21.71 26.70 15.66
C ALA C 28 -22.47 25.55 15.00
N ASP C 29 -22.31 24.33 15.53
CA ASP C 29 -23.00 23.10 15.04
C ASP C 29 -24.49 23.20 15.39
N VAL C 30 -25.35 23.32 14.37
CA VAL C 30 -26.82 23.51 14.53
C VAL C 30 -27.47 22.25 15.13
N ASN C 31 -26.84 21.07 14.95
CA ASN C 31 -27.33 19.75 15.44
C ASN C 31 -26.52 19.29 16.65
N ALA C 32 -26.16 20.22 17.53
CA ALA C 32 -25.36 19.95 18.75
C ALA C 32 -26.22 19.21 19.79
N LYS C 33 -26.01 17.91 19.94
CA LYS C 33 -26.67 17.08 20.98
C LYS C 33 -26.06 17.42 22.35
N ASP C 34 -26.86 17.28 23.42
CA ASP C 34 -26.38 17.18 24.83
C ASP C 34 -26.26 15.69 25.16
N LEU C 35 -26.12 15.34 26.44
CA LEU C 35 -26.04 13.93 26.91
C LEU C 35 -27.39 13.22 26.71
N ARG C 36 -28.49 13.97 26.72
CA ARG C 36 -29.87 13.44 26.50
C ARG C 36 -30.24 13.46 25.02
N GLY C 37 -29.28 13.74 24.12
CA GLY C 37 -29.48 13.74 22.66
C GLY C 37 -30.36 14.88 22.19
N ILE C 38 -30.45 15.95 22.98
CA ILE C 38 -31.38 17.10 22.76
C ILE C 38 -30.63 18.18 21.97
N THR C 39 -31.06 18.42 20.73
CA THR C 39 -30.55 19.47 19.81
C THR C 39 -31.22 20.81 20.14
N PRO C 40 -30.67 21.95 19.66
CA PRO C 40 -31.38 23.23 19.70
C PRO C 40 -32.83 23.17 19.20
N LEU C 41 -33.10 22.38 18.15
CA LEU C 41 -34.46 22.29 17.54
C LEU C 41 -35.45 21.67 18.53
N HIS C 42 -35.06 20.57 19.20
CA HIS C 42 -35.84 19.94 20.30
C HIS C 42 -36.24 20.99 21.33
N VAL C 43 -35.25 21.73 21.81
CA VAL C 43 -35.37 22.74 22.89
C VAL C 43 -36.34 23.84 22.44
N ALA C 44 -36.12 24.39 21.25
CA ALA C 44 -36.95 25.45 20.65
C ALA C 44 -38.38 24.92 20.48
N ALA C 45 -38.53 23.67 20.02
CA ALA C 45 -39.83 23.00 19.82
C ALA C 45 -40.53 22.81 21.17
N TRP C 46 -39.78 22.40 22.19
CA TRP C 46 -40.29 22.17 23.57
C TRP C 46 -40.84 23.48 24.15
N GLN C 47 -40.18 24.61 23.91
CA GLN C 47 -40.48 25.89 24.60
C GLN C 47 -41.16 26.89 23.65
N GLY C 48 -41.59 26.47 22.46
CA GLY C 48 -42.52 27.24 21.61
C GLY C 48 -41.90 28.47 20.96
N HIS C 49 -40.60 28.43 20.63
CA HIS C 49 -39.85 29.54 19.99
C HIS C 49 -39.87 29.39 18.46
N LEU C 50 -41.04 29.60 17.84
CA LEU C 50 -41.29 29.49 16.37
C LEU C 50 -40.21 30.26 15.61
N GLU C 51 -40.13 31.56 15.87
CA GLU C 51 -39.00 32.49 15.63
C GLU C 51 -37.69 31.71 15.42
N ILE C 52 -37.24 30.96 16.44
CA ILE C 52 -35.91 30.26 16.45
C ILE C 52 -36.01 28.97 15.63
N VAL C 53 -37.14 28.27 15.70
CA VAL C 53 -37.39 27.00 14.96
C VAL C 53 -37.17 27.27 13.47
N GLU C 54 -37.68 28.40 12.95
CA GLU C 54 -37.62 28.74 11.50
C GLU C 54 -36.15 28.94 11.08
N VAL C 55 -35.38 29.70 11.86
CA VAL C 55 -33.97 30.07 11.51
C VAL C 55 -33.07 28.84 11.68
N LEU C 56 -33.33 27.97 12.66
CA LEU C 56 -32.56 26.72 12.90
C LEU C 56 -32.75 25.75 11.73
N LEU C 57 -33.99 25.59 11.26
CA LEU C 57 -34.33 24.73 10.10
C LEU C 57 -33.67 25.31 8.84
N LYS C 58 -33.79 26.63 8.65
CA LYS C 58 -33.20 27.39 7.50
C LYS C 58 -31.68 27.23 7.48
N ALA C 59 -31.05 27.01 8.65
CA ALA C 59 -29.60 26.76 8.81
C ALA C 59 -29.30 25.25 8.85
N GLY C 60 -30.22 24.40 8.38
CA GLY C 60 -29.99 22.96 8.15
C GLY C 60 -30.05 22.13 9.43
N ALA C 61 -31.05 22.36 10.28
CA ALA C 61 -31.31 21.53 11.48
C ALA C 61 -31.94 20.21 11.02
N ASP C 62 -31.55 19.09 11.63
CA ASP C 62 -32.18 17.76 11.37
C ASP C 62 -33.57 17.77 12.02
N VAL C 63 -34.62 17.86 11.20
CA VAL C 63 -36.04 17.92 11.63
C VAL C 63 -36.47 16.61 12.32
N ASN C 64 -35.87 15.47 11.94
CA ASN C 64 -36.21 14.14 12.52
C ASN C 64 -35.09 13.64 13.44
N ALA C 65 -34.36 14.55 14.07
CA ALA C 65 -33.35 14.23 15.10
C ALA C 65 -34.04 13.55 16.28
N LYS C 66 -33.52 12.42 16.73
CA LYS C 66 -34.05 11.66 17.90
C LYS C 66 -33.28 12.08 19.16
N ASP C 67 -33.98 12.22 20.29
CA ASP C 67 -33.33 12.33 21.62
C ASP C 67 -32.98 10.90 22.07
N SER C 68 -32.35 10.77 23.25
CA SER C 68 -31.91 9.49 23.86
C SER C 68 -33.08 8.50 23.98
N LYS C 69 -34.30 8.99 24.22
CA LYS C 69 -35.52 8.14 24.40
C LYS C 69 -36.39 8.19 23.13
N GLY C 70 -35.84 8.65 22.01
CA GLY C 70 -36.39 8.44 20.67
C GLY C 70 -37.30 9.55 20.20
N GLU C 71 -37.45 10.62 20.97
CA GLU C 71 -38.44 11.71 20.71
C GLU C 71 -37.84 12.71 19.72
N THR C 72 -38.63 13.15 18.75
CA THR C 72 -38.27 14.14 17.71
C THR C 72 -38.82 15.51 18.09
N PRO C 73 -38.28 16.62 17.50
CA PRO C 73 -38.88 17.93 17.70
C PRO C 73 -40.39 17.98 17.46
N LEU C 74 -40.91 17.19 16.51
CA LEU C 74 -42.38 17.13 16.26
C LEU C 74 -43.08 16.55 17.49
N HIS C 75 -42.56 15.47 18.07
CA HIS C 75 -43.08 14.86 19.32
C HIS C 75 -43.21 15.94 20.41
N LEU C 76 -42.18 16.76 20.60
CA LEU C 76 -42.15 17.77 21.69
C LEU C 76 -43.16 18.87 21.39
N ALA C 77 -43.09 19.45 20.19
CA ALA C 77 -44.05 20.47 19.68
C ALA C 77 -45.49 19.96 19.86
N ALA C 78 -45.75 18.70 19.51
CA ALA C 78 -47.06 18.05 19.59
C ALA C 78 -47.51 17.97 21.06
N PHE C 79 -46.62 17.48 21.93
CA PHE C 79 -46.86 17.34 23.38
C PHE C 79 -47.11 18.69 24.05
N ARG C 80 -46.38 19.72 23.64
CA ARG C 80 -46.33 21.04 24.32
C ARG C 80 -47.34 22.01 23.69
N GLY C 81 -48.15 21.56 22.72
CA GLY C 81 -49.32 22.31 22.20
C GLY C 81 -48.95 23.48 21.31
N HIS C 82 -47.84 23.40 20.55
CA HIS C 82 -47.29 24.52 19.73
C HIS C 82 -47.64 24.33 18.25
N LEU C 83 -48.91 24.52 17.92
CA LEU C 83 -49.52 24.20 16.60
C LEU C 83 -48.69 24.78 15.45
N GLU C 84 -48.25 26.03 15.58
CA GLU C 84 -47.53 26.78 14.50
C GLU C 84 -46.21 26.06 14.22
N ILE C 85 -45.48 25.69 15.28
CA ILE C 85 -44.20 24.92 15.20
C ILE C 85 -44.47 23.53 14.60
N VAL C 86 -45.55 22.87 15.01
CA VAL C 86 -45.98 21.56 14.44
C VAL C 86 -46.09 21.73 12.92
N GLU C 87 -46.82 22.75 12.46
CA GLU C 87 -47.10 22.98 11.02
C GLU C 87 -45.76 23.23 10.29
N VAL C 88 -44.89 24.08 10.85
CA VAL C 88 -43.57 24.44 10.26
C VAL C 88 -42.71 23.18 10.11
N LEU C 89 -42.68 22.32 11.14
CA LEU C 89 -41.85 21.08 11.15
C LEU C 89 -42.37 20.14 10.05
N LEU C 90 -43.69 20.02 9.92
CA LEU C 90 -44.32 19.17 8.86
C LEU C 90 -43.90 19.68 7.47
N LYS C 91 -44.02 20.98 7.22
CA LYS C 91 -43.62 21.64 5.93
C LYS C 91 -42.14 21.39 5.65
N ALA C 92 -41.31 21.29 6.70
CA ALA C 92 -39.86 20.99 6.62
C ALA C 92 -39.59 19.47 6.55
N GLY C 93 -40.64 18.65 6.39
CA GLY C 93 -40.52 17.19 6.17
C GLY C 93 -40.33 16.42 7.46
N ALA C 94 -41.12 16.71 8.48
CA ALA C 94 -41.12 15.99 9.77
C ALA C 94 -41.82 14.64 9.59
N ASP C 95 -41.32 13.57 10.25
CA ASP C 95 -41.90 12.21 10.18
C ASP C 95 -43.13 12.15 11.08
N VAL C 96 -44.32 12.23 10.49
CA VAL C 96 -45.63 12.41 11.20
C VAL C 96 -46.03 11.13 11.94
N ASN C 97 -45.65 9.94 11.47
CA ASN C 97 -46.05 8.66 12.11
C ASN C 97 -44.87 8.03 12.84
N ALA C 98 -43.79 8.79 13.07
CA ALA C 98 -42.57 8.32 13.78
C ALA C 98 -42.92 7.91 15.20
N GLN C 99 -42.41 6.76 15.66
CA GLN C 99 -42.54 6.31 17.06
C GLN C 99 -41.31 6.75 17.86
N ASP C 100 -41.51 6.93 19.17
CA ASP C 100 -40.46 7.10 20.21
C ASP C 100 -40.12 5.70 20.78
N GLN C 101 -39.25 5.61 21.80
CA GLN C 101 -38.95 4.34 22.52
C GLN C 101 -40.24 3.61 22.86
N GLN C 102 -41.24 4.31 23.37
CA GLN C 102 -42.50 3.72 23.91
C GLN C 102 -43.52 3.54 22.79
N GLY C 103 -43.15 3.78 21.54
CA GLY C 103 -43.97 3.49 20.35
C GLY C 103 -45.15 4.43 20.20
N GLU C 104 -44.98 5.70 20.60
CA GLU C 104 -46.03 6.75 20.59
C GLU C 104 -45.69 7.78 19.51
N THR C 105 -46.65 8.09 18.64
CA THR C 105 -46.55 9.12 17.59
C THR C 105 -46.74 10.49 18.21
N PRO C 106 -46.31 11.59 17.55
CA PRO C 106 -46.71 12.94 17.97
C PRO C 106 -48.22 13.10 18.16
N ALA C 107 -49.01 12.53 17.25
CA ALA C 107 -50.50 12.48 17.35
C ALA C 107 -50.92 11.91 18.72
N ASP C 108 -50.23 10.88 19.21
CA ASP C 108 -50.50 10.24 20.53
C ASP C 108 -50.20 11.24 21.65
N LEU C 109 -49.04 11.90 21.59
CA LEU C 109 -48.58 12.88 22.63
C LEU C 109 -49.51 14.09 22.65
N ALA C 110 -49.93 14.58 21.48
CA ALA C 110 -50.90 15.68 21.34
C ALA C 110 -52.18 15.31 22.10
N ALA C 111 -52.69 14.10 21.86
CA ALA C 111 -53.92 13.56 22.50
C ALA C 111 -53.69 13.43 24.01
N LEU C 112 -52.52 12.93 24.42
CA LEU C 112 -52.14 12.73 25.84
C LEU C 112 -52.22 14.06 26.60
N ALA C 113 -51.68 15.15 26.03
CA ALA C 113 -51.67 16.51 26.62
C ALA C 113 -52.98 17.25 26.30
N GLY C 114 -53.98 16.59 25.68
CA GLY C 114 -55.32 17.14 25.41
C GLY C 114 -55.28 18.26 24.38
N HIS C 115 -54.45 18.12 23.33
CA HIS C 115 -54.37 19.06 22.19
C HIS C 115 -55.05 18.43 20.98
N VAL C 116 -56.38 18.34 21.01
CA VAL C 116 -57.17 17.60 19.98
C VAL C 116 -57.02 18.31 18.63
N ASP C 117 -57.15 19.64 18.64
CA ASP C 117 -56.85 20.54 17.50
C ASP C 117 -55.62 20.02 16.76
N ILE C 118 -54.47 19.91 17.46
CA ILE C 118 -53.16 19.50 16.87
C ILE C 118 -53.22 18.04 16.39
N ALA C 119 -53.79 17.15 17.21
CA ALA C 119 -53.93 15.72 16.87
C ALA C 119 -54.63 15.57 15.52
N GLU C 120 -55.72 16.34 15.33
CA GLU C 120 -56.53 16.33 14.08
C GLU C 120 -55.65 16.76 12.89
N VAL C 121 -54.84 17.81 13.05
CA VAL C 121 -53.90 18.32 12.00
C VAL C 121 -52.96 17.17 11.61
N LEU C 122 -52.37 16.50 12.59
CA LEU C 122 -51.37 15.42 12.36
C LEU C 122 -52.06 14.19 11.74
N GLN C 123 -53.33 13.94 12.05
CA GLN C 123 -54.06 12.76 11.53
C GLN C 123 -54.46 13.00 10.08
N LYS C 124 -54.86 14.24 9.73
CA LYS C 124 -55.17 14.66 8.33
C LYS C 124 -53.93 14.44 7.47
N ALA C 125 -52.75 14.89 7.91
CA ALA C 125 -51.42 14.63 7.30
C ALA C 125 -51.16 13.12 7.22
N ALA C 126 -50.67 12.45 8.27
CA ALA C 126 -50.52 10.98 8.38
C ALA C 126 -49.76 10.42 7.18
N ASP D 2 -23.92 28.91 34.04
CA ASP D 2 -25.21 28.28 33.60
C ASP D 2 -25.98 27.79 34.84
N PRO D 3 -27.15 28.37 35.15
CA PRO D 3 -27.95 27.92 36.30
C PRO D 3 -28.85 26.71 36.05
N CYS D 4 -28.89 26.22 34.79
CA CYS D 4 -29.62 24.99 34.39
C CYS D 4 -29.11 23.81 35.24
N SER D 5 -27.79 23.67 35.36
CA SER D 5 -27.11 22.64 36.20
C SER D 5 -27.77 22.52 37.58
N ASN D 6 -28.22 23.64 38.17
CA ASN D 6 -28.77 23.71 39.56
C ASN D 6 -30.25 23.33 39.58
N CYS D 7 -30.89 22.99 38.43
CA CYS D 7 -32.32 22.61 38.36
C CYS D 7 -32.47 21.17 38.84
N PRO D 8 -33.44 20.89 39.74
CA PRO D 8 -33.58 19.55 40.34
C PRO D 8 -34.35 18.59 39.44
N ALA D 9 -34.41 17.31 39.83
CA ALA D 9 -35.33 16.29 39.27
C ALA D 9 -36.77 16.73 39.49
N GLY D 10 -37.70 16.23 38.66
CA GLY D 10 -39.10 16.71 38.64
C GLY D 10 -39.25 18.11 38.03
N THR D 11 -38.25 18.56 37.27
CA THR D 11 -38.11 19.96 36.79
C THR D 11 -37.22 20.02 35.55
N PHE D 12 -37.41 21.05 34.70
CA PHE D 12 -36.59 21.34 33.51
C PHE D 12 -36.13 22.80 33.52
N CYS D 13 -34.98 23.06 32.89
CA CYS D 13 -34.34 24.39 32.76
C CYS D 13 -35.19 25.24 31.80
N ASP D 14 -35.53 26.47 32.22
CA ASP D 14 -36.56 27.31 31.54
C ASP D 14 -36.33 28.77 31.95
N ASN D 15 -35.77 29.60 31.05
CA ASN D 15 -35.42 31.01 31.34
C ASN D 15 -36.06 31.97 30.35
N ASN D 16 -37.17 31.57 29.72
CA ASN D 16 -38.00 32.48 28.87
C ASN D 16 -38.80 33.42 29.79
N ARG D 17 -39.40 32.87 30.85
CA ARG D 17 -40.23 33.59 31.84
C ARG D 17 -39.32 34.14 32.96
N ASN D 18 -39.91 34.61 34.06
CA ASN D 18 -39.23 35.01 35.31
C ASN D 18 -38.63 33.79 36.03
N GLN D 19 -39.21 32.59 35.84
CA GLN D 19 -38.81 31.33 36.54
C GLN D 19 -37.50 30.81 35.93
N ILE D 20 -36.60 30.28 36.78
CA ILE D 20 -35.25 29.77 36.39
C ILE D 20 -35.35 28.29 35.97
N CYS D 21 -36.18 27.52 36.68
CA CYS D 21 -36.61 26.16 36.29
C CYS D 21 -38.13 26.05 36.45
N SER D 22 -38.78 25.29 35.58
CA SER D 22 -40.23 25.00 35.61
C SER D 22 -40.48 23.55 36.00
N PRO D 23 -41.66 23.24 36.60
CA PRO D 23 -42.00 21.87 36.95
C PRO D 23 -42.32 21.08 35.68
N CYS D 24 -42.00 19.78 35.67
CA CYS D 24 -42.34 18.86 34.55
C CYS D 24 -43.85 18.88 34.34
N PRO D 25 -44.33 19.14 33.09
CA PRO D 25 -45.77 19.18 32.83
C PRO D 25 -46.42 17.82 33.08
N PRO D 26 -47.76 17.74 33.22
CA PRO D 26 -48.43 16.49 33.53
C PRO D 26 -48.10 15.39 32.50
N ASN D 27 -47.96 14.15 32.97
CA ASN D 27 -47.61 12.96 32.15
C ASN D 27 -46.19 13.14 31.59
N SER D 28 -45.30 13.85 32.27
CA SER D 28 -43.85 13.86 31.96
C SER D 28 -43.06 13.82 33.27
N PHE D 29 -41.77 13.45 33.20
CA PHE D 29 -40.89 13.31 34.38
C PHE D 29 -39.44 13.64 34.01
N SER D 30 -38.69 14.14 34.99
CA SER D 30 -37.24 14.38 34.91
C SER D 30 -36.58 13.57 36.04
N SER D 31 -35.76 12.58 35.67
CA SER D 31 -35.06 11.67 36.60
C SER D 31 -33.72 12.27 37.06
N ALA D 32 -33.14 13.17 36.26
CA ALA D 32 -31.78 13.71 36.47
C ALA D 32 -31.87 15.04 37.22
N GLY D 33 -32.54 16.04 36.62
CA GLY D 33 -32.28 17.46 36.92
C GLY D 33 -31.09 17.96 36.12
N GLY D 34 -31.13 19.25 35.76
CA GLY D 34 -30.28 19.83 34.70
C GLY D 34 -30.74 19.42 33.30
N GLN D 35 -31.96 18.90 33.17
CA GLN D 35 -32.56 18.45 31.88
C GLN D 35 -33.19 19.66 31.20
N ARG D 36 -33.00 19.79 29.88
CA ARG D 36 -33.58 20.89 29.05
C ARG D 36 -35.06 20.56 28.73
N THR D 37 -35.43 19.28 28.83
CA THR D 37 -36.77 18.72 28.51
C THR D 37 -37.14 17.65 29.54
N CYS D 38 -38.43 17.47 29.84
CA CYS D 38 -38.92 16.31 30.63
C CYS D 38 -39.22 15.14 29.68
N ASP D 39 -38.80 13.93 30.05
CA ASP D 39 -39.12 12.66 29.37
C ASP D 39 -40.62 12.35 29.57
N ILE D 40 -41.24 11.68 28.60
CA ILE D 40 -42.73 11.47 28.55
C ILE D 40 -43.04 10.17 29.30
N CYS D 41 -44.08 10.20 30.14
CA CYS D 41 -44.55 9.06 30.98
C CYS D 41 -45.10 7.95 30.09
N ARG D 42 -44.69 6.71 30.33
CA ARG D 42 -45.35 5.52 29.75
C ARG D 42 -46.81 5.51 30.21
N GLN D 43 -47.76 5.43 29.28
CA GLN D 43 -49.22 5.29 29.54
C GLN D 43 -49.55 3.79 29.47
N CYS D 44 -50.45 3.31 30.34
CA CYS D 44 -50.74 1.85 30.48
C CYS D 44 -52.22 1.59 30.63
N LYS D 45 -52.90 1.38 29.50
CA LYS D 45 -54.36 1.15 29.45
C LYS D 45 -54.64 -0.09 28.61
N GLY D 46 -55.87 -0.61 28.70
CA GLY D 46 -56.35 -1.78 27.95
C GLY D 46 -55.70 -3.07 28.43
N VAL D 47 -54.84 -3.66 27.62
CA VAL D 47 -54.12 -4.94 27.92
C VAL D 47 -53.17 -4.66 29.09
N PHE D 48 -52.46 -3.54 29.01
CA PHE D 48 -51.50 -3.08 30.04
C PHE D 48 -52.28 -2.45 31.21
N ARG D 49 -51.81 -2.75 32.42
CA ARG D 49 -52.30 -2.28 33.73
C ARG D 49 -51.14 -1.55 34.41
N THR D 50 -51.42 -0.41 35.04
CA THR D 50 -50.37 0.45 35.67
C THR D 50 -50.06 -0.13 37.05
N ARG D 51 -48.82 -0.55 37.27
CA ARG D 51 -48.31 -1.23 38.50
C ARG D 51 -47.74 -0.16 39.45
N LYS D 52 -46.85 0.67 38.91
CA LYS D 52 -46.25 1.85 39.56
C LYS D 52 -46.68 3.07 38.74
N GLU D 53 -47.29 4.08 39.37
CA GLU D 53 -47.79 5.31 38.68
C GLU D 53 -46.59 6.18 38.31
N CYS D 54 -46.75 7.00 37.26
CA CYS D 54 -45.71 7.98 36.84
C CYS D 54 -45.66 9.10 37.88
N SER D 55 -44.46 9.42 38.35
CA SER D 55 -44.16 10.55 39.27
C SER D 55 -43.48 11.68 38.50
N SER D 56 -43.31 12.85 39.13
CA SER D 56 -42.56 14.00 38.56
C SER D 56 -41.10 13.61 38.29
N THR D 57 -40.56 12.67 39.08
CA THR D 57 -39.12 12.30 39.07
C THR D 57 -38.91 10.95 38.36
N SER D 58 -39.95 10.11 38.20
CA SER D 58 -39.80 8.70 37.75
C SER D 58 -40.95 8.22 36.86
N ASN D 59 -40.63 7.44 35.83
CA ASN D 59 -41.58 6.84 34.84
C ASN D 59 -42.53 5.85 35.54
N ALA D 60 -43.71 5.66 34.96
CA ALA D 60 -44.64 4.56 35.32
C ALA D 60 -44.01 3.22 34.92
N GLU D 61 -44.27 2.15 35.67
CA GLU D 61 -43.98 0.74 35.29
C GLU D 61 -45.31 0.01 35.20
N CYS D 62 -45.40 -1.11 34.46
CA CYS D 62 -46.69 -1.73 34.06
C CYS D 62 -46.62 -3.26 33.99
N ASP D 63 -47.76 -3.90 34.24
CA ASP D 63 -47.99 -5.36 34.12
C ASP D 63 -49.27 -5.56 33.28
N CYS D 64 -49.74 -6.79 33.05
CA CYS D 64 -50.85 -7.12 32.10
C CYS D 64 -52.15 -7.33 32.88
N THR D 65 -53.30 -6.98 32.29
CA THR D 65 -54.64 -7.28 32.85
C THR D 65 -54.81 -8.79 32.95
N PRO D 66 -55.73 -9.30 33.79
CA PRO D 66 -56.03 -10.74 33.83
C PRO D 66 -56.40 -11.30 32.45
N GLY D 67 -56.00 -12.54 32.20
CA GLY D 67 -56.12 -13.21 30.88
C GLY D 67 -54.92 -12.96 29.99
N PHE D 68 -53.90 -12.26 30.49
CA PHE D 68 -52.61 -12.01 29.80
C PHE D 68 -51.48 -12.09 30.82
N HIS D 69 -50.25 -12.19 30.31
CA HIS D 69 -49.01 -12.25 31.13
C HIS D 69 -47.90 -11.47 30.43
N CYS D 70 -47.02 -10.82 31.21
CA CYS D 70 -45.86 -10.03 30.71
C CYS D 70 -44.89 -10.94 29.98
N LEU D 71 -44.25 -10.38 28.96
CA LEU D 71 -43.20 -11.03 28.15
C LEU D 71 -42.10 -10.00 27.87
N GLY D 72 -40.87 -10.38 28.19
CA GLY D 72 -39.68 -9.53 28.02
C GLY D 72 -39.43 -8.61 29.20
N ALA D 73 -38.26 -7.98 29.19
CA ALA D 73 -37.79 -7.02 30.23
C ALA D 73 -38.80 -5.88 30.36
N GLY D 74 -39.21 -5.59 31.60
CA GLY D 74 -40.09 -4.47 31.97
C GLY D 74 -41.45 -4.57 31.30
N CYS D 75 -41.93 -5.79 31.05
CA CYS D 75 -43.30 -6.07 30.52
C CYS D 75 -43.52 -5.27 29.24
N SER D 76 -42.63 -5.47 28.26
CA SER D 76 -42.57 -4.75 26.96
C SER D 76 -43.85 -5.03 26.17
N MET D 77 -44.27 -6.30 26.12
CA MET D 77 -45.51 -6.79 25.47
C MET D 77 -46.24 -7.77 26.40
N CYS D 78 -47.56 -7.91 26.22
CA CYS D 78 -48.41 -8.93 26.92
C CYS D 78 -48.81 -10.04 25.95
N GLU D 79 -48.85 -11.28 26.44
CA GLU D 79 -49.17 -12.52 25.67
C GLU D 79 -50.36 -13.20 26.34
N GLN D 80 -51.30 -13.75 25.57
CA GLN D 80 -52.53 -14.42 26.06
C GLN D 80 -52.15 -15.59 27.00
N ASP D 81 -52.82 -15.70 28.14
CA ASP D 81 -52.77 -16.90 29.01
C ASP D 81 -53.48 -18.06 28.30
N CYS D 82 -52.98 -19.28 28.46
CA CYS D 82 -53.73 -20.55 28.23
C CYS D 82 -53.98 -21.22 29.56
N LYS D 83 -54.85 -22.24 29.58
CA LYS D 83 -55.18 -23.05 30.78
C LYS D 83 -53.95 -23.89 31.16
N GLN D 84 -54.01 -24.56 32.32
CA GLN D 84 -53.04 -25.61 32.72
C GLN D 84 -53.27 -26.81 31.80
N GLY D 85 -52.20 -27.50 31.41
CA GLY D 85 -52.23 -28.58 30.41
C GLY D 85 -52.61 -28.05 29.02
N GLN D 86 -52.19 -26.83 28.69
CA GLN D 86 -52.24 -26.25 27.32
C GLN D 86 -50.93 -25.53 27.01
N GLU D 87 -50.66 -25.28 25.73
CA GLU D 87 -49.61 -24.34 25.26
C GLU D 87 -50.24 -23.42 24.21
N LEU D 88 -49.59 -22.28 23.94
CA LEU D 88 -50.03 -21.27 22.95
C LEU D 88 -49.35 -21.57 21.61
N THR D 89 -50.12 -22.13 20.66
CA THR D 89 -49.75 -22.22 19.22
C THR D 89 -50.18 -20.92 18.53
N LYS D 90 -49.74 -20.73 17.29
CA LYS D 90 -50.17 -19.58 16.45
C LYS D 90 -51.68 -19.70 16.18
N LYS D 91 -52.20 -20.93 16.08
CA LYS D 91 -53.65 -21.22 15.92
C LYS D 91 -54.40 -20.90 17.24
N GLY D 92 -53.71 -20.91 18.38
CA GLY D 92 -54.23 -20.47 19.68
C GLY D 92 -53.90 -21.45 20.80
N CYS D 93 -54.73 -21.51 21.83
CA CYS D 93 -54.55 -22.39 23.01
C CYS D 93 -54.93 -23.82 22.62
N LYS D 94 -53.93 -24.65 22.31
CA LYS D 94 -54.06 -26.11 22.05
C LYS D 94 -53.70 -26.90 23.33
N ASP D 95 -54.40 -28.01 23.59
CA ASP D 95 -54.08 -28.96 24.69
C ASP D 95 -52.71 -29.60 24.46
N CYS D 96 -52.06 -30.05 25.54
CA CYS D 96 -50.73 -30.71 25.49
C CYS D 96 -50.86 -32.08 24.81
N CYS D 97 -49.84 -32.49 24.05
CA CYS D 97 -49.70 -33.85 23.46
C CYS D 97 -49.55 -34.86 24.59
N PHE D 98 -49.58 -36.16 24.26
CA PHE D 98 -49.76 -37.25 25.26
C PHE D 98 -48.64 -37.23 26.31
N GLY D 99 -47.37 -37.33 25.87
CA GLY D 99 -46.21 -37.50 26.77
C GLY D 99 -45.72 -36.22 27.42
N THR D 100 -46.53 -35.16 27.41
CA THR D 100 -46.08 -33.76 27.70
C THR D 100 -47.07 -33.10 28.66
N PHE D 101 -46.58 -32.16 29.47
CA PHE D 101 -47.36 -31.44 30.50
C PHE D 101 -46.97 -29.96 30.53
N ASN D 102 -47.90 -29.13 31.01
CA ASN D 102 -47.65 -27.70 31.32
C ASN D 102 -48.41 -27.32 32.59
N ASP D 103 -47.68 -27.11 33.70
CA ASP D 103 -48.24 -26.80 35.04
C ASP D 103 -48.53 -25.29 35.16
N GLN D 104 -48.07 -24.47 34.21
CA GLN D 104 -48.19 -22.98 34.21
C GLN D 104 -49.37 -22.53 33.33
N LYS D 105 -49.72 -21.23 33.40
CA LYS D 105 -50.69 -20.54 32.50
C LYS D 105 -49.93 -19.84 31.35
N ARG D 106 -48.64 -20.11 31.18
CA ARG D 106 -47.83 -19.57 30.07
C ARG D 106 -46.82 -20.62 29.60
N GLY D 107 -46.36 -20.49 28.36
CA GLY D 107 -45.21 -21.24 27.82
C GLY D 107 -45.61 -22.52 27.11
N ILE D 108 -44.62 -23.33 26.74
CA ILE D 108 -44.76 -24.59 25.96
C ILE D 108 -45.11 -25.74 26.91
N CYS D 109 -45.68 -26.82 26.38
CA CYS D 109 -45.73 -28.15 27.02
C CYS D 109 -44.31 -28.71 26.95
N ARG D 110 -43.86 -29.33 28.05
CA ARG D 110 -42.56 -30.01 28.17
C ARG D 110 -42.83 -31.50 28.36
N PRO D 111 -41.98 -32.40 27.85
CA PRO D 111 -42.19 -33.84 28.05
C PRO D 111 -41.98 -34.26 29.51
N TRP D 112 -42.72 -35.29 29.97
CA TRP D 112 -42.57 -35.92 31.30
C TRP D 112 -41.10 -36.27 31.54
N THR D 113 -40.69 -36.36 32.80
CA THR D 113 -39.34 -36.83 33.19
C THR D 113 -39.25 -38.33 32.88
N ASN D 114 -38.19 -38.74 32.18
CA ASN D 114 -37.87 -40.17 31.94
C ASN D 114 -37.10 -40.66 33.16
N CYS D 115 -37.76 -41.46 34.02
CA CYS D 115 -37.17 -41.99 35.27
C CYS D 115 -36.00 -42.92 34.94
N SER D 116 -36.20 -43.77 33.92
CA SER D 116 -35.21 -44.76 33.39
C SER D 116 -33.83 -44.12 33.23
N LEU D 117 -33.77 -42.89 32.72
CA LEU D 117 -32.52 -42.15 32.43
C LEU D 117 -31.61 -42.11 33.67
N ASP D 118 -32.16 -41.76 34.84
CA ASP D 118 -31.39 -41.66 36.11
C ASP D 118 -31.42 -42.99 36.88
N GLY D 119 -32.04 -44.04 36.32
CA GLY D 119 -32.15 -45.38 36.94
C GLY D 119 -33.43 -45.59 37.72
N LYS D 120 -34.14 -44.51 38.10
CA LYS D 120 -35.38 -44.54 38.91
C LYS D 120 -36.55 -45.16 38.12
N SER D 121 -37.69 -45.37 38.80
CA SER D 121 -38.97 -45.85 38.20
C SER D 121 -40.06 -44.80 38.44
N VAL D 122 -41.01 -44.70 37.51
CA VAL D 122 -42.27 -43.91 37.63
C VAL D 122 -43.02 -44.33 38.91
N LEU D 123 -42.85 -43.57 39.99
CA LEU D 123 -43.58 -43.78 41.28
C LEU D 123 -45.06 -43.41 41.08
N VAL D 124 -45.32 -42.19 40.58
CA VAL D 124 -46.67 -41.68 40.23
C VAL D 124 -46.66 -41.21 38.76
N ASN D 125 -47.72 -41.53 38.02
CA ASN D 125 -47.87 -41.17 36.58
C ASN D 125 -48.04 -39.66 36.44
N GLY D 126 -47.71 -39.12 35.27
CA GLY D 126 -47.94 -37.70 34.92
C GLY D 126 -49.34 -37.49 34.38
N THR D 127 -49.64 -36.26 33.94
CA THR D 127 -50.83 -35.91 33.13
C THR D 127 -50.52 -34.64 32.29
N LYS D 128 -51.47 -34.18 31.48
CA LYS D 128 -51.37 -32.87 30.74
C LYS D 128 -51.04 -31.75 31.76
N GLU D 129 -51.64 -31.80 32.95
CA GLU D 129 -51.54 -30.74 33.99
C GLU D 129 -50.22 -30.82 34.76
N ARG D 130 -49.59 -32.00 34.94
CA ARG D 130 -48.41 -32.15 35.85
C ARG D 130 -47.48 -33.31 35.47
N ASP D 131 -46.22 -33.23 35.89
CA ASP D 131 -45.10 -34.16 35.56
C ASP D 131 -45.31 -35.50 36.28
N VAL D 132 -44.57 -36.53 35.86
CA VAL D 132 -44.34 -37.81 36.61
C VAL D 132 -43.64 -37.48 37.93
N VAL D 133 -43.92 -38.27 38.97
CA VAL D 133 -43.08 -38.42 40.21
C VAL D 133 -42.22 -39.68 40.03
N CYS D 134 -40.90 -39.54 39.93
CA CYS D 134 -39.92 -40.66 39.89
C CYS D 134 -39.54 -41.06 41.31
N GLY D 135 -39.14 -42.33 41.51
CA GLY D 135 -38.83 -42.91 42.84
C GLY D 135 -37.42 -42.65 43.39
N PRO D 136 -37.04 -43.32 44.51
CA PRO D 136 -35.66 -43.25 45.00
C PRO D 136 -34.70 -44.12 44.15
N SER D 137 -33.49 -43.63 43.88
CA SER D 137 -32.45 -44.31 43.06
C SER D 137 -31.69 -45.34 43.90
N ASP E 3 44.56 -7.81 10.43
CA ASP E 3 44.57 -9.20 9.85
C ASP E 3 43.38 -10.02 10.33
N LEU E 4 42.93 -9.87 11.58
CA LEU E 4 41.67 -10.44 12.10
C LEU E 4 40.46 -9.76 11.44
N GLY E 5 40.55 -8.44 11.21
CA GLY E 5 39.56 -7.65 10.45
C GLY E 5 39.34 -8.20 9.04
N LYS E 6 40.44 -8.42 8.32
CA LYS E 6 40.46 -9.00 6.95
C LYS E 6 39.84 -10.41 6.96
N LYS E 7 40.16 -11.22 7.98
CA LYS E 7 39.68 -12.61 8.15
C LYS E 7 38.16 -12.63 8.38
N LEU E 8 37.65 -11.62 9.10
CA LEU E 8 36.22 -11.49 9.46
C LEU E 8 35.41 -11.10 8.22
N LEU E 9 35.95 -10.20 7.38
CA LEU E 9 35.29 -9.77 6.11
C LEU E 9 35.07 -10.98 5.21
N LYS E 10 36.14 -11.77 4.98
CA LYS E 10 36.11 -12.98 4.11
C LYS E 10 35.11 -13.99 4.71
N ALA E 11 35.18 -14.19 6.04
CA ALA E 11 34.31 -15.13 6.79
C ALA E 11 32.84 -14.76 6.57
N ALA E 12 32.50 -13.48 6.74
CA ALA E 12 31.15 -12.89 6.53
C ALA E 12 30.72 -13.07 5.08
N GLN E 13 31.61 -12.82 4.13
CA GLN E 13 31.37 -12.91 2.66
C GLN E 13 31.05 -14.36 2.30
N GLU E 14 32.00 -15.25 2.57
CA GLU E 14 31.98 -16.68 2.14
C GLU E 14 30.78 -17.40 2.78
N GLY E 15 30.36 -16.94 3.96
CA GLY E 15 29.15 -17.40 4.65
C GLY E 15 29.48 -18.48 5.67
N GLN E 16 30.64 -18.38 6.33
CA GLN E 16 31.14 -19.35 7.33
C GLN E 16 30.73 -18.87 8.72
N ASP E 17 29.58 -19.34 9.21
CA ASP E 17 28.92 -18.87 10.46
C ASP E 17 29.85 -19.11 11.65
N ASP E 18 30.43 -20.32 11.75
CA ASP E 18 31.30 -20.75 12.87
C ASP E 18 32.60 -19.93 12.87
N GLU E 19 33.20 -19.70 11.69
CA GLU E 19 34.50 -18.98 11.53
C GLU E 19 34.33 -17.51 11.97
N VAL E 20 33.16 -16.91 11.74
CA VAL E 20 32.82 -15.54 12.23
C VAL E 20 32.80 -15.58 13.76
N ARG E 21 32.04 -16.50 14.35
CA ARG E 21 31.86 -16.63 15.81
C ARG E 21 33.22 -16.75 16.49
N GLU E 22 34.11 -17.60 15.95
CA GLU E 22 35.50 -17.83 16.43
C GLU E 22 36.29 -16.52 16.39
N LEU E 23 36.30 -15.85 15.22
CA LEU E 23 37.07 -14.60 14.96
C LEU E 23 36.57 -13.47 15.87
N LEU E 24 35.26 -13.37 16.10
CA LEU E 24 34.67 -12.39 17.04
C LEU E 24 35.13 -12.70 18.46
N LYS E 25 35.03 -13.96 18.89
CA LYS E 25 35.41 -14.48 20.24
C LYS E 25 36.93 -14.33 20.45
N ALA E 26 37.73 -14.28 19.38
CA ALA E 26 39.19 -14.01 19.41
C ALA E 26 39.48 -12.51 19.40
N GLY E 27 38.47 -11.65 19.57
CA GLY E 27 38.61 -10.18 19.71
C GLY E 27 38.96 -9.48 18.41
N ALA E 28 38.39 -9.92 17.28
CA ALA E 28 38.48 -9.25 15.96
C ALA E 28 37.55 -8.03 15.95
N ASP E 29 37.97 -6.97 15.27
CA ASP E 29 37.22 -5.68 15.19
C ASP E 29 35.95 -5.90 14.34
N VAL E 30 34.78 -5.79 14.98
CA VAL E 30 33.46 -6.08 14.34
C VAL E 30 33.15 -5.02 13.27
N ASN E 31 33.72 -3.81 13.41
CA ASN E 31 33.49 -2.66 12.50
C ASN E 31 34.73 -2.44 11.61
N ALA E 32 35.38 -3.52 11.18
CA ALA E 32 36.62 -3.46 10.37
C ALA E 32 36.28 -3.03 8.94
N LYS E 33 36.59 -1.77 8.59
CA LYS E 33 36.43 -1.24 7.21
C LYS E 33 37.51 -1.84 6.30
N ASP E 34 37.22 -1.97 5.01
CA ASP E 34 38.23 -2.10 3.92
C ASP E 34 38.48 -0.68 3.36
N LEU E 35 39.13 -0.57 2.19
CA LEU E 35 39.40 0.76 1.56
C LEU E 35 38.10 1.38 1.04
N ARG E 36 37.09 0.55 0.72
CA ARG E 36 35.75 0.99 0.25
C ARG E 36 34.80 1.22 1.44
N GLY E 37 35.32 1.22 2.68
CA GLY E 37 34.53 1.51 3.90
C GLY E 37 33.55 0.40 4.24
N ILE E 38 33.78 -0.81 3.73
CA ILE E 38 32.84 -1.96 3.81
C ILE E 38 33.16 -2.77 5.07
N THR E 39 32.23 -2.75 6.05
CA THR E 39 32.25 -3.55 7.29
C THR E 39 31.77 -4.97 7.02
N PRO E 40 32.06 -5.95 7.91
CA PRO E 40 31.44 -7.27 7.85
C PRO E 40 29.91 -7.24 7.68
N LEU E 41 29.22 -6.29 8.31
CA LEU E 41 27.75 -6.21 8.27
C LEU E 41 27.28 -5.87 6.86
N HIS E 42 27.91 -4.89 6.18
CA HIS E 42 27.68 -4.55 4.75
C HIS E 42 27.74 -5.82 3.90
N VAL E 43 28.84 -6.56 4.04
CA VAL E 43 29.18 -7.79 3.26
C VAL E 43 28.09 -8.84 3.50
N ALA E 44 27.77 -9.13 4.76
CA ALA E 44 26.74 -10.11 5.17
C ALA E 44 25.38 -9.69 4.61
N ALA E 45 25.08 -8.38 4.70
CA ALA E 45 23.82 -7.78 4.18
C ALA E 45 23.76 -7.95 2.66
N TRP E 46 24.87 -7.69 1.97
CA TRP E 46 24.98 -7.84 0.49
C TRP E 46 24.75 -9.28 0.06
N GLN E 47 25.25 -10.25 0.83
CA GLN E 47 25.40 -11.67 0.46
C GLN E 47 24.31 -12.55 1.11
N GLY E 48 23.38 -11.95 1.86
CA GLY E 48 22.16 -12.63 2.34
C GLY E 48 22.42 -13.61 3.48
N HIS E 49 23.44 -13.38 4.32
CA HIS E 49 23.82 -14.27 5.44
C HIS E 49 23.16 -13.78 6.74
N LEU E 50 21.83 -13.95 6.86
CA LEU E 50 21.00 -13.56 8.02
C LEU E 50 21.66 -14.04 9.32
N GLU E 51 21.82 -15.36 9.42
CA GLU E 51 22.75 -16.11 10.30
C GLU E 51 23.84 -15.18 10.86
N ILE E 52 24.69 -14.62 10.00
CA ILE E 52 25.90 -13.84 10.35
C ILE E 52 25.49 -12.41 10.72
N VAL E 53 24.48 -11.84 10.04
CA VAL E 53 23.95 -10.47 10.32
C VAL E 53 23.53 -10.43 11.79
N GLU E 54 22.85 -11.47 12.28
CA GLU E 54 22.31 -11.54 13.67
C GLU E 54 23.48 -11.52 14.66
N VAL E 55 24.49 -12.37 14.44
CA VAL E 55 25.62 -12.55 15.39
C VAL E 55 26.53 -11.31 15.38
N LEU E 56 26.72 -10.66 14.21
CA LEU E 56 27.54 -9.42 14.07
C LEU E 56 26.88 -8.27 14.84
N LEU E 57 25.56 -8.12 14.69
CA LEU E 57 24.77 -7.07 15.41
C LEU E 57 24.84 -7.34 16.92
N LYS E 58 24.63 -8.61 17.32
CA LYS E 58 24.66 -9.08 18.73
C LYS E 58 26.04 -8.82 19.34
N ALA E 59 27.10 -8.81 18.53
CA ALA E 59 28.50 -8.50 18.93
C ALA E 59 28.84 -7.01 18.73
N GLY E 60 27.83 -6.14 18.58
CA GLY E 60 28.00 -4.67 18.60
C GLY E 60 28.54 -4.10 17.30
N ALA E 61 28.04 -4.59 16.16
CA ALA E 61 28.31 -4.02 14.82
C ALA E 61 27.55 -2.70 14.68
N ASP E 62 28.17 -1.70 14.05
CA ASP E 62 27.53 -0.40 13.73
C ASP E 62 26.49 -0.65 12.62
N VAL E 63 25.20 -0.61 12.99
CA VAL E 63 24.05 -0.89 12.09
C VAL E 63 23.95 0.19 11.01
N ASN E 64 24.38 1.43 11.31
CA ASN E 64 24.33 2.58 10.36
C ASN E 64 25.74 2.95 9.92
N ALA E 65 26.62 1.96 9.79
CA ALA E 65 27.94 2.10 9.15
C ALA E 65 27.70 2.49 7.68
N LYS E 66 28.38 3.54 7.21
CA LYS E 66 28.37 3.96 5.79
C LYS E 66 29.60 3.38 5.10
N ASP E 67 29.45 2.99 3.83
CA ASP E 67 30.57 2.71 2.91
C ASP E 67 31.06 4.06 2.38
N SER E 68 32.12 4.02 1.58
CA SER E 68 32.78 5.22 0.99
C SER E 68 31.78 6.07 0.19
N LYS E 69 30.78 5.44 -0.44
CA LYS E 69 29.76 6.15 -1.26
C LYS E 69 28.43 6.29 -0.50
N GLY E 70 28.43 6.06 0.82
CA GLY E 70 27.32 6.44 1.70
C GLY E 70 26.25 5.36 1.87
N GLU E 71 26.49 4.16 1.33
CA GLU E 71 25.53 3.01 1.45
C GLU E 71 25.69 2.33 2.82
N THR E 72 24.56 2.02 3.46
CA THR E 72 24.44 1.31 4.76
C THR E 72 24.07 -0.15 4.50
N PRO E 73 24.28 -1.06 5.48
CA PRO E 73 23.78 -2.42 5.37
C PRO E 73 22.30 -2.52 4.97
N LEU E 74 21.45 -1.58 5.42
CA LEU E 74 20.02 -1.57 5.04
C LEU E 74 19.90 -1.31 3.53
N HIS E 75 20.64 -0.34 3.00
CA HIS E 75 20.70 -0.04 1.54
C HIS E 75 21.00 -1.33 0.76
N LEU E 76 22.00 -2.10 1.20
CA LEU E 76 22.49 -3.29 0.47
C LEU E 76 21.42 -4.38 0.55
N ALA E 77 20.97 -4.71 1.76
CA ALA E 77 19.89 -5.69 2.02
C ALA E 77 18.66 -5.33 1.17
N ALA E 78 18.30 -4.05 1.12
CA ALA E 78 17.13 -3.53 0.36
C ALA E 78 17.35 -3.78 -1.14
N PHE E 79 18.52 -3.39 -1.65
CA PHE E 79 18.90 -3.50 -3.08
C PHE E 79 18.97 -4.96 -3.53
N ARG E 80 19.47 -5.84 -2.66
CA ARG E 80 19.78 -7.25 -2.99
C ARG E 80 18.57 -8.16 -2.68
N GLY E 81 17.46 -7.60 -2.17
CA GLY E 81 16.17 -8.32 -2.03
C GLY E 81 16.17 -9.31 -0.87
N HIS E 82 16.72 -8.93 0.27
CA HIS E 82 16.88 -9.79 1.48
C HIS E 82 15.96 -9.26 2.59
N LEU E 83 14.65 -9.42 2.40
CA LEU E 83 13.56 -8.92 3.28
C LEU E 83 13.83 -9.23 4.75
N GLU E 84 14.24 -10.46 5.04
CA GLU E 84 14.40 -11.00 6.41
C GLU E 84 15.51 -10.21 7.10
N ILE E 85 16.64 -9.99 6.41
CA ILE E 85 17.80 -9.17 6.87
C ILE E 85 17.35 -7.72 7.04
N VAL E 86 16.56 -7.20 6.10
CA VAL E 86 16.01 -5.82 6.16
C VAL E 86 15.27 -5.67 7.50
N GLU E 87 14.38 -6.61 7.81
CA GLU E 87 13.52 -6.57 9.03
C GLU E 87 14.42 -6.60 10.28
N VAL E 88 15.41 -7.50 10.31
CA VAL E 88 16.36 -7.66 11.46
C VAL E 88 17.14 -6.35 11.68
N LEU E 89 17.62 -5.73 10.60
CA LEU E 89 18.40 -4.47 10.66
C LEU E 89 17.53 -3.34 11.24
N LEU E 90 16.26 -3.27 10.82
CA LEU E 90 15.29 -2.27 11.33
C LEU E 90 15.10 -2.46 12.83
N LYS E 91 14.85 -3.71 13.28
CA LYS E 91 14.67 -4.08 14.71
C LYS E 91 15.92 -3.67 15.52
N ALA E 92 17.12 -3.73 14.91
CA ALA E 92 18.39 -3.33 15.56
C ALA E 92 18.69 -1.84 15.34
N GLY E 93 17.69 -1.06 14.90
CA GLY E 93 17.73 0.41 14.88
C GLY E 93 18.45 0.96 13.68
N ALA E 94 18.18 0.41 12.49
CA ALA E 94 18.73 0.89 11.20
C ALA E 94 18.01 2.19 10.81
N ASP E 95 18.74 3.16 10.25
CA ASP E 95 18.22 4.47 9.76
C ASP E 95 17.48 4.23 8.43
N VAL E 96 16.15 4.23 8.50
CA VAL E 96 15.24 3.72 7.43
C VAL E 96 15.20 4.70 6.26
N ASN E 97 15.36 6.00 6.49
CA ASN E 97 15.30 7.02 5.42
C ASN E 97 16.69 7.63 5.24
N ALA E 98 17.74 6.89 5.57
CA ALA E 98 19.16 7.28 5.36
C ALA E 98 19.39 7.47 3.86
N GLN E 99 20.03 8.58 3.48
CA GLN E 99 20.45 8.83 2.07
C GLN E 99 21.89 8.33 1.87
N ASP E 100 22.23 7.92 0.64
CA ASP E 100 23.62 7.66 0.21
C ASP E 100 24.13 8.93 -0.48
N GLN E 101 25.38 8.95 -0.97
CA GLN E 101 25.94 10.08 -1.76
C GLN E 101 24.95 10.51 -2.84
N GLN E 102 24.34 9.55 -3.53
CA GLN E 102 23.48 9.80 -4.72
C GLN E 102 22.04 10.10 -4.31
N GLY E 103 21.78 10.23 -3.00
CA GLY E 103 20.51 10.75 -2.46
C GLY E 103 19.39 9.73 -2.57
N GLU E 104 19.71 8.44 -2.44
CA GLU E 104 18.75 7.32 -2.57
C GLU E 104 18.59 6.67 -1.19
N THR E 105 17.34 6.49 -0.74
CA THR E 105 16.98 5.72 0.48
C THR E 105 17.01 4.24 0.14
N PRO E 106 17.11 3.33 1.14
CA PRO E 106 16.92 1.90 0.90
C PRO E 106 15.60 1.59 0.18
N ALA E 107 14.52 2.28 0.57
CA ALA E 107 13.20 2.24 -0.09
C ALA E 107 13.35 2.46 -1.60
N ASP E 108 14.19 3.43 -2.01
CA ASP E 108 14.45 3.72 -3.45
C ASP E 108 15.13 2.52 -4.12
N LEU E 109 16.17 1.97 -3.49
CA LEU E 109 16.95 0.84 -4.06
C LEU E 109 16.09 -0.42 -4.15
N ALA E 110 15.27 -0.67 -3.13
CA ALA E 110 14.29 -1.79 -3.12
C ALA E 110 13.40 -1.70 -4.36
N ALA E 111 12.85 -0.50 -4.60
CA ALA E 111 11.95 -0.22 -5.74
C ALA E 111 12.72 -0.39 -7.06
N LEU E 112 13.96 0.11 -7.11
CA LEU E 112 14.85 0.02 -8.31
C LEU E 112 15.06 -1.44 -8.71
N ALA E 113 15.35 -2.32 -7.74
CA ALA E 113 15.61 -3.76 -7.95
C ALA E 113 14.28 -4.54 -7.94
N GLY E 114 13.13 -3.87 -7.95
CA GLY E 114 11.79 -4.50 -8.09
C GLY E 114 11.42 -5.33 -6.87
N HIS E 115 11.73 -4.85 -5.67
CA HIS E 115 11.35 -5.47 -4.39
C HIS E 115 10.36 -4.55 -3.70
N VAL E 116 9.12 -4.53 -4.20
CA VAL E 116 7.99 -3.75 -3.63
C VAL E 116 7.73 -4.25 -2.21
N ASP E 117 7.70 -5.58 -2.02
CA ASP E 117 7.68 -6.25 -0.70
C ASP E 117 8.50 -5.45 0.31
N ILE E 118 9.80 -5.27 0.03
CA ILE E 118 10.78 -4.59 0.93
C ILE E 118 10.43 -3.11 1.05
N ALA E 119 10.14 -2.45 -0.08
CA ALA E 119 9.79 -1.01 -0.13
C ALA E 119 8.63 -0.74 0.82
N GLU E 120 7.59 -1.59 0.79
CA GLU E 120 6.37 -1.42 1.63
C GLU E 120 6.74 -1.52 3.11
N VAL E 121 7.58 -2.50 3.47
CA VAL E 121 8.09 -2.70 4.85
C VAL E 121 8.79 -1.42 5.30
N LEU E 122 9.66 -0.86 4.46
CA LEU E 122 10.45 0.36 4.75
C LEU E 122 9.53 1.59 4.84
N GLN E 123 8.43 1.62 4.08
CA GLN E 123 7.46 2.73 4.08
C GLN E 123 6.69 2.74 5.41
N LYS E 124 6.24 1.56 5.90
CA LYS E 124 5.49 1.47 7.18
C LYS E 124 6.43 1.91 8.32
N ALA E 125 7.64 1.37 8.36
CA ALA E 125 8.69 1.69 9.36
C ALA E 125 9.13 3.14 9.19
N ALA E 126 8.59 4.07 10.00
CA ALA E 126 8.72 5.54 9.87
C ALA E 126 8.34 6.00 8.45
N PRO F 3 41.91 -15.01 -2.71
CA PRO F 3 41.76 -15.14 -4.16
C PRO F 3 40.70 -14.20 -4.77
N CYS F 4 39.98 -13.44 -3.94
CA CYS F 4 39.09 -12.31 -4.32
C CYS F 4 39.87 -11.30 -5.18
N SER F 5 41.10 -10.99 -4.79
CA SER F 5 42.07 -10.11 -5.51
C SER F 5 42.05 -10.37 -7.03
N ASN F 6 41.89 -11.63 -7.47
CA ASN F 6 41.96 -12.04 -8.91
C ASN F 6 40.62 -11.78 -9.64
N CYS F 7 39.59 -11.24 -8.97
CA CYS F 7 38.26 -10.94 -9.59
C CYS F 7 38.37 -9.65 -10.41
N PRO F 8 37.84 -9.63 -11.66
CA PRO F 8 37.95 -8.45 -12.52
C PRO F 8 36.87 -7.41 -12.23
N ALA F 9 36.95 -6.25 -12.90
CA ALA F 9 35.87 -5.22 -12.94
C ALA F 9 34.62 -5.84 -13.59
N GLY F 10 33.46 -5.25 -13.32
CA GLY F 10 32.15 -5.80 -13.70
C GLY F 10 31.76 -7.02 -12.88
N THR F 11 32.39 -7.19 -11.71
CA THR F 11 32.29 -8.43 -10.90
C THR F 11 32.61 -8.11 -9.43
N PHE F 12 32.02 -8.90 -8.52
CA PHE F 12 32.28 -8.86 -7.07
C PHE F 12 32.69 -10.23 -6.56
N CYS F 13 33.47 -10.26 -5.47
CA CYS F 13 33.98 -11.47 -4.80
C CYS F 13 32.80 -12.14 -4.10
N ASP F 14 32.62 -13.43 -4.39
CA ASP F 14 31.49 -14.26 -3.88
C ASP F 14 31.95 -15.72 -3.85
N ASN F 15 32.39 -16.23 -2.70
CA ASN F 15 32.92 -17.63 -2.58
C ASN F 15 31.90 -18.53 -1.88
N ASN F 16 30.66 -18.07 -1.65
CA ASN F 16 29.56 -18.91 -1.12
C ASN F 16 29.05 -19.84 -2.23
N ARG F 17 28.91 -19.32 -3.47
CA ARG F 17 28.14 -19.95 -4.59
C ARG F 17 28.82 -21.20 -5.18
N ASN F 18 30.13 -21.38 -4.98
CA ASN F 18 31.00 -22.35 -5.72
C ASN F 18 31.49 -21.70 -7.05
N GLN F 19 30.89 -20.60 -7.54
CA GLN F 19 31.59 -19.55 -8.34
C GLN F 19 32.45 -18.69 -7.41
N ILE F 20 33.64 -18.29 -7.89
CA ILE F 20 34.69 -17.55 -7.11
C ILE F 20 34.40 -16.04 -7.15
N CYS F 21 33.91 -15.54 -8.29
CA CYS F 21 33.39 -14.17 -8.48
C CYS F 21 32.06 -14.23 -9.22
N SER F 22 31.14 -13.32 -8.92
CA SER F 22 29.81 -13.20 -9.57
C SER F 22 29.72 -11.87 -10.33
N PRO F 23 28.90 -11.80 -11.41
CA PRO F 23 28.75 -10.57 -12.19
C PRO F 23 27.93 -9.55 -11.39
N CYS F 24 28.25 -8.26 -11.51
CA CYS F 24 27.50 -7.17 -10.85
C CYS F 24 26.05 -7.21 -11.32
N PRO F 25 25.07 -7.28 -10.39
CA PRO F 25 23.66 -7.34 -10.81
C PRO F 25 23.23 -6.07 -11.52
N PRO F 26 22.09 -6.08 -12.25
CA PRO F 26 21.64 -4.90 -12.98
C PRO F 26 21.47 -3.67 -12.06
N ASN F 27 21.81 -2.49 -12.57
CA ASN F 27 21.81 -1.19 -11.84
C ASN F 27 22.85 -1.22 -10.70
N SER F 28 23.91 -2.01 -10.84
CA SER F 28 25.13 -1.94 -10.01
C SER F 28 26.35 -2.14 -10.91
N PHE F 29 27.54 -1.76 -10.45
CA PHE F 29 28.79 -1.81 -11.23
C PHE F 29 29.99 -1.96 -10.29
N SER F 30 31.06 -2.57 -10.80
CA SER F 30 32.39 -2.63 -10.17
C SER F 30 33.38 -2.03 -11.16
N SER F 31 34.01 -0.91 -10.80
CA SER F 31 35.04 -0.21 -11.62
C SER F 31 36.42 -0.79 -11.34
N ALA F 32 36.63 -1.40 -10.16
CA ALA F 32 37.96 -1.80 -9.66
C ALA F 32 38.27 -3.25 -10.05
N GLY F 33 37.45 -4.20 -9.62
CA GLY F 33 37.84 -5.60 -9.50
C GLY F 33 38.54 -5.84 -8.17
N GLY F 34 38.30 -7.00 -7.57
CA GLY F 34 38.66 -7.30 -6.17
C GLY F 34 37.74 -6.62 -5.17
N GLN F 35 36.59 -6.07 -5.61
CA GLN F 35 35.56 -5.43 -4.73
C GLN F 35 34.68 -6.53 -4.11
N ARG F 36 34.38 -6.42 -2.81
CA ARG F 36 33.53 -7.38 -2.07
C ARG F 36 32.04 -7.12 -2.35
N THR F 37 31.73 -5.91 -2.84
CA THR F 37 30.37 -5.39 -3.11
C THR F 37 30.41 -4.61 -4.42
N CYS F 38 29.30 -4.64 -5.17
CA CYS F 38 29.07 -3.76 -6.35
C CYS F 38 28.52 -2.41 -5.88
N ASP F 39 29.09 -1.33 -6.39
CA ASP F 39 28.59 0.06 -6.19
C ASP F 39 27.29 0.22 -6.99
N ILE F 40 26.37 1.04 -6.51
CA ILE F 40 25.00 1.20 -7.09
C ILE F 40 25.08 2.28 -8.18
N CYS F 41 24.44 2.03 -9.33
CA CYS F 41 24.37 2.93 -10.52
C CYS F 41 23.62 4.21 -10.17
N ARG F 42 24.15 5.36 -10.59
CA ARG F 42 23.46 6.67 -10.59
C ARG F 42 22.17 6.53 -11.41
N GLN F 43 21.03 6.90 -10.81
CA GLN F 43 19.72 6.99 -11.49
C GLN F 43 19.50 8.45 -11.89
N CYS F 44 18.96 8.68 -13.08
CA CYS F 44 18.88 10.03 -13.71
C CYS F 44 17.55 10.23 -14.41
N LYS F 45 16.55 10.75 -13.69
CA LYS F 45 15.22 11.11 -14.23
C LYS F 45 14.85 12.51 -13.70
N GLY F 46 13.82 13.13 -14.28
CA GLY F 46 13.25 14.42 -13.83
C GLY F 46 14.20 15.56 -14.19
N VAL F 47 14.87 16.15 -13.19
CA VAL F 47 15.86 17.24 -13.39
C VAL F 47 17.05 16.68 -14.20
N PHE F 48 17.47 15.46 -13.86
CA PHE F 48 18.61 14.74 -14.52
C PHE F 48 18.12 14.15 -15.84
N ARG F 49 18.97 14.29 -16.88
CA ARG F 49 18.82 13.70 -18.24
C ARG F 49 20.01 12.76 -18.41
N THR F 50 19.75 11.53 -18.84
CA THR F 50 20.75 10.42 -18.91
C THR F 50 21.57 10.61 -20.21
N ARG F 51 22.88 10.74 -20.05
CA ARG F 51 23.85 11.08 -21.11
C ARG F 51 24.48 9.78 -21.61
N LYS F 52 24.95 8.93 -20.70
CA LYS F 52 25.48 7.55 -20.96
C LYS F 52 24.89 6.59 -19.91
N GLU F 53 24.41 5.41 -20.34
CA GLU F 53 23.78 4.40 -19.46
C GLU F 53 24.85 3.71 -18.61
N CYS F 54 24.45 3.19 -17.45
CA CYS F 54 25.32 2.46 -16.51
C CYS F 54 25.70 1.12 -17.13
N SER F 55 26.98 0.76 -17.07
CA SER F 55 27.54 -0.55 -17.49
C SER F 55 27.91 -1.37 -16.25
N SER F 56 28.22 -2.65 -16.45
CA SER F 56 28.71 -3.56 -15.38
C SER F 56 30.03 -3.02 -14.79
N THR F 57 30.84 -2.31 -15.58
CA THR F 57 32.18 -1.84 -15.19
C THR F 57 32.19 -0.33 -14.86
N SER F 58 31.20 0.44 -15.30
CA SER F 58 31.24 1.92 -15.25
C SER F 58 29.86 2.49 -14.88
N ASN F 59 29.88 3.52 -14.04
CA ASN F 59 28.68 4.28 -13.62
C ASN F 59 28.07 5.04 -14.80
N ALA F 60 26.76 5.29 -14.76
CA ALA F 60 26.04 6.15 -15.73
C ALA F 60 26.51 7.58 -15.56
N GLU F 61 26.58 8.34 -16.65
CA GLU F 61 26.88 9.79 -16.70
C GLU F 61 25.57 10.49 -17.09
N CYS F 62 25.40 11.73 -16.64
CA CYS F 62 24.13 12.50 -16.76
C CYS F 62 24.41 14.00 -16.82
N ASP F 63 23.50 14.77 -17.43
CA ASP F 63 23.49 16.26 -17.47
C ASP F 63 22.10 16.73 -17.05
N CYS F 64 21.87 18.04 -16.95
CA CYS F 64 20.69 18.65 -16.31
C CYS F 64 19.71 19.14 -17.37
N THR F 65 18.41 19.03 -17.10
CA THR F 65 17.33 19.55 -17.98
C THR F 65 17.47 21.08 -18.06
N PRO F 66 16.87 21.74 -19.07
CA PRO F 66 16.85 23.20 -19.13
C PRO F 66 16.31 23.85 -17.85
N GLY F 67 16.90 24.98 -17.47
CA GLY F 67 16.60 25.73 -16.23
C GLY F 67 17.34 25.16 -15.02
N PHE F 68 18.35 24.33 -15.27
CA PHE F 68 19.24 23.73 -14.25
C PHE F 68 20.66 23.65 -14.80
N HIS F 69 21.64 23.45 -13.90
CA HIS F 69 23.07 23.37 -14.25
C HIS F 69 23.74 22.33 -13.36
N CYS F 70 24.73 21.62 -13.91
CA CYS F 70 25.53 20.58 -13.22
C CYS F 70 26.34 21.21 -12.09
N LEU F 71 26.49 20.46 -11.00
CA LEU F 71 27.32 20.83 -9.82
C LEU F 71 28.07 19.57 -9.37
N GLY F 72 29.38 19.70 -9.13
CA GLY F 72 30.23 18.62 -8.61
C GLY F 72 30.75 17.67 -9.69
N ALA F 73 31.64 16.76 -9.31
CA ALA F 73 32.32 15.79 -10.20
C ALA F 73 31.27 14.93 -10.92
N GLY F 74 31.40 14.83 -12.24
CA GLY F 74 30.57 13.99 -13.12
C GLY F 74 29.11 14.38 -13.06
N CYS F 75 28.81 15.66 -12.82
CA CYS F 75 27.42 16.20 -12.68
C CYS F 75 26.65 15.35 -11.66
N SER F 76 27.17 15.32 -10.43
CA SER F 76 26.65 14.53 -9.29
C SER F 76 25.21 14.93 -8.96
N MET F 77 24.94 16.24 -8.92
CA MET F 77 23.61 16.84 -8.64
C MET F 77 23.36 17.99 -9.62
N CYS F 78 22.08 18.30 -9.87
CA CYS F 78 21.62 19.47 -10.66
C CYS F 78 21.09 20.56 -9.72
N GLU F 79 21.40 21.81 -10.06
CA GLU F 79 21.18 23.01 -9.22
C GLU F 79 20.38 24.00 -10.06
N GLN F 80 19.40 24.62 -9.44
CA GLN F 80 18.45 25.57 -10.09
C GLN F 80 19.24 26.74 -10.69
N ASP F 81 18.98 27.05 -11.96
CA ASP F 81 19.39 28.33 -12.57
C ASP F 81 18.56 29.44 -11.93
N CYS F 82 19.17 30.59 -11.65
CA CYS F 82 18.50 31.86 -11.28
C CYS F 82 18.59 32.84 -12.45
N LYS F 83 17.87 33.98 -12.39
CA LYS F 83 18.00 35.08 -13.38
C LYS F 83 19.38 35.72 -13.22
N GLN F 84 19.77 36.58 -14.17
CA GLN F 84 20.93 37.49 -14.00
C GLN F 84 20.51 38.56 -13.00
N GLY F 85 21.46 39.06 -12.19
CA GLY F 85 21.19 39.92 -11.02
C GLY F 85 20.41 39.16 -9.94
N GLN F 86 20.66 37.84 -9.80
CA GLN F 86 20.21 37.01 -8.66
C GLN F 86 21.34 36.07 -8.25
N GLU F 87 21.27 35.54 -7.02
CA GLU F 87 22.10 34.39 -6.56
C GLU F 87 21.15 33.37 -5.93
N LEU F 88 21.62 32.14 -5.80
CA LEU F 88 20.85 31.02 -5.21
C LEU F 88 21.18 30.92 -3.72
N THR F 89 20.29 31.40 -2.86
CA THR F 89 20.30 31.22 -1.39
C THR F 89 19.59 29.91 -1.05
N LYS F 90 19.67 29.47 0.20
CA LYS F 90 18.91 28.30 0.73
C LYS F 90 17.41 28.59 0.64
N LYS F 91 17.00 29.87 0.82
CA LYS F 91 15.60 30.32 0.67
C LYS F 91 15.18 30.29 -0.81
N GLY F 92 16.15 30.37 -1.73
CA GLY F 92 15.94 30.20 -3.19
C GLY F 92 16.62 31.28 -3.99
N CYS F 93 16.08 31.62 -5.16
CA CYS F 93 16.60 32.69 -6.05
C CYS F 93 16.21 34.06 -5.46
N LYS F 94 17.14 34.69 -4.75
CA LYS F 94 17.02 36.10 -4.29
C LYS F 94 17.83 37.03 -5.20
N ASP F 95 17.37 38.27 -5.44
CA ASP F 95 18.09 39.34 -6.17
C ASP F 95 19.38 39.71 -5.41
N CYS F 96 20.38 40.22 -6.11
CA CYS F 96 21.67 40.67 -5.53
C CYS F 96 21.47 41.88 -4.62
N CYS F 97 22.27 42.01 -3.55
CA CYS F 97 22.30 43.19 -2.64
C CYS F 97 22.79 44.43 -3.42
N PHE F 98 22.85 45.62 -2.82
CA PHE F 98 23.05 46.90 -3.56
C PHE F 98 24.40 46.90 -4.27
N GLY F 99 25.51 46.77 -3.53
CA GLY F 99 26.87 47.04 -4.05
C GLY F 99 27.48 45.84 -4.76
N THR F 100 26.65 44.92 -5.28
CA THR F 100 27.03 43.57 -5.75
C THR F 100 26.21 43.21 -6.99
N PHE F 101 26.77 42.37 -7.88
CA PHE F 101 26.18 41.99 -9.20
C PHE F 101 26.41 40.51 -9.51
N ASN F 102 25.58 39.95 -10.38
CA ASN F 102 25.76 38.62 -10.99
C ASN F 102 25.36 38.68 -12.47
N ASP F 103 26.33 38.60 -13.37
CA ASP F 103 26.17 38.69 -14.85
C ASP F 103 25.72 37.34 -15.43
N GLN F 104 25.77 36.25 -14.66
CA GLN F 104 25.44 34.86 -15.09
C GLN F 104 24.07 34.43 -14.54
N LYS F 105 23.60 33.28 -15.03
CA LYS F 105 22.37 32.57 -14.56
C LYS F 105 22.76 31.48 -13.55
N ARG F 106 23.97 31.52 -12.98
CA ARG F 106 24.39 30.69 -11.81
C ARG F 106 25.47 31.43 -11.01
N GLY F 107 25.71 31.00 -9.76
CA GLY F 107 26.85 31.45 -8.94
C GLY F 107 26.43 32.50 -7.94
N ILE F 108 27.40 32.99 -7.17
CA ILE F 108 27.21 34.02 -6.10
C ILE F 108 27.20 35.42 -6.72
N CYS F 109 26.60 36.38 -6.02
CA CYS F 109 26.78 37.82 -6.28
C CYS F 109 28.21 38.18 -5.86
N ARG F 110 28.88 38.95 -6.71
CA ARG F 110 30.28 39.44 -6.53
C ARG F 110 30.16 40.96 -6.34
N PRO F 111 30.99 41.60 -5.47
CA PRO F 111 30.89 43.04 -5.26
C PRO F 111 31.34 43.84 -6.49
N TRP F 112 30.74 45.01 -6.72
CA TRP F 112 31.17 45.98 -7.77
C TRP F 112 32.66 46.26 -7.63
N THR F 113 33.32 46.63 -8.71
CA THR F 113 34.74 47.04 -8.73
C THR F 113 34.84 48.39 -8.05
N ASN F 114 35.82 48.56 -7.17
CA ASN F 114 36.23 49.87 -6.60
C ASN F 114 37.22 50.48 -7.60
N CYS F 115 36.78 51.49 -8.36
CA CYS F 115 37.61 52.16 -9.40
C CYS F 115 38.79 52.86 -8.74
N SER F 116 38.54 53.52 -7.61
CA SER F 116 39.52 54.27 -6.77
C SER F 116 40.80 53.46 -6.57
N LEU F 117 40.68 52.15 -6.34
CA LEU F 117 41.81 51.23 -6.06
C LEU F 117 42.87 51.34 -7.18
N ASP F 118 42.45 51.30 -8.45
CA ASP F 118 43.35 51.36 -9.64
C ASP F 118 43.52 52.83 -10.11
N GLY F 119 43.01 53.81 -9.35
CA GLY F 119 43.14 55.25 -9.63
C GLY F 119 41.92 55.81 -10.35
N LYS F 120 41.22 54.99 -11.15
CA LYS F 120 40.20 55.46 -12.13
C LYS F 120 38.92 55.92 -11.40
N SER F 121 37.96 56.45 -12.15
CA SER F 121 36.64 56.96 -11.68
C SER F 121 35.51 56.17 -12.36
N VAL F 122 34.37 56.05 -11.67
CA VAL F 122 33.12 55.37 -12.17
C VAL F 122 32.66 56.04 -13.48
N LEU F 123 33.03 55.45 -14.62
CA LEU F 123 32.58 55.91 -15.97
C LEU F 123 31.09 55.59 -16.13
N VAL F 124 30.70 54.34 -15.91
CA VAL F 124 29.29 53.84 -15.92
C VAL F 124 29.01 53.19 -14.57
N ASN F 125 27.81 53.42 -14.03
CA ASN F 125 27.34 52.83 -12.74
C ASN F 125 27.16 51.32 -12.91
N GLY F 126 27.29 50.57 -11.81
CA GLY F 126 26.95 49.13 -11.76
C GLY F 126 25.45 48.95 -11.56
N THR F 127 25.00 47.70 -11.63
CA THR F 127 23.61 47.28 -11.29
C THR F 127 23.65 45.82 -10.81
N LYS F 128 22.50 45.31 -10.38
CA LYS F 128 22.34 43.86 -10.01
C LYS F 128 22.86 42.98 -11.16
N GLU F 129 22.56 43.36 -12.40
CA GLU F 129 22.83 42.58 -13.63
C GLU F 129 24.31 42.69 -14.06
N ARG F 130 25.02 43.80 -13.81
CA ARG F 130 26.41 43.99 -14.33
C ARG F 130 27.24 44.94 -13.44
N ASP F 131 28.56 44.78 -13.53
CA ASP F 131 29.62 45.49 -12.76
C ASP F 131 29.69 46.96 -13.19
N VAL F 132 30.32 47.77 -12.34
CA VAL F 132 30.75 49.17 -12.65
C VAL F 132 31.75 49.13 -13.81
N VAL F 133 31.68 50.14 -14.68
CA VAL F 133 32.69 50.43 -15.74
C VAL F 133 33.55 51.59 -15.23
N CYS F 134 34.85 51.36 -15.06
CA CYS F 134 35.85 52.39 -14.63
C CYS F 134 36.39 53.11 -15.87
N GLY F 135 36.85 54.35 -15.70
CA GLY F 135 37.41 55.18 -16.79
C GLY F 135 38.22 56.36 -16.27
N PRO F 136 39.43 56.60 -16.83
CA PRO F 136 40.24 57.75 -16.41
C PRO F 136 39.75 59.10 -16.92
N SER F 137 40.29 60.19 -16.37
CA SER F 137 39.99 61.59 -16.74
C SER F 137 41.23 62.47 -16.52
N GLY G 1 -46.33 9.73 -11.39
CA GLY G 1 -45.81 8.44 -10.83
C GLY G 1 -45.74 7.34 -11.89
N SER G 2 -46.86 7.09 -12.58
CA SER G 2 -47.11 5.91 -13.46
C SER G 2 -46.17 5.92 -14.69
N ASP G 3 -46.47 6.74 -15.70
CA ASP G 3 -45.58 7.00 -16.88
C ASP G 3 -44.19 7.53 -16.46
N LEU G 4 -44.11 8.30 -15.38
CA LEU G 4 -43.01 9.26 -15.12
C LEU G 4 -41.81 8.49 -14.55
N GLY G 5 -42.03 7.53 -13.65
CA GLY G 5 -40.96 6.68 -13.07
C GLY G 5 -40.20 5.90 -14.14
N LYS G 6 -40.92 5.25 -15.06
CA LYS G 6 -40.36 4.48 -16.20
C LYS G 6 -39.55 5.42 -17.10
N LYS G 7 -40.06 6.64 -17.35
CA LYS G 7 -39.42 7.68 -18.21
C LYS G 7 -38.11 8.16 -17.55
N LEU G 8 -38.06 8.22 -16.21
CA LEU G 8 -36.88 8.69 -15.43
C LEU G 8 -35.76 7.65 -15.50
N LEU G 9 -36.10 6.35 -15.43
CA LEU G 9 -35.12 5.24 -15.60
C LEU G 9 -34.44 5.35 -16.96
N LYS G 10 -35.22 5.48 -18.03
CA LYS G 10 -34.72 5.57 -19.43
C LYS G 10 -33.85 6.83 -19.57
N ALA G 11 -34.32 7.96 -19.02
CA ALA G 11 -33.63 9.27 -19.02
C ALA G 11 -32.25 9.13 -18.38
N ALA G 12 -32.19 8.52 -17.19
CA ALA G 12 -30.95 8.25 -16.41
C ALA G 12 -30.02 7.32 -17.21
N GLN G 13 -30.59 6.27 -17.83
CA GLN G 13 -29.85 5.25 -18.62
C GLN G 13 -29.20 5.93 -19.84
N GLU G 14 -30.04 6.59 -20.66
CA GLU G 14 -29.62 7.23 -21.95
C GLU G 14 -28.57 8.32 -21.67
N GLY G 15 -28.61 8.95 -20.49
CA GLY G 15 -27.69 10.02 -20.07
C GLY G 15 -28.20 11.39 -20.48
N GLN G 16 -29.52 11.59 -20.47
CA GLN G 16 -30.22 12.84 -20.88
C GLN G 16 -30.45 13.69 -19.63
N ASP G 17 -29.48 14.58 -19.32
CA ASP G 17 -29.40 15.34 -18.05
C ASP G 17 -30.65 16.21 -17.90
N ASP G 18 -31.02 16.95 -18.95
CA ASP G 18 -32.16 17.91 -18.95
C ASP G 18 -33.48 17.16 -18.79
N GLU G 19 -33.65 16.03 -19.49
CA GLU G 19 -34.89 15.21 -19.49
C GLU G 19 -35.15 14.64 -18.07
N VAL G 20 -34.08 14.29 -17.33
CA VAL G 20 -34.18 13.84 -15.92
C VAL G 20 -34.70 15.02 -15.07
N ARG G 21 -34.03 16.18 -15.18
CA ARG G 21 -34.35 17.41 -14.39
C ARG G 21 -35.84 17.76 -14.58
N GLU G 22 -36.32 17.74 -15.82
CA GLU G 22 -37.74 18.02 -16.20
C GLU G 22 -38.67 17.00 -15.51
N LEU G 23 -38.38 15.71 -15.67
CA LEU G 23 -39.21 14.57 -15.15
C LEU G 23 -39.26 14.60 -13.62
N LEU G 24 -38.15 14.93 -12.96
CA LEU G 24 -38.10 15.09 -11.48
C LEU G 24 -38.96 16.28 -11.06
N LYS G 25 -38.79 17.43 -11.74
CA LYS G 25 -39.53 18.70 -11.47
C LYS G 25 -41.03 18.53 -11.79
N ALA G 26 -41.40 17.57 -12.63
CA ALA G 26 -42.81 17.18 -12.92
C ALA G 26 -43.33 16.15 -11.91
N GLY G 27 -42.60 15.90 -10.81
CA GLY G 27 -43.04 15.05 -9.69
C GLY G 27 -42.95 13.57 -10.01
N ALA G 28 -41.86 13.13 -10.65
CA ALA G 28 -41.52 11.70 -10.84
C ALA G 28 -40.95 11.14 -9.53
N ASP G 29 -41.23 9.88 -9.23
CA ASP G 29 -40.70 9.18 -8.03
C ASP G 29 -39.21 8.90 -8.28
N VAL G 30 -38.32 9.55 -7.53
CA VAL G 30 -36.84 9.41 -7.64
C VAL G 30 -36.41 7.99 -7.20
N ASN G 31 -37.21 7.32 -6.35
CA ASN G 31 -36.94 5.97 -5.80
C ASN G 31 -37.78 4.90 -6.51
N ALA G 32 -38.07 5.08 -7.81
CA ALA G 32 -38.94 4.18 -8.59
C ALA G 32 -38.16 2.89 -8.91
N LYS G 33 -38.45 1.78 -8.19
CA LYS G 33 -37.93 0.43 -8.53
C LYS G 33 -38.62 -0.09 -9.80
N ASP G 34 -37.92 -0.91 -10.59
CA ASP G 34 -38.53 -1.78 -11.63
C ASP G 34 -38.78 -3.16 -10.99
N LEU G 35 -39.07 -4.19 -11.79
CA LEU G 35 -39.33 -5.57 -11.29
C LEU G 35 -38.03 -6.18 -10.74
N ARG G 36 -36.87 -5.74 -11.23
CA ARG G 36 -35.53 -6.19 -10.75
C ARG G 36 -35.01 -5.30 -9.62
N GLY G 37 -35.84 -4.41 -9.08
CA GLY G 37 -35.49 -3.51 -7.95
C GLY G 37 -34.46 -2.47 -8.33
N ILE G 38 -34.34 -2.15 -9.61
CA ILE G 38 -33.34 -1.19 -10.18
C ILE G 38 -33.97 0.21 -10.20
N THR G 39 -33.46 1.12 -9.37
CA THR G 39 -33.83 2.56 -9.28
C THR G 39 -33.08 3.36 -10.34
N PRO G 40 -33.52 4.60 -10.65
CA PRO G 40 -32.72 5.50 -11.50
C PRO G 40 -31.26 5.65 -11.07
N LEU G 41 -31.00 5.67 -9.75
CA LEU G 41 -29.63 5.87 -9.20
C LEU G 41 -28.75 4.67 -9.58
N HIS G 42 -29.24 3.43 -9.41
CA HIS G 42 -28.55 2.18 -9.86
C HIS G 42 -28.12 2.34 -11.32
N VAL G 43 -29.06 2.71 -12.18
CA VAL G 43 -28.91 2.83 -13.66
C VAL G 43 -27.80 3.86 -13.96
N ALA G 44 -27.93 5.06 -13.37
CA ALA G 44 -26.96 6.17 -13.56
C ALA G 44 -25.58 5.72 -13.05
N ALA G 45 -25.54 5.04 -11.90
CA ALA G 45 -24.31 4.49 -11.27
C ALA G 45 -23.68 3.45 -12.19
N TRP G 46 -24.50 2.56 -12.77
CA TRP G 46 -24.07 1.47 -13.70
C TRP G 46 -23.41 2.09 -14.94
N GLN G 47 -23.96 3.18 -15.47
CA GLN G 47 -23.58 3.69 -16.83
C GLN G 47 -22.77 5.00 -16.72
N GLY G 48 -22.33 5.37 -15.52
CA GLY G 48 -21.27 6.39 -15.32
C GLY G 48 -21.73 7.81 -15.60
N HIS G 49 -23.00 8.14 -15.33
CA HIS G 49 -23.59 9.48 -15.56
C HIS G 49 -23.51 10.32 -14.28
N LEU G 50 -22.30 10.75 -13.91
CA LEU G 50 -21.98 11.50 -12.66
C LEU G 50 -22.95 12.66 -12.49
N GLU G 51 -22.94 13.57 -13.47
CA GLU G 51 -23.97 14.59 -13.79
C GLU G 51 -25.32 14.21 -13.16
N ILE G 52 -25.90 13.08 -13.56
CA ILE G 52 -27.28 12.64 -13.20
C ILE G 52 -27.26 12.03 -11.79
N VAL G 53 -26.19 11.32 -11.42
CA VAL G 53 -26.01 10.75 -10.05
C VAL G 53 -26.13 11.90 -9.03
N GLU G 54 -25.52 13.05 -9.33
CA GLU G 54 -25.50 14.23 -8.43
C GLU G 54 -26.93 14.77 -8.26
N VAL G 55 -27.66 14.95 -9.35
CA VAL G 55 -29.03 15.56 -9.31
C VAL G 55 -30.03 14.60 -8.66
N LEU G 56 -29.89 13.29 -8.88
CA LEU G 56 -30.77 12.24 -8.28
C LEU G 56 -30.58 12.19 -6.76
N LEU G 57 -29.32 12.24 -6.30
CA LEU G 57 -28.97 12.26 -4.85
C LEU G 57 -29.52 13.54 -4.23
N LYS G 58 -29.29 14.68 -4.89
CA LYS G 58 -29.74 16.04 -4.45
C LYS G 58 -31.27 16.09 -4.36
N ALA G 59 -31.99 15.26 -5.14
CA ALA G 59 -33.46 15.15 -5.12
C ALA G 59 -33.94 14.03 -4.17
N GLY G 60 -33.05 13.50 -3.31
CA GLY G 60 -33.42 12.57 -2.23
C GLY G 60 -33.62 11.14 -2.73
N ALA G 61 -32.69 10.63 -3.55
CA ALA G 61 -32.61 9.20 -3.92
C ALA G 61 -32.08 8.41 -2.71
N ASP G 62 -32.58 7.18 -2.49
CA ASP G 62 -32.05 6.25 -1.45
C ASP G 62 -30.70 5.74 -1.95
N VAL G 63 -29.61 6.22 -1.35
CA VAL G 63 -28.19 5.89 -1.71
C VAL G 63 -27.91 4.40 -1.43
N ASN G 64 -28.58 3.78 -0.47
CA ASN G 64 -28.34 2.36 -0.06
C ASN G 64 -29.46 1.44 -0.57
N ALA G 65 -30.22 1.86 -1.60
CA ALA G 65 -31.30 1.07 -2.21
C ALA G 65 -30.70 -0.21 -2.81
N LYS G 66 -31.28 -1.36 -2.49
CA LYS G 66 -30.85 -2.69 -2.98
C LYS G 66 -31.67 -3.06 -4.23
N ASP G 67 -31.07 -3.76 -5.18
CA ASP G 67 -31.77 -4.46 -6.29
C ASP G 67 -32.29 -5.79 -5.72
N SER G 68 -32.98 -6.57 -6.56
CA SER G 68 -33.59 -7.89 -6.20
C SER G 68 -32.53 -8.85 -5.65
N LYS G 69 -31.27 -8.77 -6.09
CA LYS G 69 -30.15 -9.64 -5.59
C LYS G 69 -29.25 -8.88 -4.59
N GLY G 70 -29.69 -7.72 -4.11
CA GLY G 70 -29.08 -7.04 -2.94
C GLY G 70 -27.96 -6.09 -3.30
N GLU G 71 -27.81 -5.76 -4.59
CA GLU G 71 -26.73 -4.84 -5.09
C GLU G 71 -27.19 -3.39 -4.94
N THR G 72 -26.30 -2.52 -4.46
CA THR G 72 -26.54 -1.06 -4.23
C THR G 72 -25.89 -0.26 -5.36
N PRO G 73 -26.28 1.02 -5.58
CA PRO G 73 -25.60 1.87 -6.56
C PRO G 73 -24.09 1.92 -6.36
N LEU G 74 -23.61 1.85 -5.12
CA LEU G 74 -22.15 1.82 -4.83
C LEU G 74 -21.53 0.55 -5.42
N HIS G 75 -22.16 -0.61 -5.22
CA HIS G 75 -21.74 -1.91 -5.82
C HIS G 75 -21.56 -1.74 -7.33
N LEU G 76 -22.52 -1.11 -8.01
CA LEU G 76 -22.53 -0.99 -9.49
C LEU G 76 -21.40 -0.06 -9.92
N ALA G 77 -21.34 1.14 -9.34
CA ALA G 77 -20.28 2.14 -9.58
C ALA G 77 -18.90 1.49 -9.36
N ALA G 78 -18.76 0.72 -8.27
CA ALA G 78 -17.51 0.02 -7.90
C ALA G 78 -17.15 -1.01 -8.98
N PHE G 79 -18.11 -1.86 -9.36
CA PHE G 79 -17.92 -2.95 -10.35
C PHE G 79 -17.61 -2.38 -11.74
N ARG G 80 -18.26 -1.27 -12.11
CA ARG G 80 -18.18 -0.66 -13.47
C ARG G 80 -17.01 0.34 -13.57
N GLY G 81 -16.27 0.57 -12.48
CA GLY G 81 -15.02 1.34 -12.49
C GLY G 81 -15.22 2.84 -12.64
N HIS G 82 -16.25 3.40 -12.00
CA HIS G 82 -16.61 4.85 -12.06
C HIS G 82 -16.22 5.55 -10.75
N LEU G 83 -14.91 5.73 -10.57
CA LEU G 83 -14.26 6.24 -9.33
C LEU G 83 -14.98 7.48 -8.79
N GLU G 84 -15.29 8.42 -9.68
CA GLU G 84 -15.86 9.75 -9.32
C GLU G 84 -17.24 9.53 -8.69
N ILE G 85 -18.06 8.67 -9.30
CA ILE G 85 -19.41 8.27 -8.78
C ILE G 85 -19.25 7.52 -7.46
N VAL G 86 -18.26 6.63 -7.36
CA VAL G 86 -17.95 5.89 -6.09
C VAL G 86 -17.77 6.94 -4.98
N GLU G 87 -16.90 7.93 -5.24
CA GLU G 87 -16.56 8.99 -4.25
C GLU G 87 -17.81 9.78 -3.86
N VAL G 88 -18.61 10.18 -4.85
CA VAL G 88 -19.86 10.98 -4.66
C VAL G 88 -20.85 10.19 -3.80
N LEU G 89 -21.02 8.90 -4.05
CA LEU G 89 -21.97 8.03 -3.30
C LEU G 89 -21.53 7.94 -1.83
N LEU G 90 -20.22 7.79 -1.61
CA LEU G 90 -19.64 7.72 -0.24
C LEU G 90 -19.94 9.04 0.50
N LYS G 91 -19.66 10.18 -0.13
CA LYS G 91 -19.92 11.56 0.38
C LYS G 91 -21.40 11.72 0.72
N ALA G 92 -22.30 11.07 -0.03
CA ALA G 92 -23.77 11.10 0.21
C ALA G 92 -24.19 10.00 1.21
N GLY G 93 -23.24 9.37 1.89
CA GLY G 93 -23.51 8.45 3.02
C GLY G 93 -23.88 7.05 2.56
N ALA G 94 -23.14 6.50 1.60
CA ALA G 94 -23.29 5.11 1.11
C ALA G 94 -22.75 4.13 2.16
N ASP G 95 -23.37 2.95 2.30
CA ASP G 95 -22.88 1.83 3.16
C ASP G 95 -21.70 1.14 2.44
N VAL G 96 -20.49 1.44 2.89
CA VAL G 96 -19.21 1.13 2.18
C VAL G 96 -18.90 -0.38 2.28
N ASN G 97 -19.30 -1.07 3.35
CA ASN G 97 -19.00 -2.51 3.51
C ASN G 97 -20.28 -3.33 3.39
N ALA G 98 -21.29 -2.80 2.70
CA ALA G 98 -22.58 -3.48 2.43
C ALA G 98 -22.34 -4.76 1.65
N GLN G 99 -22.97 -5.87 2.05
CA GLN G 99 -22.96 -7.16 1.30
C GLN G 99 -24.15 -7.20 0.34
N ASP G 100 -24.02 -7.96 -0.76
CA ASP G 100 -25.15 -8.41 -1.61
C ASP G 100 -25.57 -9.80 -1.11
N GLN G 101 -26.56 -10.41 -1.75
CA GLN G 101 -26.97 -11.83 -1.51
C GLN G 101 -25.74 -12.73 -1.45
N GLN G 102 -24.80 -12.55 -2.39
CA GLN G 102 -23.63 -13.43 -2.63
C GLN G 102 -22.47 -13.04 -1.70
N GLY G 103 -22.68 -12.08 -0.78
CA GLY G 103 -21.73 -11.75 0.30
C GLY G 103 -20.53 -10.99 -0.21
N GLU G 104 -20.71 -10.13 -1.22
CA GLU G 104 -19.63 -9.38 -1.91
C GLU G 104 -19.84 -7.90 -1.62
N THR G 105 -18.82 -7.24 -1.08
CA THR G 105 -18.79 -5.77 -0.85
C THR G 105 -18.48 -5.07 -2.17
N PRO G 106 -18.78 -3.76 -2.32
CA PRO G 106 -18.32 -3.00 -3.48
C PRO G 106 -16.80 -3.13 -3.70
N ALA G 107 -16.03 -3.08 -2.61
CA ALA G 107 -14.57 -3.33 -2.58
C ALA G 107 -14.24 -4.64 -3.32
N ASP G 108 -15.02 -5.70 -3.10
CA ASP G 108 -14.83 -7.02 -3.76
C ASP G 108 -15.09 -6.89 -5.26
N LEU G 109 -16.19 -6.23 -5.65
CA LEU G 109 -16.58 -6.08 -7.08
C LEU G 109 -15.55 -5.22 -7.82
N ALA G 110 -15.08 -4.14 -7.19
CA ALA G 110 -14.01 -3.27 -7.71
C ALA G 110 -12.78 -4.14 -8.04
N ALA G 111 -12.37 -4.98 -7.08
CA ALA G 111 -11.19 -5.88 -7.21
C ALA G 111 -11.44 -6.89 -8.32
N LEU G 112 -12.66 -7.45 -8.39
CA LEU G 112 -13.07 -8.46 -9.39
C LEU G 112 -12.90 -7.89 -10.81
N ALA G 113 -13.34 -6.66 -11.05
CA ALA G 113 -13.24 -5.97 -12.36
C ALA G 113 -11.88 -5.27 -12.51
N GLY G 114 -10.94 -5.46 -11.58
CA GLY G 114 -9.57 -4.94 -11.64
C GLY G 114 -9.52 -3.42 -11.53
N HIS G 115 -10.34 -2.84 -10.66
CA HIS G 115 -10.37 -1.39 -10.32
C HIS G 115 -9.72 -1.20 -8.96
N VAL G 116 -8.40 -1.33 -8.91
CA VAL G 116 -7.60 -1.31 -7.65
C VAL G 116 -7.73 0.09 -7.03
N ASP G 117 -7.58 1.13 -7.85
CA ASP G 117 -7.86 2.55 -7.53
C ASP G 117 -9.09 2.61 -6.60
N ILE G 118 -10.24 2.12 -7.07
CA ILE G 118 -11.55 2.20 -6.34
C ILE G 118 -11.49 1.34 -5.07
N ALA G 119 -10.96 0.11 -5.18
CA ALA G 119 -10.84 -0.84 -4.06
C ALA G 119 -10.08 -0.17 -2.92
N GLU G 120 -8.97 0.52 -3.23
CA GLU G 120 -8.10 1.20 -2.24
C GLU G 120 -8.90 2.29 -1.52
N VAL G 121 -9.66 3.08 -2.27
CA VAL G 121 -10.53 4.17 -1.73
C VAL G 121 -11.52 3.54 -0.75
N LEU G 122 -12.17 2.43 -1.14
CA LEU G 122 -13.20 1.75 -0.33
C LEU G 122 -12.56 1.10 0.90
N GLN G 123 -11.32 0.65 0.81
CA GLN G 123 -10.62 -0.04 1.92
C GLN G 123 -10.23 1.01 2.99
N LYS G 124 -9.78 2.22 2.58
CA LYS G 124 -9.49 3.31 3.56
C LYS G 124 -10.79 3.69 4.27
N ALA G 125 -11.87 3.93 3.51
CA ALA G 125 -13.20 4.34 3.98
C ALA G 125 -13.80 3.22 4.84
N ALA G 126 -13.62 3.30 6.16
CA ALA G 126 -14.02 2.31 7.20
C ALA G 126 -13.31 0.97 6.96
N GLN H 1 -42.16 3.19 -29.30
CA GLN H 1 -41.95 2.19 -28.21
C GLN H 1 -40.55 2.35 -27.59
N ASP H 2 -40.42 2.09 -26.27
CA ASP H 2 -39.13 1.81 -25.58
C ASP H 2 -38.52 0.53 -26.18
N PRO H 3 -37.32 0.62 -26.83
CA PRO H 3 -36.70 -0.55 -27.45
C PRO H 3 -35.86 -1.43 -26.50
N CYS H 4 -35.80 -1.05 -25.22
CA CYS H 4 -35.13 -1.83 -24.14
C CYS H 4 -35.78 -3.21 -24.06
N SER H 5 -37.11 -3.28 -24.06
CA SER H 5 -37.89 -4.57 -24.06
C SER H 5 -37.33 -5.54 -25.13
N ASN H 6 -36.87 -5.04 -26.27
CA ASN H 6 -36.38 -5.81 -27.45
C ASN H 6 -34.90 -6.23 -27.27
N CYS H 7 -34.26 -5.91 -26.14
CA CYS H 7 -32.85 -6.32 -25.83
C CYS H 7 -32.82 -7.79 -25.44
N PRO H 8 -31.87 -8.61 -25.97
CA PRO H 8 -31.83 -10.04 -25.69
C PRO H 8 -31.11 -10.35 -24.37
N ALA H 9 -31.20 -11.61 -23.95
CA ALA H 9 -30.42 -12.18 -22.83
C ALA H 9 -28.93 -12.10 -23.16
N GLY H 10 -28.07 -12.20 -22.13
CA GLY H 10 -26.61 -12.04 -22.25
C GLY H 10 -26.20 -10.60 -22.51
N THR H 11 -27.08 -9.63 -22.22
CA THR H 11 -27.03 -8.26 -22.76
C THR H 11 -27.88 -7.33 -21.86
N PHE H 12 -27.51 -6.04 -21.83
CA PHE H 12 -28.24 -4.96 -21.11
C PHE H 12 -28.54 -3.80 -22.06
N CYS H 13 -29.61 -3.07 -21.76
CA CYS H 13 -30.07 -1.87 -22.53
C CYS H 13 -29.08 -0.75 -22.28
N ASP H 14 -28.58 -0.14 -23.36
CA ASP H 14 -27.43 0.79 -23.33
C ASP H 14 -27.51 1.72 -24.55
N ASN H 15 -28.02 2.95 -24.41
CA ASN H 15 -28.48 3.79 -25.56
C ASN H 15 -27.77 5.15 -25.57
N ASN H 16 -26.77 5.39 -24.72
CA ASN H 16 -26.05 6.68 -24.66
C ASN H 16 -25.09 6.79 -25.85
N ARG H 17 -24.37 5.70 -26.17
CA ARG H 17 -23.47 5.58 -27.35
C ARG H 17 -24.30 5.11 -28.57
N ASN H 18 -23.63 4.71 -29.64
CA ASN H 18 -24.24 4.31 -30.95
C ASN H 18 -24.97 2.97 -30.83
N GLN H 19 -24.57 2.11 -29.88
CA GLN H 19 -25.18 0.76 -29.67
C GLN H 19 -26.53 0.94 -28.94
N ILE H 20 -27.54 0.13 -29.32
CA ILE H 20 -28.89 0.09 -28.67
C ILE H 20 -28.86 -0.90 -27.49
N CYS H 21 -28.18 -2.03 -27.66
CA CYS H 21 -27.92 -3.08 -26.65
C CYS H 21 -26.42 -3.38 -26.57
N SER H 22 -25.94 -3.74 -25.38
CA SER H 22 -24.50 -4.01 -25.14
C SER H 22 -24.30 -5.32 -24.39
N PRO H 23 -23.17 -6.01 -24.65
CA PRO H 23 -22.94 -7.33 -24.07
C PRO H 23 -22.61 -7.20 -22.57
N CYS H 24 -23.05 -8.18 -21.77
CA CYS H 24 -22.75 -8.23 -20.32
C CYS H 24 -21.23 -8.23 -20.12
N PRO H 25 -20.68 -7.32 -19.30
CA PRO H 25 -19.25 -7.31 -19.03
C PRO H 25 -18.81 -8.59 -18.33
N PRO H 26 -17.50 -8.92 -18.33
CA PRO H 26 -17.02 -10.16 -17.69
C PRO H 26 -17.44 -10.25 -16.22
N ASN H 27 -17.75 -11.47 -15.78
CA ASN H 27 -18.26 -11.78 -14.42
C ASN H 27 -19.62 -11.11 -14.19
N SER H 28 -20.41 -10.91 -15.24
CA SER H 28 -21.83 -10.54 -15.15
C SER H 28 -22.61 -11.30 -16.22
N PHE H 29 -23.91 -11.44 -16.05
CA PHE H 29 -24.81 -12.23 -16.93
C PHE H 29 -26.21 -11.61 -16.93
N SER H 30 -26.94 -11.78 -18.02
CA SER H 30 -28.38 -11.45 -18.16
C SER H 30 -29.12 -12.74 -18.51
N SER H 31 -30.01 -13.17 -17.63
CA SER H 31 -30.87 -14.38 -17.82
C SER H 31 -32.16 -14.00 -18.54
N ALA H 32 -32.58 -12.73 -18.49
CA ALA H 32 -33.92 -12.28 -18.93
C ALA H 32 -33.86 -11.77 -20.37
N GLY H 33 -33.07 -10.72 -20.63
CA GLY H 33 -33.28 -9.81 -21.78
C GLY H 33 -34.30 -8.75 -21.39
N GLY H 34 -34.10 -7.52 -21.87
CA GLY H 34 -34.82 -6.32 -21.41
C GLY H 34 -34.32 -5.86 -20.05
N GLN H 35 -33.12 -6.29 -19.63
CA GLN H 35 -32.51 -5.92 -18.33
C GLN H 35 -31.80 -4.56 -18.50
N ARG H 36 -31.98 -3.65 -17.53
CA ARG H 36 -31.30 -2.33 -17.48
C ARG H 36 -29.85 -2.49 -16.97
N THR H 37 -29.57 -3.62 -16.31
CA THR H 37 -28.28 -3.96 -15.66
C THR H 37 -28.03 -5.46 -15.80
N CYS H 38 -26.77 -5.91 -15.93
CA CYS H 38 -26.38 -7.34 -15.84
C CYS H 38 -26.24 -7.74 -14.36
N ASP H 39 -26.80 -8.89 -13.97
CA ASP H 39 -26.59 -9.49 -12.63
C ASP H 39 -25.15 -10.00 -12.53
N ILE H 40 -24.58 -9.93 -11.32
CA ILE H 40 -23.16 -10.26 -11.06
C ILE H 40 -23.08 -11.77 -10.81
N CYS H 41 -22.08 -12.41 -11.43
CA CYS H 41 -21.76 -13.85 -11.32
C CYS H 41 -21.35 -14.20 -9.89
N ARG H 42 -21.88 -15.30 -9.36
CA ARG H 42 -21.44 -15.89 -8.07
C ARG H 42 -19.96 -16.22 -8.16
N GLN H 43 -19.13 -15.68 -7.26
CA GLN H 43 -17.68 -15.96 -7.14
C GLN H 43 -17.52 -17.02 -6.04
N CYS H 44 -16.63 -18.00 -6.25
CA CYS H 44 -16.58 -19.25 -5.46
C CYS H 44 -15.13 -19.66 -5.17
N LYS H 45 -14.58 -19.20 -4.05
CA LYS H 45 -13.22 -19.56 -3.59
C LYS H 45 -13.29 -19.98 -2.11
N GLY H 46 -12.22 -20.59 -1.60
CA GLY H 46 -12.08 -21.04 -0.20
C GLY H 46 -13.01 -22.22 0.10
N VAL H 47 -14.04 -21.99 0.90
CA VAL H 47 -15.03 -23.03 1.31
C VAL H 47 -15.81 -23.46 0.07
N PHE H 48 -16.21 -22.48 -0.75
CA PHE H 48 -16.95 -22.67 -2.01
C PHE H 48 -16.00 -23.13 -3.12
N ARG H 49 -16.46 -24.08 -3.92
CA ARG H 49 -15.83 -24.55 -5.19
C ARG H 49 -16.84 -24.39 -6.35
N THR H 50 -16.40 -23.99 -7.55
CA THR H 50 -17.26 -23.74 -8.74
C THR H 50 -17.63 -25.10 -9.37
N ARG H 51 -18.94 -25.41 -9.45
CA ARG H 51 -19.48 -26.67 -10.04
C ARG H 51 -19.86 -26.38 -11.50
N LYS H 52 -20.63 -25.32 -11.73
CA LYS H 52 -20.99 -24.83 -13.09
C LYS H 52 -20.39 -23.43 -13.27
N GLU H 53 -19.70 -23.17 -14.39
CA GLU H 53 -19.05 -21.86 -14.66
C GLU H 53 -20.11 -20.84 -15.05
N CYS H 54 -19.82 -19.56 -14.84
CA CYS H 54 -20.69 -18.42 -15.24
C CYS H 54 -20.70 -18.31 -16.77
N SER H 55 -21.87 -18.16 -17.38
CA SER H 55 -22.04 -17.84 -18.83
C SER H 55 -22.59 -16.41 -18.96
N SER H 56 -22.64 -15.88 -20.18
CA SER H 56 -23.26 -14.56 -20.48
C SER H 56 -24.75 -14.58 -20.13
N THR H 57 -25.40 -15.75 -20.23
CA THR H 57 -26.87 -15.92 -20.09
C THR H 57 -27.25 -16.54 -18.74
N SER H 58 -26.32 -17.19 -18.04
CA SER H 58 -26.62 -17.99 -16.81
C SER H 58 -25.53 -17.80 -15.75
N ASN H 59 -25.94 -17.70 -14.48
CA ASN H 59 -25.05 -17.60 -13.30
C ASN H 59 -24.23 -18.88 -13.14
N ALA H 60 -23.06 -18.77 -12.52
CA ALA H 60 -22.27 -19.89 -11.98
C ALA H 60 -23.06 -20.54 -10.84
N GLU H 61 -22.95 -21.85 -10.72
CA GLU H 61 -23.46 -22.68 -9.59
C GLU H 61 -22.23 -23.18 -8.82
N CYS H 62 -22.37 -23.49 -7.55
CA CYS H 62 -21.21 -23.83 -6.66
C CYS H 62 -21.58 -24.92 -5.65
N ASP H 63 -20.57 -25.69 -5.24
CA ASP H 63 -20.66 -26.70 -4.16
C ASP H 63 -19.59 -26.35 -3.13
N CYS H 64 -19.58 -27.06 -2.02
CA CYS H 64 -18.67 -26.77 -0.89
C CYS H 64 -17.60 -27.82 -0.71
N THR H 65 -16.43 -27.38 -0.23
CA THR H 65 -15.26 -28.23 0.04
C THR H 65 -15.62 -29.29 1.08
N PRO H 66 -14.84 -30.39 1.17
CA PRO H 66 -15.16 -31.49 2.08
C PRO H 66 -15.29 -31.03 3.54
N GLY H 67 -16.22 -31.65 4.29
CA GLY H 67 -16.53 -31.31 5.69
C GLY H 67 -17.52 -30.16 5.79
N PHE H 68 -18.18 -29.81 4.68
CA PHE H 68 -19.29 -28.82 4.68
C PHE H 68 -20.44 -29.30 3.81
N HIS H 69 -21.62 -28.68 3.95
CA HIS H 69 -22.82 -29.03 3.15
C HIS H 69 -23.53 -27.75 2.74
N CYS H 70 -24.02 -27.71 1.50
CA CYS H 70 -24.75 -26.56 0.92
C CYS H 70 -26.05 -26.31 1.66
N LEU H 71 -26.48 -25.05 1.73
CA LEU H 71 -27.77 -24.60 2.31
C LEU H 71 -28.32 -23.46 1.45
N GLY H 72 -29.61 -23.52 1.12
CA GLY H 72 -30.32 -22.50 0.33
C GLY H 72 -30.19 -22.71 -1.16
N ALA H 73 -31.02 -22.02 -1.95
CA ALA H 73 -31.03 -22.06 -3.44
C ALA H 73 -29.64 -21.68 -3.97
N GLY H 74 -29.11 -22.50 -4.89
CA GLY H 74 -27.82 -22.26 -5.56
C GLY H 74 -26.65 -22.23 -4.60
N CYS H 75 -26.75 -22.94 -3.47
CA CYS H 75 -25.68 -23.09 -2.45
C CYS H 75 -25.16 -21.70 -2.04
N SER H 76 -26.06 -20.87 -1.52
CA SER H 76 -25.80 -19.48 -1.05
C SER H 76 -24.76 -19.50 0.07
N MET H 77 -24.94 -20.39 1.04
CA MET H 77 -24.08 -20.53 2.25
C MET H 77 -23.72 -22.00 2.46
N CYS H 78 -22.62 -22.28 3.19
CA CYS H 78 -22.23 -23.65 3.58
C CYS H 78 -22.03 -23.79 5.07
N GLU H 79 -22.52 -24.91 5.56
CA GLU H 79 -22.68 -25.18 7.01
C GLU H 79 -21.76 -26.36 7.35
N GLN H 80 -21.12 -26.31 8.52
CA GLN H 80 -20.21 -27.37 9.01
C GLN H 80 -20.94 -28.71 9.10
N ASP H 81 -20.37 -29.77 8.52
CA ASP H 81 -20.83 -31.17 8.79
C ASP H 81 -20.45 -31.50 10.23
N CYS H 82 -21.37 -32.14 10.95
CA CYS H 82 -21.11 -32.77 12.27
C CYS H 82 -21.26 -34.29 12.07
N LYS H 83 -20.85 -35.09 13.05
CA LYS H 83 -21.24 -36.52 13.16
C LYS H 83 -22.76 -36.61 13.45
N GLN H 84 -23.31 -37.81 13.37
CA GLN H 84 -24.77 -38.03 13.60
C GLN H 84 -25.00 -37.97 15.11
N GLY H 85 -24.08 -38.47 15.94
CA GLY H 85 -24.17 -38.37 17.40
C GLY H 85 -23.94 -36.95 17.90
N GLN H 86 -24.18 -35.91 17.08
CA GLN H 86 -23.94 -34.46 17.40
C GLN H 86 -25.07 -33.60 16.80
N GLU H 87 -25.15 -32.32 17.21
CA GLU H 87 -25.95 -31.26 16.54
C GLU H 87 -25.07 -30.01 16.43
N LEU H 88 -25.44 -29.06 15.56
CA LEU H 88 -24.66 -27.82 15.30
C LEU H 88 -25.21 -26.71 16.20
N THR H 89 -24.53 -26.43 17.32
CA THR H 89 -24.79 -25.29 18.23
C THR H 89 -24.01 -24.08 17.72
N LYS H 90 -24.28 -22.91 18.28
CA LYS H 90 -23.52 -21.65 17.98
C LYS H 90 -22.07 -21.84 18.44
N LYS H 91 -21.83 -22.61 19.51
CA LYS H 91 -20.47 -22.97 20.01
C LYS H 91 -19.79 -23.95 19.04
N GLY H 92 -20.58 -24.71 18.25
CA GLY H 92 -20.08 -25.57 17.15
C GLY H 92 -20.74 -26.93 17.14
N CYS H 93 -20.05 -27.95 16.61
CA CYS H 93 -20.51 -29.38 16.62
C CYS H 93 -20.33 -29.94 18.04
N LYS H 94 -21.40 -29.94 18.82
CA LYS H 94 -21.43 -30.53 20.19
C LYS H 94 -22.20 -31.85 20.11
N ASP H 95 -21.72 -32.86 20.83
CA ASP H 95 -22.36 -34.21 20.93
C ASP H 95 -23.71 -34.08 21.63
N CYS H 96 -24.63 -35.00 21.36
CA CYS H 96 -25.96 -35.11 22.02
C CYS H 96 -25.74 -35.46 23.49
N CYS H 97 -26.56 -34.88 24.37
CA CYS H 97 -26.61 -35.18 25.83
C CYS H 97 -27.09 -36.62 26.02
N PHE H 98 -27.11 -37.10 27.27
CA PHE H 98 -27.27 -38.54 27.59
C PHE H 98 -28.59 -39.10 27.02
N GLY H 99 -29.73 -38.52 27.38
CA GLY H 99 -31.06 -39.10 27.10
C GLY H 99 -31.59 -38.83 25.70
N THR H 100 -30.72 -38.41 24.78
CA THR H 100 -31.13 -37.77 23.49
C THR H 100 -30.24 -38.30 22.37
N PHE H 101 -30.78 -38.34 21.14
CA PHE H 101 -30.15 -38.98 19.94
C PHE H 101 -30.47 -38.22 18.66
N ASN H 102 -29.61 -38.36 17.63
CA ASN H 102 -29.78 -37.68 16.31
C ASN H 102 -29.42 -38.66 15.18
N ASP H 103 -30.44 -39.17 14.48
CA ASP H 103 -30.26 -40.18 13.41
C ASP H 103 -29.98 -39.48 12.08
N GLN H 104 -30.19 -38.16 11.98
CA GLN H 104 -30.24 -37.40 10.69
C GLN H 104 -28.90 -36.72 10.38
N LYS H 105 -28.76 -36.19 9.16
CA LYS H 105 -27.54 -35.49 8.63
C LYS H 105 -27.52 -34.02 9.03
N ARG H 106 -28.65 -33.50 9.52
CA ARG H 106 -28.82 -32.09 9.98
C ARG H 106 -30.01 -32.02 10.96
N GLY H 107 -30.06 -30.97 11.77
CA GLY H 107 -31.13 -30.76 12.77
C GLY H 107 -30.68 -31.17 14.16
N ILE H 108 -31.58 -31.00 15.12
CA ILE H 108 -31.28 -31.02 16.59
C ILE H 108 -31.32 -32.46 17.10
N CYS H 109 -30.73 -32.70 18.29
CA CYS H 109 -30.89 -33.97 19.07
C CYS H 109 -32.34 -34.01 19.60
N ARG H 110 -32.97 -35.19 19.54
CA ARG H 110 -34.36 -35.47 19.99
C ARG H 110 -34.24 -36.41 21.19
N PRO H 111 -35.14 -36.34 22.20
CA PRO H 111 -35.10 -37.28 23.31
C PRO H 111 -35.49 -38.70 22.87
N TRP H 112 -34.87 -39.73 23.47
CA TRP H 112 -35.22 -41.16 23.24
C TRP H 112 -36.72 -41.36 23.41
N THR H 113 -37.28 -42.39 22.79
CA THR H 113 -38.71 -42.76 22.96
C THR H 113 -38.89 -43.31 24.38
N ASN H 114 -39.88 -42.80 25.10
CA ASN H 114 -40.37 -43.35 26.38
C ASN H 114 -41.28 -44.54 26.05
N CYS H 115 -40.77 -45.74 26.33
CA CYS H 115 -41.44 -47.04 26.04
C CYS H 115 -42.76 -47.12 26.82
N SER H 116 -42.74 -46.68 28.09
CA SER H 116 -43.90 -46.65 29.03
C SER H 116 -45.15 -46.10 28.35
N LEU H 117 -45.00 -45.05 27.55
CA LEU H 117 -46.12 -44.35 26.86
C LEU H 117 -46.96 -45.34 26.05
N ASP H 118 -46.31 -46.21 25.27
CA ASP H 118 -46.99 -47.22 24.40
C ASP H 118 -47.11 -48.56 25.15
N GLY H 119 -46.81 -48.62 26.45
CA GLY H 119 -46.96 -49.80 27.31
C GLY H 119 -45.67 -50.60 27.45
N LYS H 120 -44.79 -50.56 26.46
CA LYS H 120 -43.61 -51.49 26.35
C LYS H 120 -42.55 -51.13 27.42
N SER H 121 -41.51 -51.96 27.54
CA SER H 121 -40.34 -51.76 28.42
C SER H 121 -39.07 -51.65 27.57
N VAL H 122 -38.08 -50.88 28.04
CA VAL H 122 -36.75 -50.69 27.40
C VAL H 122 -36.06 -52.07 27.26
N LEU H 123 -36.15 -52.68 26.08
CA LEU H 123 -35.49 -53.98 25.76
C LEU H 123 -33.98 -53.73 25.63
N VAL H 124 -33.57 -52.81 24.76
CA VAL H 124 -32.16 -52.39 24.49
C VAL H 124 -32.02 -50.86 24.65
N ASN H 125 -30.89 -50.38 25.19
CA ASN H 125 -30.61 -48.94 25.42
C ASN H 125 -30.51 -48.21 24.09
N GLY H 126 -30.76 -46.90 24.10
CA GLY H 126 -30.42 -45.98 23.01
C GLY H 126 -28.96 -45.55 23.08
N THR H 127 -28.56 -44.64 22.19
CA THR H 127 -27.23 -43.96 22.22
C THR H 127 -27.35 -42.60 21.53
N LYS H 128 -26.27 -41.83 21.48
CA LYS H 128 -26.18 -40.56 20.70
C LYS H 128 -26.67 -40.80 19.27
N GLU H 129 -26.28 -41.93 18.66
CA GLU H 129 -26.56 -42.24 17.23
C GLU H 129 -27.99 -42.74 17.01
N ARG H 130 -28.63 -43.42 17.98
CA ARG H 130 -29.92 -44.13 17.71
C ARG H 130 -30.83 -44.24 18.95
N ASP H 131 -32.12 -44.48 18.69
CA ASP H 131 -33.22 -44.59 19.67
C ASP H 131 -33.09 -45.88 20.48
N VAL H 132 -33.83 -45.96 21.59
CA VAL H 132 -34.06 -47.18 22.41
C VAL H 132 -34.77 -48.24 21.54
N VAL H 133 -34.53 -49.53 21.82
CA VAL H 133 -35.38 -50.69 21.39
C VAL H 133 -36.38 -51.00 22.52
N CYS H 134 -37.67 -50.71 22.31
CA CYS H 134 -38.78 -51.02 23.26
C CYS H 134 -39.31 -52.41 22.93
N GLY H 135 -39.91 -53.10 23.92
CA GLY H 135 -40.63 -54.36 23.71
C GLY H 135 -41.09 -55.06 25.00
N PRO H 136 -42.11 -55.96 24.91
CA PRO H 136 -42.64 -56.66 26.08
C PRO H 136 -41.69 -57.76 26.57
N ASP I 3 -6.02 39.28 -14.81
CA ASP I 3 -5.71 38.31 -13.73
C ASP I 3 -7.05 37.81 -13.19
N LEU I 4 -7.72 37.06 -14.06
CA LEU I 4 -8.78 36.06 -13.71
C LEU I 4 -8.21 34.92 -12.84
N GLY I 5 -6.96 34.55 -13.08
CA GLY I 5 -6.20 33.51 -12.37
C GLY I 5 -6.14 33.74 -10.87
N LYS I 6 -5.90 34.97 -10.40
CA LYS I 6 -5.81 35.30 -8.93
C LYS I 6 -7.16 35.01 -8.27
N LYS I 7 -8.27 35.38 -8.92
CA LYS I 7 -9.66 35.14 -8.44
C LYS I 7 -9.97 33.63 -8.43
N LEU I 8 -9.41 32.87 -9.38
CA LEU I 8 -9.59 31.39 -9.49
C LEU I 8 -8.87 30.67 -8.34
N LEU I 9 -7.67 31.15 -7.98
CA LEU I 9 -6.86 30.63 -6.85
C LEU I 9 -7.65 30.75 -5.56
N LYS I 10 -8.20 31.94 -5.26
CA LYS I 10 -8.98 32.18 -4.02
C LYS I 10 -10.23 31.30 -4.04
N ALA I 11 -10.92 31.23 -5.19
CA ALA I 11 -12.12 30.40 -5.40
C ALA I 11 -11.83 28.93 -5.07
N ALA I 12 -10.74 28.39 -5.60
CA ALA I 12 -10.26 26.99 -5.36
C ALA I 12 -9.89 26.81 -3.89
N GLN I 13 -9.20 27.80 -3.31
CA GLN I 13 -8.72 27.80 -1.89
C GLN I 13 -9.93 27.75 -0.95
N GLU I 14 -10.84 28.72 -1.09
CA GLU I 14 -12.04 28.90 -0.24
C GLU I 14 -12.94 27.65 -0.35
N GLY I 15 -12.92 26.97 -1.50
CA GLY I 15 -13.70 25.75 -1.77
C GLY I 15 -15.08 26.06 -2.33
N GLN I 16 -15.20 27.13 -3.12
CA GLN I 16 -16.47 27.66 -3.66
C GLN I 16 -16.67 27.09 -5.07
N ASP I 17 -17.40 25.98 -5.16
CA ASP I 17 -17.52 25.12 -6.37
C ASP I 17 -18.13 25.95 -7.51
N ASP I 18 -19.22 26.68 -7.25
CA ASP I 18 -19.95 27.46 -8.29
C ASP I 18 -19.08 28.62 -8.79
N GLU I 19 -18.38 29.32 -7.89
CA GLU I 19 -17.53 30.50 -8.21
C GLU I 19 -16.36 30.08 -9.13
N VAL I 20 -15.82 28.87 -8.94
CA VAL I 20 -14.77 28.27 -9.81
C VAL I 20 -15.38 28.07 -11.20
N ARG I 21 -16.53 27.38 -11.28
CA ARG I 21 -17.22 27.03 -12.55
C ARG I 21 -17.45 28.31 -13.37
N GLU I 22 -17.94 29.39 -12.72
CA GLU I 22 -18.19 30.72 -13.35
C GLU I 22 -16.87 31.28 -13.91
N LEU I 23 -15.83 31.34 -13.07
CA LEU I 23 -14.50 31.96 -13.40
C LEU I 23 -13.81 31.19 -14.53
N LEU I 24 -13.92 29.85 -14.53
CA LEU I 24 -13.40 28.99 -15.63
C LEU I 24 -14.18 29.31 -16.92
N LYS I 25 -15.51 29.31 -16.85
CA LYS I 25 -16.43 29.54 -18.01
C LYS I 25 -16.30 30.97 -18.53
N ALA I 26 -15.79 31.91 -17.71
CA ALA I 26 -15.44 33.30 -18.10
C ALA I 26 -14.02 33.36 -18.71
N GLY I 27 -13.40 32.22 -19.03
CA GLY I 27 -12.12 32.12 -19.76
C GLY I 27 -10.93 32.46 -18.89
N ALA I 28 -10.91 31.98 -17.63
CA ALA I 28 -9.72 32.05 -16.74
C ALA I 28 -8.71 30.99 -17.18
N ASP I 29 -7.41 31.29 -17.07
CA ASP I 29 -6.29 30.33 -17.32
C ASP I 29 -6.32 29.27 -16.22
N VAL I 30 -6.60 28.02 -16.60
CA VAL I 30 -6.71 26.85 -15.67
C VAL I 30 -5.34 26.55 -15.04
N ASN I 31 -4.22 26.91 -15.70
CA ASN I 31 -2.83 26.64 -15.23
C ASN I 31 -2.19 27.92 -14.66
N ALA I 32 -2.98 28.79 -14.02
CA ALA I 32 -2.55 30.12 -13.53
C ALA I 32 -1.64 29.96 -12.31
N LYS I 33 -0.34 30.17 -12.50
CA LYS I 33 0.68 30.18 -11.40
C LYS I 33 0.50 31.45 -10.56
N ASP I 34 0.86 31.39 -9.27
CA ASP I 34 1.23 32.58 -8.45
C ASP I 34 2.77 32.69 -8.51
N LEU I 35 3.36 33.52 -7.64
CA LEU I 35 4.83 33.73 -7.61
C LEU I 35 5.53 32.46 -7.09
N ARG I 36 4.84 31.64 -6.29
CA ARG I 36 5.36 30.36 -5.74
C ARG I 36 5.06 29.19 -6.69
N GLY I 37 4.58 29.46 -7.91
CA GLY I 37 4.32 28.43 -8.93
C GLY I 37 3.12 27.57 -8.60
N ILE I 38 2.22 28.06 -7.72
CA ILE I 38 1.06 27.30 -7.18
C ILE I 38 -0.15 27.54 -8.11
N THR I 39 -0.59 26.49 -8.81
CA THR I 39 -1.80 26.47 -9.68
C THR I 39 -3.05 26.26 -8.83
N PRO I 40 -4.26 26.55 -9.35
CA PRO I 40 -5.51 26.17 -8.67
C PRO I 40 -5.56 24.70 -8.25
N LEU I 41 -5.00 23.79 -9.05
CA LEU I 41 -5.02 22.33 -8.78
C LEU I 41 -4.21 22.02 -7.52
N HIS I 42 -3.00 22.58 -7.38
CA HIS I 42 -2.15 22.49 -6.16
C HIS I 42 -2.98 22.87 -4.93
N VAL I 43 -3.63 24.04 -4.99
CA VAL I 43 -4.44 24.66 -3.89
C VAL I 43 -5.57 23.70 -3.52
N ALA I 44 -6.35 23.26 -4.52
CA ALA I 44 -7.49 22.33 -4.36
C ALA I 44 -6.98 21.01 -3.77
N ALA I 45 -5.84 20.52 -4.26
CA ALA I 45 -5.18 19.27 -3.81
C ALA I 45 -4.75 19.44 -2.35
N TRP I 46 -4.17 20.60 -2.00
CA TRP I 46 -3.70 20.93 -0.63
C TRP I 46 -4.89 20.93 0.36
N GLN I 47 -6.03 21.44 -0.09
CA GLN I 47 -7.20 21.85 0.74
C GLN I 47 -8.31 20.79 0.68
N GLY I 48 -8.13 19.70 -0.08
CA GLY I 48 -9.03 18.54 -0.07
C GLY I 48 -10.36 18.79 -0.77
N HIS I 49 -10.40 19.63 -1.81
CA HIS I 49 -11.63 19.97 -2.57
C HIS I 49 -11.77 19.06 -3.79
N LEU I 50 -12.06 17.77 -3.57
CA LEU I 50 -12.14 16.70 -4.61
C LEU I 50 -13.03 17.18 -5.77
N GLU I 51 -14.29 17.46 -5.44
CA GLU I 51 -15.28 18.28 -6.17
C GLU I 51 -14.56 19.20 -7.20
N ILE I 52 -13.72 20.11 -6.73
CA ILE I 52 -13.06 21.17 -7.58
C ILE I 52 -11.88 20.56 -8.35
N VAL I 53 -11.14 19.65 -7.73
CA VAL I 53 -9.98 18.95 -8.37
C VAL I 53 -10.47 18.28 -9.65
N GLU I 54 -11.63 17.62 -9.61
CA GLU I 54 -12.19 16.87 -10.76
C GLU I 54 -12.50 17.82 -11.91
N VAL I 55 -13.18 18.95 -11.63
CA VAL I 55 -13.64 19.89 -12.68
C VAL I 55 -12.43 20.65 -13.27
N LEU I 56 -11.41 20.96 -12.45
CA LEU I 56 -10.16 21.63 -12.91
C LEU I 56 -9.39 20.72 -13.88
N LEU I 57 -9.27 19.44 -13.54
CA LEU I 57 -8.62 18.40 -14.40
C LEU I 57 -9.41 18.25 -15.69
N LYS I 58 -10.74 18.14 -15.59
CA LYS I 58 -11.69 17.99 -16.73
C LYS I 58 -11.59 19.20 -17.66
N ALA I 59 -11.20 20.37 -17.13
CA ALA I 59 -10.96 21.62 -17.89
C ALA I 59 -9.48 21.76 -18.30
N GLY I 60 -8.69 20.68 -18.25
CA GLY I 60 -7.33 20.62 -18.80
C GLY I 60 -6.28 21.29 -17.91
N ALA I 61 -6.35 21.08 -16.59
CA ALA I 61 -5.30 21.48 -15.63
C ALA I 61 -4.10 20.55 -15.78
N ASP I 62 -2.88 21.09 -15.69
CA ASP I 62 -1.62 20.31 -15.77
C ASP I 62 -1.48 19.51 -14.47
N VAL I 63 -1.69 18.19 -14.53
CA VAL I 63 -1.64 17.24 -13.38
C VAL I 63 -0.21 17.16 -12.81
N ASN I 64 0.82 17.36 -13.63
CA ASN I 64 2.25 17.28 -13.21
C ASN I 64 2.88 18.68 -13.13
N ALA I 65 2.07 19.72 -12.88
CA ALA I 65 2.53 21.10 -12.65
C ALA I 65 3.43 21.11 -11.41
N LYS I 66 4.63 21.69 -11.52
CA LYS I 66 5.60 21.85 -10.40
C LYS I 66 5.36 23.21 -9.73
N ASP I 67 5.46 23.28 -8.41
CA ASP I 67 5.59 24.56 -7.67
C ASP I 67 7.06 24.96 -7.74
N SER I 68 7.40 26.12 -7.17
CA SER I 68 8.77 26.70 -7.19
C SER I 68 9.78 25.72 -6.58
N LYS I 69 9.38 24.90 -5.60
CA LYS I 69 10.28 23.91 -4.92
C LYS I 69 10.04 22.49 -5.44
N GLY I 70 9.33 22.34 -6.56
CA GLY I 70 9.26 21.07 -7.32
C GLY I 70 8.15 20.14 -6.88
N GLU I 71 7.24 20.60 -6.02
CA GLU I 71 6.10 19.79 -5.48
C GLU I 71 4.96 19.85 -6.49
N THR I 72 4.37 18.69 -6.80
CA THR I 72 3.21 18.52 -7.72
C THR I 72 1.91 18.43 -6.91
N PRO I 73 0.73 18.64 -7.52
CA PRO I 73 -0.54 18.44 -6.81
C PRO I 73 -0.63 17.05 -6.15
N LEU I 74 -0.03 16.01 -6.75
CA LEU I 74 -0.02 14.66 -6.14
C LEU I 74 0.78 14.69 -4.83
N HIS I 75 1.96 15.32 -4.82
CA HIS I 75 2.80 15.54 -3.61
C HIS I 75 1.94 16.15 -2.48
N LEU I 76 1.16 17.18 -2.80
CA LEU I 76 0.36 17.95 -1.82
C LEU I 76 -0.77 17.06 -1.29
N ALA I 77 -1.57 16.49 -2.20
CA ALA I 77 -2.64 15.52 -1.90
C ALA I 77 -2.09 14.39 -1.02
N ALA I 78 -0.92 13.87 -1.36
CA ALA I 78 -0.23 12.77 -0.64
C ALA I 78 0.10 13.21 0.79
N PHE I 79 0.73 14.37 0.92
CA PHE I 79 1.16 14.97 2.21
C PHE I 79 -0.04 15.28 3.09
N ARG I 80 -1.14 15.76 2.50
CA ARG I 80 -2.32 16.28 3.23
C ARG I 80 -3.35 15.16 3.50
N GLY I 81 -3.08 13.93 3.04
CA GLY I 81 -3.89 12.74 3.38
C GLY I 81 -5.23 12.71 2.67
N HIS I 82 -5.26 13.03 1.38
CA HIS I 82 -6.49 13.08 0.55
C HIS I 82 -6.46 11.94 -0.48
N LEU I 83 -6.64 10.70 -0.02
CA LEU I 83 -6.56 9.45 -0.86
C LEU I 83 -7.43 9.58 -2.11
N GLU I 84 -8.64 10.12 -1.98
CA GLU I 84 -9.62 10.22 -3.10
C GLU I 84 -9.06 11.14 -4.18
N ILE I 85 -8.48 12.28 -3.79
CA ILE I 85 -7.83 13.25 -4.72
C ILE I 85 -6.59 12.60 -5.34
N VAL I 86 -5.81 11.89 -4.53
CA VAL I 86 -4.62 11.13 -5.02
C VAL I 86 -5.08 10.22 -6.15
N GLU I 87 -6.13 9.44 -5.94
CA GLU I 87 -6.63 8.42 -6.88
C GLU I 87 -7.08 9.11 -8.18
N VAL I 88 -7.84 10.21 -8.07
CA VAL I 88 -8.34 10.99 -9.24
C VAL I 88 -7.16 11.53 -10.06
N LEU I 89 -6.14 12.06 -9.39
CA LEU I 89 -4.91 12.61 -10.03
C LEU I 89 -4.18 11.51 -10.80
N LEU I 90 -4.08 10.32 -10.21
CA LEU I 90 -3.44 9.13 -10.83
C LEU I 90 -4.19 8.77 -12.11
N LYS I 91 -5.54 8.66 -12.06
CA LYS I 91 -6.41 8.38 -13.23
C LYS I 91 -6.20 9.43 -14.33
N ALA I 92 -5.90 10.68 -13.95
CA ALA I 92 -5.62 11.79 -14.89
C ALA I 92 -4.13 11.83 -15.29
N GLY I 93 -3.35 10.79 -14.96
CA GLY I 93 -1.97 10.60 -15.45
C GLY I 93 -0.95 11.37 -14.62
N ALA I 94 -1.05 11.30 -13.29
CA ALA I 94 -0.09 11.94 -12.35
C ALA I 94 1.21 11.13 -12.32
N ASP I 95 2.37 11.80 -12.21
CA ASP I 95 3.70 11.15 -12.19
C ASP I 95 3.94 10.60 -10.78
N VAL I 96 3.77 9.29 -10.60
CA VAL I 96 3.79 8.59 -9.28
C VAL I 96 5.22 8.49 -8.74
N ASN I 97 6.26 8.48 -9.59
CA ASN I 97 7.69 8.33 -9.19
C ASN I 97 8.38 9.71 -9.03
N ALA I 98 7.65 10.81 -9.26
CA ALA I 98 8.19 12.17 -9.41
C ALA I 98 8.87 12.58 -8.10
N GLN I 99 10.08 13.11 -8.21
CA GLN I 99 10.84 13.72 -7.09
C GLN I 99 10.54 15.23 -7.07
N ASP I 100 10.65 15.84 -5.90
CA ASP I 100 10.65 17.33 -5.69
C ASP I 100 12.12 17.77 -5.66
N GLN I 101 12.39 19.07 -5.49
CA GLN I 101 13.80 19.56 -5.38
C GLN I 101 14.54 18.79 -4.27
N GLN I 102 13.86 18.44 -3.17
CA GLN I 102 14.45 17.76 -1.97
C GLN I 102 14.55 16.24 -2.18
N GLY I 103 14.16 15.75 -3.36
CA GLY I 103 14.40 14.37 -3.81
C GLY I 103 13.43 13.42 -3.14
N GLU I 104 12.16 13.83 -2.96
CA GLU I 104 11.15 13.06 -2.21
C GLU I 104 9.92 12.83 -3.08
N THR I 105 9.49 11.56 -3.16
CA THR I 105 8.29 11.10 -3.91
C THR I 105 7.05 11.41 -3.10
N PRO I 106 5.85 11.46 -3.71
CA PRO I 106 4.60 11.63 -2.95
C PRO I 106 4.46 10.56 -1.84
N ALA I 107 4.82 9.32 -2.17
CA ALA I 107 4.91 8.18 -1.23
C ALA I 107 5.73 8.57 0.01
N ASP I 108 6.85 9.28 -0.18
CA ASP I 108 7.72 9.74 0.94
C ASP I 108 6.98 10.77 1.79
N LEU I 109 6.30 11.75 1.16
CA LEU I 109 5.55 12.82 1.85
C LEU I 109 4.38 12.20 2.63
N ALA I 110 3.68 11.22 2.05
CA ALA I 110 2.60 10.49 2.73
C ALA I 110 3.16 9.87 4.02
N ALA I 111 4.30 9.20 3.94
CA ALA I 111 4.98 8.55 5.09
C ALA I 111 5.40 9.61 6.11
N LEU I 112 5.95 10.74 5.64
CA LEU I 112 6.41 11.87 6.48
C LEU I 112 5.26 12.41 7.34
N ALA I 113 4.08 12.59 6.75
CA ALA I 113 2.85 13.08 7.40
C ALA I 113 2.11 11.95 8.13
N GLY I 114 2.65 10.72 8.12
CA GLY I 114 2.07 9.55 8.81
C GLY I 114 0.76 9.09 8.17
N HIS I 115 0.69 9.14 6.84
CA HIS I 115 -0.42 8.56 6.05
C HIS I 115 0.13 7.35 5.30
N VAL I 116 0.46 6.28 6.04
CA VAL I 116 1.16 5.09 5.50
C VAL I 116 0.22 4.38 4.53
N ASP I 117 -1.06 4.26 4.88
CA ASP I 117 -2.14 3.78 3.96
C ASP I 117 -1.89 4.33 2.56
N ILE I 118 -1.84 5.66 2.42
CA ILE I 118 -1.65 6.39 1.12
C ILE I 118 -0.26 6.08 0.55
N ALA I 119 0.79 6.13 1.38
CA ALA I 119 2.18 5.85 0.97
C ALA I 119 2.25 4.48 0.31
N GLU I 120 1.61 3.47 0.90
CA GLU I 120 1.60 2.08 0.38
C GLU I 120 0.93 2.05 -0.99
N VAL I 121 -0.19 2.74 -1.15
CA VAL I 121 -0.94 2.87 -2.44
C VAL I 121 0.03 3.43 -3.50
N LEU I 122 0.74 4.51 -3.18
CA LEU I 122 1.66 5.19 -4.12
C LEU I 122 2.90 4.33 -4.39
N GLN I 123 3.31 3.51 -3.44
CA GLN I 123 4.50 2.61 -3.57
C GLN I 123 4.32 1.51 -4.63
N LYS I 124 3.11 1.24 -5.07
CA LYS I 124 2.74 0.52 -6.33
C LYS I 124 3.70 0.81 -7.51
N ALA I 125 4.15 2.06 -7.62
CA ALA I 125 5.21 2.55 -8.51
C ALA I 125 6.52 1.76 -8.33
N ALA I 126 6.77 0.83 -9.25
CA ALA I 126 7.98 -0.04 -9.32
C ALA I 126 8.11 -0.87 -8.04
N GLN J 1 -9.19 42.88 -2.17
CA GLN J 1 -10.34 41.93 -1.90
C GLN J 1 -9.81 40.58 -1.37
N ASP J 2 -8.64 40.13 -1.83
CA ASP J 2 -7.96 38.90 -1.33
C ASP J 2 -7.43 39.16 0.08
N PRO J 3 -7.86 38.37 1.10
CA PRO J 3 -7.44 38.61 2.48
C PRO J 3 -6.13 37.89 2.89
N CYS J 4 -5.35 37.39 1.91
CA CYS J 4 -4.05 36.71 2.10
C CYS J 4 -3.11 37.62 2.89
N SER J 5 -3.04 38.91 2.54
CA SER J 5 -2.26 39.94 3.26
C SER J 5 -2.68 39.93 4.74
N ASN J 6 -1.70 40.09 5.62
CA ASN J 6 -1.86 40.13 7.10
C ASN J 6 -1.91 38.72 7.71
N CYS J 7 -1.89 37.65 6.91
CA CYS J 7 -1.61 36.28 7.43
C CYS J 7 -0.12 36.12 7.56
N PRO J 8 0.36 35.74 8.76
CA PRO J 8 1.80 35.76 9.04
C PRO J 8 2.49 34.47 8.59
N ALA J 9 3.81 34.45 8.68
CA ALA J 9 4.67 33.25 8.54
C ALA J 9 4.29 32.22 9.61
N GLY J 10 4.63 30.95 9.37
CA GLY J 10 4.17 29.80 10.17
C GLY J 10 2.71 29.48 9.95
N THR J 11 2.13 29.95 8.85
CA THR J 11 0.67 29.94 8.60
C THR J 11 0.42 30.04 7.09
N PHE J 12 -0.72 29.46 6.64
CA PHE J 12 -1.17 29.48 5.23
C PHE J 12 -2.64 29.91 5.13
N CYS J 13 -3.03 30.49 3.98
CA CYS J 13 -4.41 30.97 3.72
C CYS J 13 -5.38 29.79 3.58
N ASP J 14 -6.55 29.86 4.23
CA ASP J 14 -7.52 28.74 4.41
C ASP J 14 -8.89 29.31 4.78
N ASN J 15 -9.88 29.25 3.90
CA ASN J 15 -11.28 29.72 4.18
C ASN J 15 -12.22 28.51 4.39
N ASN J 16 -12.00 27.39 3.68
CA ASN J 16 -12.65 26.08 3.94
C ASN J 16 -12.42 25.64 5.39
N GLN J 19 -12.15 29.96 9.97
CA GLN J 19 -10.78 30.52 10.15
C GLN J 19 -10.28 31.11 8.82
N ILE J 20 -9.56 32.24 8.90
CA ILE J 20 -9.04 33.01 7.73
C ILE J 20 -7.68 32.43 7.31
N CYS J 21 -6.83 32.06 8.28
CA CYS J 21 -5.55 31.31 8.09
C CYS J 21 -5.37 30.20 9.12
N SER J 22 -4.74 29.10 8.72
CA SER J 22 -4.42 27.94 9.60
C SER J 22 -2.90 27.83 9.81
N PRO J 23 -2.45 27.21 10.92
CA PRO J 23 -1.02 27.00 11.17
C PRO J 23 -0.49 25.93 10.22
N CYS J 24 0.76 26.07 9.78
CA CYS J 24 1.45 25.09 8.91
C CYS J 24 1.45 23.72 9.58
N PRO J 25 0.99 22.65 8.89
CA PRO J 25 0.95 21.32 9.50
C PRO J 25 2.35 20.80 9.85
N PRO J 26 2.46 19.74 10.68
CA PRO J 26 3.76 19.21 11.10
C PRO J 26 4.64 18.85 9.89
N ASN J 27 5.94 19.10 10.02
CA ASN J 27 6.97 18.89 8.96
C ASN J 27 6.69 19.79 7.75
N SER J 28 6.09 20.96 7.96
CA SER J 28 5.97 22.00 6.91
C SER J 28 6.25 23.36 7.54
N PHE J 29 6.59 24.36 6.72
CA PHE J 29 6.87 25.74 7.17
C PHE J 29 6.40 26.73 6.11
N SER J 30 6.02 27.93 6.56
CA SER J 30 5.81 29.15 5.75
C SER J 30 6.80 30.21 6.26
N SER J 31 7.75 30.64 5.42
CA SER J 31 8.75 31.70 5.73
C SER J 31 8.18 33.09 5.44
N ALA J 32 7.19 33.19 4.54
CA ALA J 32 6.70 34.47 3.99
C ALA J 32 5.49 34.99 4.78
N GLY J 33 4.43 34.19 4.88
CA GLY J 33 3.09 34.68 5.23
C GLY J 33 2.37 35.19 4.00
N GLY J 34 1.04 35.09 4.00
CA GLY J 34 0.18 35.41 2.84
C GLY J 34 0.21 34.34 1.75
N GLN J 35 0.79 33.18 2.03
CA GLN J 35 1.02 32.09 1.05
C GLN J 35 -0.09 31.04 1.19
N ARG J 36 -0.52 30.46 0.07
CA ARG J 36 -1.69 29.56 -0.02
C ARG J 36 -1.29 28.13 0.37
N THR J 37 0.01 27.83 0.39
CA THR J 37 0.57 26.48 0.69
C THR J 37 1.81 26.62 1.59
N CYS J 38 2.01 25.68 2.50
CA CYS J 38 3.25 25.55 3.30
C CYS J 38 4.28 24.72 2.52
N ASP J 39 5.55 25.16 2.49
CA ASP J 39 6.72 24.39 1.97
C ASP J 39 7.00 23.24 2.94
N ILE J 40 7.51 22.11 2.44
CA ILE J 40 7.86 20.90 3.25
C ILE J 40 9.27 21.09 3.84
N CYS J 41 9.44 20.67 5.09
CA CYS J 41 10.71 20.68 5.86
C CYS J 41 11.71 19.72 5.22
N ARG J 42 12.97 20.14 5.07
CA ARG J 42 14.10 19.27 4.67
C ARG J 42 14.22 18.13 5.69
N GLN J 43 14.20 16.88 5.22
CA GLN J 43 14.57 15.66 6.01
C GLN J 43 16.04 15.36 5.69
N CYS J 44 16.82 14.97 6.70
CA CYS J 44 18.29 14.85 6.61
C CYS J 44 18.79 13.65 7.41
N LYS J 45 18.92 12.52 6.73
CA LYS J 45 19.38 11.25 7.33
C LYS J 45 20.52 10.69 6.47
N GLY J 46 21.25 9.70 7.01
CA GLY J 46 22.36 9.01 6.34
C GLY J 46 23.57 9.90 6.17
N VAL J 47 23.86 10.31 4.94
CA VAL J 47 25.01 11.18 4.60
C VAL J 47 24.76 12.56 5.23
N PHE J 48 23.52 13.05 5.11
CA PHE J 48 23.05 14.33 5.67
C PHE J 48 22.80 14.18 7.17
N ARG J 49 23.26 15.19 7.92
CA ARG J 49 23.15 15.35 9.39
C ARG J 49 22.49 16.71 9.66
N THR J 50 21.53 16.78 10.59
CA THR J 50 20.68 17.98 10.82
C THR J 50 21.46 18.97 11.69
N ARG J 51 21.69 20.19 11.19
CA ARG J 51 22.45 21.29 11.84
C ARG J 51 21.45 22.21 12.54
N LYS J 52 20.40 22.63 11.82
CA LYS J 52 19.26 23.43 12.33
C LYS J 52 17.97 22.63 12.15
N GLU J 53 17.14 22.55 13.19
CA GLU J 53 15.83 21.85 13.18
C GLU J 53 14.82 22.68 12.38
N CYS J 54 13.77 22.02 11.86
CA CYS J 54 12.66 22.72 11.17
C CYS J 54 11.82 23.49 12.21
N SER J 55 11.41 24.73 11.90
CA SER J 55 10.39 25.51 12.65
C SER J 55 9.18 25.76 11.75
N SER J 56 8.09 26.28 12.31
CA SER J 56 6.87 26.71 11.55
C SER J 56 7.23 27.80 10.55
N THR J 57 8.23 28.62 10.85
CA THR J 57 8.59 29.84 10.09
C THR J 57 9.88 29.66 9.27
N SER J 58 10.70 28.64 9.58
CA SER J 58 12.03 28.43 8.94
C SER J 58 12.28 26.94 8.68
N ASN J 59 12.85 26.66 7.50
CA ASN J 59 13.25 25.29 7.06
C ASN J 59 14.38 24.78 7.94
N ALA J 60 14.49 23.45 8.06
CA ALA J 60 15.66 22.76 8.64
C ALA J 60 16.84 22.94 7.69
N GLU J 61 18.05 23.06 8.23
CA GLU J 61 19.32 23.18 7.48
C GLU J 61 20.17 22.00 7.89
N CYS J 62 21.15 21.61 7.06
CA CYS J 62 21.90 20.33 7.21
C CYS J 62 23.36 20.46 6.77
N ASP J 63 24.22 19.61 7.34
CA ASP J 63 25.63 19.41 6.92
C ASP J 63 25.81 17.92 6.64
N CYS J 64 27.00 17.52 6.17
CA CYS J 64 27.32 16.12 5.78
C CYS J 64 28.10 15.44 6.89
N THR J 65 27.86 14.14 7.07
CA THR J 65 28.55 13.27 8.04
C THR J 65 30.04 13.22 7.70
N PRO J 66 30.92 12.77 8.62
CA PRO J 66 32.33 12.57 8.32
C PRO J 66 32.57 11.68 7.10
N GLY J 67 33.61 12.01 6.33
CA GLY J 67 33.99 11.35 5.06
C GLY J 67 33.23 11.93 3.88
N PHE J 68 32.49 13.02 4.07
CA PHE J 68 31.72 13.74 3.03
C PHE J 68 31.81 15.24 3.29
N HIS J 69 31.46 16.06 2.30
CA HIS J 69 31.48 17.54 2.39
C HIS J 69 30.32 18.12 1.58
N CYS J 70 29.72 19.21 2.06
CA CYS J 70 28.57 19.89 1.42
C CYS J 70 28.97 20.48 0.07
N LEU J 71 28.01 20.55 -0.86
CA LEU J 71 28.11 21.30 -2.13
C LEU J 71 26.73 21.94 -2.42
N GLY J 72 26.72 23.21 -2.87
CA GLY J 72 25.50 23.94 -3.27
C GLY J 72 24.82 24.63 -2.09
N ALA J 73 23.90 25.56 -2.38
CA ALA J 73 23.14 26.35 -1.38
C ALA J 73 22.39 25.39 -0.44
N GLY J 74 22.51 25.61 0.86
CA GLY J 74 21.81 24.85 1.92
C GLY J 74 22.17 23.38 1.91
N CYS J 75 23.41 23.06 1.48
CA CYS J 75 23.96 21.69 1.45
C CYS J 75 22.99 20.77 0.70
N SER J 76 22.72 21.09 -0.57
CA SER J 76 21.80 20.38 -1.50
C SER J 76 22.23 18.92 -1.66
N MET J 77 23.54 18.69 -1.88
CA MET J 77 24.17 17.38 -2.11
C MET J 77 25.44 17.30 -1.26
N CYS J 78 25.84 16.07 -0.93
CA CYS J 78 27.15 15.73 -0.31
C CYS J 78 28.03 15.03 -1.33
N GLU J 79 29.33 15.33 -1.29
CA GLU J 79 30.38 14.75 -2.16
C GLU J 79 31.42 14.07 -1.27
N GLN J 80 31.94 12.91 -1.69
CA GLN J 80 32.94 12.10 -0.93
C GLN J 80 34.20 12.96 -0.69
N ASP J 81 34.70 13.00 0.55
CA ASP J 81 36.08 13.48 0.84
C ASP J 81 37.06 12.46 0.24
N CYS J 82 38.16 12.95 -0.35
CA CYS J 82 39.37 12.14 -0.63
C CYS J 82 40.49 12.69 0.25
N LYS J 83 41.53 11.87 0.43
CA LYS J 83 42.74 12.27 1.19
C LYS J 83 43.51 13.33 0.41
N GLN J 84 44.55 13.90 1.01
CA GLN J 84 45.58 14.68 0.28
C GLN J 84 46.40 13.70 -0.57
N GLY J 85 46.83 14.15 -1.75
CA GLY J 85 47.42 13.24 -2.75
C GLY J 85 46.44 12.23 -3.31
N GLN J 86 45.18 12.62 -3.40
CA GLN J 86 44.14 12.00 -4.25
C GLN J 86 43.34 13.12 -4.91
N GLU J 87 42.60 12.78 -5.97
CA GLU J 87 41.52 13.65 -6.52
C GLU J 87 40.29 12.78 -6.75
N LEU J 88 39.11 13.41 -6.82
CA LEU J 88 37.82 12.71 -7.00
C LEU J 88 37.47 12.67 -8.49
N THR J 89 37.70 11.52 -9.12
CA THR J 89 37.27 11.16 -10.49
C THR J 89 35.84 10.61 -10.44
N LYS J 90 35.21 10.41 -11.60
CA LYS J 90 33.89 9.73 -11.71
C LYS J 90 34.04 8.27 -11.25
N LYS J 91 35.23 7.66 -11.45
CA LYS J 91 35.58 6.30 -10.93
C LYS J 91 35.70 6.32 -9.39
N GLY J 92 35.99 7.48 -8.80
CA GLY J 92 35.97 7.72 -7.34
C GLY J 92 37.22 8.46 -6.89
N CYS J 93 37.60 8.25 -5.62
CA CYS J 93 38.88 8.73 -5.04
C CYS J 93 40.03 7.92 -5.60
N LYS J 94 40.71 8.47 -6.62
CA LYS J 94 41.92 7.90 -7.24
C LYS J 94 43.14 8.67 -6.71
N ASP J 95 44.20 7.94 -6.40
CA ASP J 95 45.53 8.47 -5.98
C ASP J 95 46.12 9.30 -7.12
N CYS J 96 47.04 10.22 -6.80
CA CYS J 96 47.86 10.95 -7.81
C CYS J 96 48.80 9.98 -8.53
N CYS J 97 49.02 10.17 -9.83
CA CYS J 97 50.02 9.42 -10.65
C CYS J 97 51.43 9.77 -10.13
N PHE J 98 52.49 9.14 -10.66
CA PHE J 98 53.85 9.18 -10.05
C PHE J 98 54.38 10.63 -9.98
N GLY J 99 54.46 11.32 -11.11
CA GLY J 99 55.18 12.60 -11.22
C GLY J 99 54.34 13.81 -10.79
N THR J 100 53.29 13.60 -9.99
CA THR J 100 52.21 14.60 -9.71
C THR J 100 51.75 14.48 -8.25
N PHE J 101 51.23 15.57 -7.66
CA PHE J 101 50.94 15.72 -6.20
C PHE J 101 49.79 16.70 -5.94
N ASN J 102 49.09 16.53 -4.81
CA ASN J 102 47.92 17.35 -4.40
C ASN J 102 48.04 17.71 -2.91
N ASP J 103 48.42 18.96 -2.62
CA ASP J 103 48.64 19.47 -1.26
C ASP J 103 47.37 20.25 -0.83
N GLN J 104 46.21 20.06 -1.50
CA GLN J 104 44.86 20.50 -1.04
C GLN J 104 44.11 19.29 -0.44
N LYS J 105 43.00 19.55 0.26
CA LYS J 105 42.05 18.50 0.79
C LYS J 105 41.03 18.09 -0.27
N ARG J 106 40.90 18.91 -1.31
CA ARG J 106 40.18 18.58 -2.56
C ARG J 106 40.77 19.44 -3.69
N GLY J 107 40.68 18.96 -4.92
CA GLY J 107 41.29 19.57 -6.11
C GLY J 107 42.04 18.55 -6.94
N ILE J 108 42.67 19.01 -8.03
CA ILE J 108 43.36 18.17 -9.05
C ILE J 108 44.79 17.88 -8.58
N CYS J 109 45.39 16.81 -9.09
CA CYS J 109 46.84 16.55 -8.99
C CYS J 109 47.54 17.54 -9.94
N ARG J 110 48.62 18.14 -9.46
CA ARG J 110 49.48 19.10 -10.19
C ARG J 110 50.84 18.43 -10.35
N PRO J 111 51.58 18.67 -11.46
CA PRO J 111 52.86 18.01 -11.66
C PRO J 111 53.93 18.52 -10.69
N TRP J 112 54.83 17.64 -10.24
CA TRP J 112 56.04 17.98 -9.44
C TRP J 112 56.79 19.11 -10.13
N THR J 113 57.59 19.87 -9.36
CA THR J 113 58.43 20.97 -9.92
C THR J 113 59.56 20.33 -10.73
N ASN J 114 59.78 20.82 -11.96
CA ASN J 114 60.99 20.50 -12.77
C ASN J 114 62.13 21.40 -12.27
N CYS J 115 63.06 20.79 -11.54
CA CYS J 115 64.21 21.46 -10.87
C CYS J 115 65.09 22.13 -11.94
N SER J 116 65.31 21.46 -13.08
CA SER J 116 66.13 21.90 -14.23
C SER J 116 65.84 23.36 -14.59
N LEU J 117 64.56 23.75 -14.57
CA LEU J 117 64.10 25.11 -14.98
C LEU J 117 64.84 26.19 -14.17
N ASP J 118 64.93 26.02 -12.84
CA ASP J 118 65.58 26.99 -11.92
C ASP J 118 67.04 26.58 -11.65
N GLY J 119 67.61 25.65 -12.44
CA GLY J 119 69.02 25.26 -12.39
C GLY J 119 69.27 24.02 -11.54
N LYS J 120 68.45 23.79 -10.50
CA LYS J 120 68.70 22.77 -9.45
C LYS J 120 68.52 21.35 -10.01
N SER J 121 68.83 20.32 -9.22
CA SER J 121 68.73 18.87 -9.56
C SER J 121 67.82 18.15 -8.55
N VAL J 122 67.09 17.12 -8.98
CA VAL J 122 66.10 16.38 -8.12
C VAL J 122 66.87 15.68 -7.00
N LEU J 123 66.92 16.30 -5.81
CA LEU J 123 67.75 15.82 -4.69
C LEU J 123 67.01 14.66 -4.03
N VAL J 124 65.78 14.92 -3.59
CA VAL J 124 64.86 13.91 -2.98
C VAL J 124 63.58 13.87 -3.82
N ASN J 125 62.98 12.67 -4.00
CA ASN J 125 61.67 12.45 -4.67
C ASN J 125 60.56 13.12 -3.86
N GLY J 126 59.46 13.49 -4.52
CA GLY J 126 58.23 13.94 -3.86
C GLY J 126 57.33 12.77 -3.54
N THR J 127 56.03 13.01 -3.39
CA THR J 127 54.99 11.96 -3.26
C THR J 127 53.66 12.47 -3.79
N LYS J 128 52.62 11.63 -3.77
CA LYS J 128 51.21 12.01 -3.98
C LYS J 128 50.89 13.24 -3.11
N GLU J 129 51.36 13.29 -1.86
CA GLU J 129 51.01 14.36 -0.88
C GLU J 129 51.83 15.64 -1.11
N ARG J 130 53.07 15.58 -1.60
CA ARG J 130 53.99 16.76 -1.60
C ARG J 130 55.03 16.75 -2.74
N ASP J 131 55.60 17.93 -3.02
CA ASP J 131 56.55 18.24 -4.12
C ASP J 131 57.92 17.59 -3.87
N VAL J 132 58.72 17.52 -4.92
CA VAL J 132 60.16 17.11 -4.92
C VAL J 132 60.96 18.10 -4.06
N VAL J 133 62.10 17.63 -3.50
CA VAL J 133 63.18 18.48 -2.92
C VAL J 133 64.26 18.68 -4.00
N CYS J 134 64.40 19.90 -4.52
CA CYS J 134 65.42 20.27 -5.53
C CYS J 134 66.70 20.74 -4.81
N GLY J 135 67.86 20.65 -5.46
CA GLY J 135 69.16 21.11 -4.93
C GLY J 135 70.41 20.55 -5.62
N PRO J 136 71.62 21.16 -5.40
CA PRO J 136 72.85 20.72 -6.07
C PRO J 136 73.40 19.42 -5.49
N ASP K 3 1.19 -36.10 19.00
CA ASP K 3 2.32 -36.30 19.98
C ASP K 3 3.46 -35.37 19.52
N LEU K 4 3.93 -35.51 18.28
CA LEU K 4 4.90 -34.58 17.66
C LEU K 4 4.13 -33.32 17.24
N GLY K 5 2.97 -33.48 16.58
CA GLY K 5 2.16 -32.38 16.04
C GLY K 5 1.73 -31.38 17.12
N LYS K 6 1.21 -31.90 18.24
CA LYS K 6 0.75 -31.11 19.40
C LYS K 6 1.92 -30.32 20.00
N LYS K 7 3.10 -30.96 20.11
CA LYS K 7 4.33 -30.34 20.69
C LYS K 7 4.84 -29.22 19.78
N LEU K 8 4.68 -29.37 18.46
CA LEU K 8 5.12 -28.38 17.44
C LEU K 8 4.23 -27.13 17.49
N LEU K 9 2.92 -27.32 17.67
CA LEU K 9 1.93 -26.21 17.78
C LEU K 9 2.29 -25.32 18.98
N LYS K 10 2.51 -25.94 20.15
CA LYS K 10 2.89 -25.25 21.40
C LYS K 10 4.24 -24.53 21.19
N ALA K 11 5.20 -25.22 20.58
CA ALA K 11 6.56 -24.71 20.28
C ALA K 11 6.46 -23.42 19.46
N ALA K 12 5.68 -23.46 18.37
CA ALA K 12 5.41 -22.33 17.46
C ALA K 12 4.70 -21.19 18.21
N GLN K 13 3.71 -21.54 19.03
CA GLN K 13 2.90 -20.59 19.85
C GLN K 13 3.81 -19.84 20.84
N GLU K 14 4.54 -20.61 21.66
CA GLU K 14 5.45 -20.09 22.73
C GLU K 14 6.53 -19.20 22.12
N GLY K 15 6.94 -19.46 20.87
CA GLY K 15 7.93 -18.68 20.11
C GLY K 15 9.34 -19.21 20.34
N GLN K 16 9.48 -20.54 20.31
CA GLN K 16 10.76 -21.25 20.55
C GLN K 16 11.32 -21.65 19.18
N ASP K 17 12.20 -20.82 18.60
CA ASP K 17 12.81 -20.99 17.26
C ASP K 17 13.59 -22.32 17.22
N ASP K 18 14.42 -22.57 18.23
CA ASP K 18 15.30 -23.78 18.31
C ASP K 18 14.43 -25.03 18.50
N GLU K 19 13.40 -24.97 19.34
CA GLU K 19 12.47 -26.11 19.66
C GLU K 19 11.73 -26.55 18.39
N VAL K 20 11.38 -25.61 17.51
CA VAL K 20 10.76 -25.90 16.18
C VAL K 20 11.78 -26.66 15.33
N ARG K 21 13.01 -26.12 15.20
CA ARG K 21 14.10 -26.71 14.37
C ARG K 21 14.32 -28.17 14.78
N GLU K 22 14.41 -28.44 16.10
CA GLU K 22 14.60 -29.80 16.68
C GLU K 22 13.43 -30.70 16.28
N LEU K 23 12.20 -30.25 16.52
CA LEU K 23 10.95 -31.05 16.32
C LEU K 23 10.75 -31.36 14.84
N LEU K 24 11.06 -30.41 13.95
CA LEU K 24 11.01 -30.61 12.47
C LEU K 24 12.06 -31.65 12.08
N LYS K 25 13.31 -31.49 12.57
CA LYS K 25 14.46 -32.41 12.28
C LYS K 25 14.21 -33.81 12.88
N ALA K 26 13.33 -33.92 13.89
CA ALA K 26 12.87 -35.20 14.49
C ALA K 26 11.67 -35.79 13.69
N GLY K 27 11.35 -35.22 12.53
CA GLY K 27 10.32 -35.75 11.59
C GLY K 27 8.90 -35.48 12.08
N ALA K 28 8.63 -34.27 12.57
CA ALA K 28 7.26 -33.82 12.94
C ALA K 28 6.50 -33.44 11.66
N ASP K 29 5.18 -33.65 11.63
CA ASP K 29 4.29 -33.19 10.52
C ASP K 29 4.20 -31.66 10.60
N VAL K 30 4.73 -30.96 9.59
CA VAL K 30 4.76 -29.48 9.50
C VAL K 30 3.33 -28.93 9.34
N ASN K 31 2.39 -29.73 8.81
CA ASN K 31 0.98 -29.33 8.52
C ASN K 31 0.03 -29.92 9.59
N ALA K 32 0.48 -30.07 10.84
CA ALA K 32 -0.26 -30.76 11.93
C ALA K 32 -1.44 -29.89 12.39
N LYS K 33 -2.66 -30.24 11.99
CA LYS K 33 -3.91 -29.55 12.41
C LYS K 33 -4.21 -29.86 13.87
N ASP K 34 -4.90 -28.96 14.59
CA ASP K 34 -5.64 -29.26 15.85
C ASP K 34 -7.09 -29.53 15.44
N LEU K 35 -8.02 -29.56 16.41
CA LEU K 35 -9.46 -29.81 16.15
C LEU K 35 -10.08 -28.61 15.44
N ARG K 36 -9.51 -27.41 15.61
CA ARG K 36 -9.97 -26.14 14.96
C ARG K 36 -9.26 -25.94 13.60
N GLY K 37 -8.53 -26.95 13.10
CA GLY K 37 -7.85 -26.90 11.79
C GLY K 37 -6.67 -25.94 11.78
N ILE K 38 -6.12 -25.61 12.95
CA ILE K 38 -5.04 -24.59 13.14
C ILE K 38 -3.68 -25.30 13.04
N THR K 39 -2.90 -24.99 11.99
CA THR K 39 -1.52 -25.49 11.76
C THR K 39 -0.52 -24.65 12.55
N PRO K 40 0.73 -25.12 12.77
CA PRO K 40 1.79 -24.28 13.32
C PRO K 40 1.95 -22.93 12.61
N LEU K 41 1.76 -22.89 11.29
CA LEU K 41 1.92 -21.66 10.46
C LEU K 41 0.86 -20.62 10.88
N HIS K 42 -0.40 -21.03 10.99
CA HIS K 42 -1.51 -20.18 11.51
C HIS K 42 -1.09 -19.53 12.84
N VAL K 43 -0.63 -20.36 13.78
CA VAL K 43 -0.25 -19.98 15.17
C VAL K 43 0.87 -18.94 15.12
N ALA K 44 1.93 -19.25 14.37
CA ALA K 44 3.11 -18.37 14.17
C ALA K 44 2.65 -17.05 13.56
N ALA K 45 1.78 -17.12 12.55
CA ALA K 45 1.21 -15.95 11.83
C ALA K 45 0.35 -15.12 12.79
N TRP K 46 -0.45 -15.78 13.64
CA TRP K 46 -1.34 -15.13 14.65
C TRP K 46 -0.50 -14.33 15.64
N GLN K 47 0.64 -14.87 16.08
CA GLN K 47 1.39 -14.32 17.25
C GLN K 47 2.69 -13.63 16.79
N GLY K 48 2.90 -13.44 15.50
CA GLY K 48 3.94 -12.53 14.97
C GLY K 48 5.35 -13.09 15.12
N HIS K 49 5.52 -14.40 14.98
CA HIS K 49 6.84 -15.10 15.08
C HIS K 49 7.46 -15.26 13.68
N LEU K 50 7.88 -14.15 13.06
CA LEU K 50 8.35 -14.07 11.65
C LEU K 50 9.41 -15.15 11.40
N GLU K 51 10.51 -15.05 12.15
CA GLU K 51 11.54 -16.09 12.40
C GLU K 51 10.97 -17.49 12.11
N ILE K 52 9.94 -17.91 12.84
CA ILE K 52 9.37 -19.30 12.81
C ILE K 52 8.49 -19.46 11.57
N VAL K 53 7.74 -18.42 11.17
CA VAL K 53 6.91 -18.43 9.93
C VAL K 53 7.82 -18.78 8.74
N GLU K 54 9.02 -18.19 8.68
CA GLU K 54 9.99 -18.39 7.58
C GLU K 54 10.44 -19.86 7.56
N VAL K 55 10.84 -20.40 8.71
CA VAL K 55 11.44 -21.76 8.80
C VAL K 55 10.38 -22.84 8.55
N LEU K 56 9.14 -22.62 9.01
CA LEU K 56 8.00 -23.57 8.80
C LEU K 56 7.64 -23.63 7.31
N LEU K 57 7.57 -22.47 6.64
CA LEU K 57 7.34 -22.39 5.16
C LEU K 57 8.48 -23.08 4.42
N LYS K 58 9.73 -22.79 4.81
CA LYS K 58 10.98 -23.35 4.23
C LYS K 58 11.00 -24.88 4.38
N ALA K 59 10.34 -25.42 5.41
CA ALA K 59 10.19 -26.87 5.67
C ALA K 59 8.86 -27.40 5.10
N GLY K 60 8.25 -26.69 4.15
CA GLY K 60 7.13 -27.18 3.31
C GLY K 60 5.78 -27.13 4.01
N ALA K 61 5.49 -26.06 4.77
CA ALA K 61 4.17 -25.80 5.37
C ALA K 61 3.18 -25.37 4.27
N ASP K 62 1.91 -25.79 4.37
CA ASP K 62 0.82 -25.36 3.45
C ASP K 62 0.50 -23.89 3.75
N VAL K 63 0.91 -22.99 2.86
CA VAL K 63 0.76 -21.51 3.00
C VAL K 63 -0.72 -21.12 2.96
N ASN K 64 -1.57 -21.89 2.24
CA ASN K 64 -3.01 -21.58 2.06
C ASN K 64 -3.86 -22.59 2.85
N ALA K 65 -3.32 -23.13 3.94
CA ALA K 65 -4.05 -24.02 4.88
C ALA K 65 -5.24 -23.25 5.47
N LYS K 66 -6.44 -23.83 5.44
CA LYS K 66 -7.68 -23.22 6.00
C LYS K 66 -7.90 -23.76 7.42
N ASP K 67 -8.33 -22.89 8.35
CA ASP K 67 -8.85 -23.34 9.68
C ASP K 67 -10.32 -23.75 9.45
N SER K 68 -10.96 -24.23 10.51
CA SER K 68 -12.37 -24.73 10.50
C SER K 68 -13.32 -23.64 9.99
N LYS K 69 -13.05 -22.36 10.24
CA LYS K 69 -13.90 -21.21 9.81
C LYS K 69 -13.32 -20.52 8.56
N GLY K 70 -12.35 -21.14 7.89
CA GLY K 70 -11.91 -20.75 6.54
C GLY K 70 -10.78 -19.74 6.54
N GLU K 71 -10.18 -19.43 7.70
CA GLU K 71 -9.06 -18.45 7.82
C GLU K 71 -7.72 -19.11 7.45
N THR K 72 -6.91 -18.40 6.67
CA THR K 72 -5.54 -18.80 6.25
C THR K 72 -4.51 -18.07 7.10
N PRO K 73 -3.25 -18.55 7.16
CA PRO K 73 -2.19 -17.80 7.84
C PRO K 73 -2.07 -16.35 7.36
N LEU K 74 -2.35 -16.06 6.09
CA LEU K 74 -2.30 -14.67 5.57
C LEU K 74 -3.42 -13.85 6.25
N HIS K 75 -4.63 -14.40 6.34
CA HIS K 75 -5.78 -13.76 7.05
C HIS K 75 -5.34 -13.36 8.47
N LEU K 76 -4.67 -14.26 9.20
CA LEU K 76 -4.31 -14.05 10.62
C LEU K 76 -3.24 -12.97 10.71
N ALA K 77 -2.16 -13.12 9.96
CA ALA K 77 -1.07 -12.12 9.85
C ALA K 77 -1.65 -10.75 9.50
N ALA K 78 -2.58 -10.69 8.55
CA ALA K 78 -3.24 -9.45 8.07
C ALA K 78 -4.06 -8.85 9.21
N PHE K 79 -4.89 -9.66 9.87
CA PHE K 79 -5.79 -9.26 10.99
C PHE K 79 -4.98 -8.77 12.19
N ARG K 80 -3.85 -9.40 12.48
CA ARG K 80 -3.02 -9.15 13.69
C ARG K 80 -1.95 -8.09 13.43
N GLY K 81 -1.91 -7.53 12.22
CA GLY K 81 -1.11 -6.33 11.88
C GLY K 81 0.38 -6.64 11.78
N HIS K 82 0.76 -7.80 11.25
CA HIS K 82 2.16 -8.28 11.13
C HIS K 82 2.61 -8.23 9.67
N LEU K 83 2.80 -7.00 9.18
CA LEU K 83 3.13 -6.67 7.77
C LEU K 83 4.29 -7.52 7.26
N GLU K 84 5.34 -7.70 8.07
CA GLU K 84 6.59 -8.43 7.69
C GLU K 84 6.23 -9.89 7.35
N ILE K 85 5.42 -10.53 8.20
CA ILE K 85 4.91 -11.91 8.00
C ILE K 85 3.98 -11.94 6.80
N VAL K 86 3.12 -10.94 6.64
CA VAL K 86 2.23 -10.80 5.46
C VAL K 86 3.11 -10.85 4.20
N GLU K 87 4.17 -10.06 4.15
CA GLU K 87 5.08 -9.93 3.00
C GLU K 87 5.74 -11.28 2.71
N VAL K 88 6.26 -11.94 3.75
CA VAL K 88 6.96 -13.27 3.63
C VAL K 88 5.97 -14.31 3.09
N LEU K 89 4.74 -14.32 3.58
CA LEU K 89 3.68 -15.28 3.16
C LEU K 89 3.36 -15.07 1.68
N LEU K 90 3.27 -13.82 1.25
CA LEU K 90 3.01 -13.46 -0.18
C LEU K 90 4.16 -14.00 -1.05
N LYS K 91 5.41 -13.74 -0.66
CA LYS K 91 6.65 -14.24 -1.32
C LYS K 91 6.63 -15.77 -1.42
N ALA K 92 6.05 -16.45 -0.43
CA ALA K 92 5.93 -17.93 -0.41
C ALA K 92 4.61 -18.38 -1.07
N GLY K 93 3.93 -17.49 -1.82
CA GLY K 93 2.80 -17.83 -2.70
C GLY K 93 1.47 -17.95 -1.96
N ALA K 94 1.18 -17.02 -1.04
CA ALA K 94 -0.09 -16.99 -0.27
C ALA K 94 -1.22 -16.48 -1.17
N ASP K 95 -2.44 -17.01 -1.01
CA ASP K 95 -3.64 -16.66 -1.81
C ASP K 95 -4.19 -15.34 -1.23
N VAL K 96 -3.90 -14.22 -1.90
CA VAL K 96 -4.15 -12.85 -1.39
C VAL K 96 -5.64 -12.49 -1.47
N ASN K 97 -6.39 -13.08 -2.40
CA ASN K 97 -7.84 -12.78 -2.62
C ASN K 97 -8.75 -13.81 -1.91
N ALA K 98 -8.17 -14.73 -1.12
CA ALA K 98 -8.89 -15.87 -0.49
C ALA K 98 -9.98 -15.36 0.45
N GLN K 99 -11.19 -15.94 0.41
CA GLN K 99 -12.27 -15.63 1.38
C GLN K 99 -12.27 -16.68 2.49
N ASP K 100 -12.78 -16.30 3.67
CA ASP K 100 -13.12 -17.20 4.81
C ASP K 100 -14.59 -17.59 4.66
N GLN K 101 -15.12 -18.43 5.57
CA GLN K 101 -16.57 -18.78 5.63
C GLN K 101 -17.42 -17.52 5.51
N GLN K 102 -17.05 -16.44 6.21
CA GLN K 102 -17.82 -15.17 6.34
C GLN K 102 -17.63 -14.27 5.11
N GLY K 103 -16.80 -14.69 4.16
CA GLY K 103 -16.61 -14.03 2.85
C GLY K 103 -15.78 -12.77 3.00
N GLU K 104 -14.69 -12.86 3.77
CA GLU K 104 -13.78 -11.71 4.06
C GLU K 104 -12.34 -12.09 3.68
N THR K 105 -11.68 -11.23 2.90
CA THR K 105 -10.27 -11.37 2.47
C THR K 105 -9.35 -10.95 3.60
N PRO K 106 -8.05 -11.32 3.60
CA PRO K 106 -7.10 -10.78 4.58
C PRO K 106 -7.10 -9.25 4.60
N ALA K 107 -7.15 -8.63 3.42
CA ALA K 107 -7.31 -7.17 3.22
C ALA K 107 -8.48 -6.65 4.06
N ASP K 108 -9.61 -7.36 4.08
CA ASP K 108 -10.82 -6.98 4.87
C ASP K 108 -10.52 -7.05 6.37
N LEU K 109 -9.86 -8.12 6.82
CA LEU K 109 -9.54 -8.34 8.25
C LEU K 109 -8.53 -7.29 8.72
N ALA K 110 -7.54 -6.96 7.89
CA ALA K 110 -6.59 -5.85 8.16
C ALA K 110 -7.37 -4.56 8.42
N ALA K 111 -8.33 -4.24 7.56
CA ALA K 111 -9.18 -3.03 7.65
C ALA K 111 -10.02 -3.10 8.92
N LEU K 112 -10.60 -4.27 9.22
CA LEU K 112 -11.45 -4.52 10.42
C LEU K 112 -10.68 -4.18 11.69
N ALA K 113 -9.42 -4.64 11.81
CA ALA K 113 -8.54 -4.39 12.98
C ALA K 113 -7.81 -3.05 12.85
N GLY K 114 -8.15 -2.23 11.86
CA GLY K 114 -7.64 -0.85 11.71
C GLY K 114 -6.17 -0.83 11.30
N HIS K 115 -5.76 -1.76 10.43
CA HIS K 115 -4.43 -1.77 9.78
C HIS K 115 -4.68 -1.51 8.29
N VAL K 116 -5.07 -0.28 7.93
CA VAL K 116 -5.40 0.13 6.54
C VAL K 116 -4.10 0.07 5.73
N ASP K 117 -2.97 0.54 6.28
CA ASP K 117 -1.61 0.37 5.73
C ASP K 117 -1.50 -1.03 5.07
N ILE K 118 -1.71 -2.08 5.86
CA ILE K 118 -1.58 -3.51 5.45
C ILE K 118 -2.67 -3.85 4.43
N ALA K 119 -3.92 -3.43 4.67
CA ALA K 119 -5.07 -3.65 3.76
C ALA K 119 -4.70 -3.14 2.36
N GLU K 120 -4.11 -1.95 2.28
CA GLU K 120 -3.69 -1.31 1.00
C GLU K 120 -2.65 -2.19 0.31
N VAL K 121 -1.66 -2.71 1.05
CA VAL K 121 -0.60 -3.63 0.52
C VAL K 121 -1.28 -4.85 -0.10
N LEU K 122 -2.23 -5.45 0.62
CA LEU K 122 -2.92 -6.69 0.19
C LEU K 122 -3.83 -6.39 -1.00
N GLN K 123 -4.41 -5.18 -1.09
CA GLN K 123 -5.30 -4.82 -2.23
C GLN K 123 -4.47 -4.60 -3.49
N LYS K 124 -3.30 -3.96 -3.38
CA LYS K 124 -2.36 -3.70 -4.49
C LYS K 124 -1.93 -5.04 -5.10
N ALA K 125 -1.53 -6.02 -4.27
CA ALA K 125 -1.32 -7.44 -4.66
C ALA K 125 -2.60 -8.04 -5.25
N ALA K 126 -2.68 -8.10 -6.58
CA ALA K 126 -3.88 -8.44 -7.38
C ALA K 126 -5.04 -7.50 -7.01
N GLN L 1 5.03 -29.45 29.55
CA GLN L 1 3.70 -29.14 30.19
C GLN L 1 3.07 -27.92 29.52
N ASP L 2 1.75 -27.93 29.33
CA ASP L 2 1.02 -26.88 28.56
C ASP L 2 -0.13 -26.32 29.40
N PRO L 3 -0.08 -25.04 29.81
CA PRO L 3 -1.18 -24.42 30.54
C PRO L 3 -2.27 -23.82 29.62
N CYS L 4 -2.11 -23.93 28.29
CA CYS L 4 -3.07 -23.41 27.28
C CYS L 4 -4.46 -24.01 27.53
N SER L 5 -4.54 -25.33 27.79
CA SER L 5 -5.80 -26.06 28.09
C SER L 5 -6.65 -25.30 29.13
N ASN L 6 -6.00 -24.68 30.11
CA ASN L 6 -6.65 -24.01 31.28
C ASN L 6 -7.07 -22.57 30.93
N CYS L 7 -6.87 -22.09 29.69
CA CYS L 7 -7.25 -20.70 29.27
C CYS L 7 -8.76 -20.62 29.07
N PRO L 8 -9.45 -19.57 29.60
CA PRO L 8 -10.90 -19.48 29.53
C PRO L 8 -11.39 -18.91 28.20
N ALA L 9 -12.71 -18.92 27.97
CA ALA L 9 -13.40 -18.24 26.86
C ALA L 9 -13.15 -16.72 26.95
N GLY L 10 -13.35 -16.00 25.84
CA GLY L 10 -13.01 -14.55 25.73
C GLY L 10 -11.52 -14.31 25.69
N THR L 11 -10.72 -15.34 25.37
CA THR L 11 -9.26 -15.39 25.59
C THR L 11 -8.62 -16.47 24.70
N PHE L 12 -7.33 -16.30 24.36
CA PHE L 12 -6.51 -17.25 23.55
C PHE L 12 -5.18 -17.51 24.26
N CYS L 13 -4.57 -18.68 24.02
CA CYS L 13 -3.27 -19.10 24.62
C CYS L 13 -2.16 -18.28 23.97
N ASP L 14 -1.32 -17.66 24.80
CA ASP L 14 -0.29 -16.68 24.40
C ASP L 14 0.81 -16.66 25.48
N ASN L 15 1.96 -17.29 25.19
CA ASN L 15 3.04 -17.53 26.19
C ASN L 15 4.38 -17.01 25.65
N ASN L 16 4.38 -16.02 24.74
CA ASN L 16 5.60 -15.32 24.28
C ASN L 16 6.09 -14.38 25.38
N ARG L 17 5.17 -13.63 26.00
CA ARG L 17 5.41 -12.77 27.20
C ARG L 17 5.31 -13.63 28.47
N ASN L 18 5.33 -12.99 29.64
CA ASN L 18 5.12 -13.62 30.97
C ASN L 18 3.65 -14.07 31.14
N GLN L 19 2.70 -13.45 30.42
CA GLN L 19 1.24 -13.75 30.49
C GLN L 19 0.95 -15.08 29.79
N ILE L 20 0.06 -15.89 30.38
CA ILE L 20 -0.21 -17.31 30.00
C ILE L 20 -1.32 -17.31 28.93
N CYS L 21 -2.35 -16.47 29.08
CA CYS L 21 -3.47 -16.29 28.13
C CYS L 21 -3.77 -14.80 28.01
N SER L 22 -4.07 -14.35 26.80
CA SER L 22 -4.39 -12.93 26.48
C SER L 22 -5.86 -12.79 26.07
N PRO L 23 -6.46 -11.60 26.28
CA PRO L 23 -7.86 -11.38 25.90
C PRO L 23 -7.98 -11.29 24.38
N CYS L 24 -9.09 -11.79 23.82
CA CYS L 24 -9.37 -11.80 22.37
C CYS L 24 -9.33 -10.35 21.86
N PRO L 25 -8.53 -10.06 20.80
CA PRO L 25 -8.46 -8.71 20.25
C PRO L 25 -9.80 -8.22 19.72
N PRO L 26 -9.98 -6.91 19.45
CA PRO L 26 -11.24 -6.37 18.96
C PRO L 26 -11.68 -7.08 17.66
N ASN L 27 -12.98 -7.29 17.52
CA ASN L 27 -13.62 -8.00 16.38
C ASN L 27 -13.16 -9.47 16.35
N SER L 28 -12.86 -10.04 17.51
CA SER L 28 -12.65 -11.50 17.63
C SER L 28 -13.31 -12.00 18.92
N PHE L 29 -13.57 -13.29 18.98
CA PHE L 29 -14.22 -13.95 20.15
C PHE L 29 -13.70 -15.39 20.28
N SER L 30 -13.65 -15.86 21.52
CA SER L 30 -13.39 -17.28 21.87
C SER L 30 -14.60 -17.80 22.66
N SER L 31 -15.33 -18.76 22.09
CA SER L 31 -16.53 -19.38 22.70
C SER L 31 -16.14 -20.56 23.61
N ALA L 32 -14.99 -21.18 23.35
CA ALA L 32 -14.55 -22.43 24.03
C ALA L 32 -13.67 -22.10 25.24
N GLY L 33 -12.56 -21.40 25.03
CA GLY L 33 -11.39 -21.44 25.92
C GLY L 33 -10.52 -22.63 25.56
N GLY L 34 -9.21 -22.49 25.74
CA GLY L 34 -8.19 -23.43 25.22
C GLY L 34 -7.99 -23.29 23.71
N GLN L 35 -8.42 -22.16 23.13
CA GLN L 35 -8.24 -21.84 21.69
C GLN L 35 -6.85 -21.21 21.52
N ARG L 36 -6.13 -21.62 20.48
CA ARG L 36 -4.80 -21.04 20.11
C ARG L 36 -5.00 -19.73 19.34
N THR L 37 -6.18 -19.53 18.78
CA THR L 37 -6.58 -18.37 17.94
C THR L 37 -8.00 -17.96 18.32
N CYS L 38 -8.28 -16.66 18.24
CA CYS L 38 -9.65 -16.11 18.39
C CYS L 38 -10.37 -16.18 17.04
N ASP L 39 -11.63 -16.65 17.04
CA ASP L 39 -12.51 -16.66 15.83
C ASP L 39 -12.93 -15.21 15.55
N ILE L 40 -13.09 -14.88 14.27
CA ILE L 40 -13.34 -13.48 13.80
C ILE L 40 -14.86 -13.23 13.86
N CYS L 41 -15.25 -12.04 14.35
CA CYS L 41 -16.66 -11.61 14.51
C CYS L 41 -17.33 -11.47 13.15
N ARG L 42 -18.54 -12.02 13.00
CA ARG L 42 -19.41 -11.82 11.82
C ARG L 42 -19.66 -10.32 11.66
N GLN L 43 -19.37 -9.77 10.48
CA GLN L 43 -19.70 -8.38 10.08
C GLN L 43 -21.03 -8.40 9.33
N CYS L 44 -21.89 -7.42 9.58
CA CYS L 44 -23.30 -7.42 9.12
C CYS L 44 -23.73 -6.02 8.69
N LYS L 45 -23.57 -5.73 7.39
CA LYS L 45 -23.96 -4.47 6.76
C LYS L 45 -24.70 -4.81 5.46
N GLY L 46 -25.45 -3.84 4.94
CA GLY L 46 -26.19 -3.94 3.66
C GLY L 46 -27.40 -4.84 3.79
N VAL L 47 -27.36 -6.04 3.18
CA VAL L 47 -28.45 -7.05 3.22
C VAL L 47 -28.63 -7.51 4.67
N PHE L 48 -27.51 -7.77 5.35
CA PHE L 48 -27.47 -8.17 6.77
C PHE L 48 -27.66 -6.92 7.65
N ARG L 49 -28.44 -7.07 8.72
CA ARG L 49 -28.53 -6.10 9.85
C ARG L 49 -28.13 -6.82 11.13
N THR L 50 -27.29 -6.21 11.97
CA THR L 50 -26.76 -6.80 13.23
C THR L 50 -27.83 -6.67 14.31
N ARG L 51 -28.26 -7.80 14.88
CA ARG L 51 -29.31 -7.87 15.94
C ARG L 51 -28.62 -7.92 17.30
N LYS L 52 -27.64 -8.82 17.45
CA LYS L 52 -26.81 -8.98 18.66
C LYS L 52 -25.37 -8.62 18.29
N GLU L 53 -24.75 -7.72 19.04
CA GLU L 53 -23.35 -7.28 18.82
C GLU L 53 -22.39 -8.37 19.29
N CYS L 54 -21.16 -8.37 18.76
CA CYS L 54 -20.11 -9.37 19.10
C CYS L 54 -19.62 -9.11 20.53
N SER L 55 -19.46 -10.18 21.32
CA SER L 55 -18.82 -10.15 22.66
C SER L 55 -17.46 -10.85 22.59
N SER L 56 -16.65 -10.75 23.64
CA SER L 56 -15.37 -11.49 23.79
C SER L 56 -15.62 -12.99 23.75
N THR L 57 -16.77 -13.46 24.23
CA THR L 57 -17.08 -14.89 24.41
C THR L 57 -18.05 -15.42 23.34
N SER L 58 -18.77 -14.54 22.64
CA SER L 58 -19.84 -14.94 21.68
C SER L 58 -19.83 -14.07 20.41
N ASN L 59 -20.09 -14.70 19.26
CA ASN L 59 -20.16 -14.04 17.92
C ASN L 59 -21.36 -13.09 17.87
N ALA L 60 -21.31 -12.07 17.01
CA ALA L 60 -22.46 -11.24 16.60
C ALA L 60 -23.44 -12.13 15.84
N GLU L 61 -24.73 -11.91 16.06
CA GLU L 61 -25.86 -12.58 15.38
C GLU L 61 -26.60 -11.50 14.61
N CYS L 62 -27.28 -11.87 13.53
CA CYS L 62 -27.79 -10.92 12.50
C CYS L 62 -29.10 -11.42 11.88
N ASP L 63 -29.93 -10.47 11.40
CA ASP L 63 -31.15 -10.75 10.61
C ASP L 63 -30.92 -10.11 9.24
N CYS L 64 -31.86 -10.36 8.33
CA CYS L 64 -31.79 -9.88 6.93
C CYS L 64 -32.77 -8.72 6.73
N THR L 65 -32.37 -7.73 5.93
CA THR L 65 -33.20 -6.53 5.66
C THR L 65 -34.45 -6.96 4.89
N PRO L 66 -35.49 -6.11 4.80
CA PRO L 66 -36.65 -6.38 3.96
C PRO L 66 -36.28 -6.72 2.51
N GLY L 67 -37.03 -7.64 1.91
CA GLY L 67 -36.82 -8.17 0.56
C GLY L 67 -35.88 -9.37 0.57
N PHE L 68 -35.46 -9.87 1.75
CA PHE L 68 -34.62 -11.09 1.91
C PHE L 68 -35.05 -11.81 3.17
N HIS L 69 -34.66 -13.08 3.31
CA HIS L 69 -35.06 -13.94 4.46
C HIS L 69 -33.89 -14.83 4.88
N CYS L 70 -33.75 -15.04 6.18
CA CYS L 70 -32.64 -15.81 6.80
C CYS L 70 -32.70 -17.27 6.36
N LEU L 71 -31.52 -17.90 6.27
CA LEU L 71 -31.39 -19.38 6.09
C LEU L 71 -30.27 -19.90 7.01
N GLY L 72 -30.48 -21.05 7.66
CA GLY L 72 -29.46 -21.74 8.47
C GLY L 72 -29.40 -21.23 9.91
N ALA L 73 -28.70 -21.95 10.78
CA ALA L 73 -28.51 -21.62 12.22
C ALA L 73 -27.90 -20.22 12.35
N GLY L 74 -28.50 -19.37 13.18
CA GLY L 74 -28.04 -18.01 13.49
C GLY L 74 -28.02 -17.12 12.25
N CYS L 75 -28.87 -17.38 11.26
CA CYS L 75 -29.02 -16.60 10.00
C CYS L 75 -27.64 -16.38 9.37
N SER L 76 -26.99 -17.48 9.01
CA SER L 76 -25.62 -17.56 8.44
C SER L 76 -25.54 -16.75 7.14
N MET L 77 -26.53 -16.91 6.25
CA MET L 77 -26.70 -16.12 5.00
C MET L 77 -28.18 -15.88 4.68
N CYS L 78 -28.46 -14.92 3.80
CA CYS L 78 -29.80 -14.43 3.40
C CYS L 78 -30.12 -14.92 1.98
N GLU L 79 -31.40 -15.15 1.67
CA GLU L 79 -31.96 -15.67 0.40
C GLU L 79 -33.04 -14.70 -0.09
N GLN L 80 -33.09 -14.45 -1.39
CA GLN L 80 -33.98 -13.46 -2.04
C GLN L 80 -35.44 -13.79 -1.73
N ASP L 81 -36.20 -12.81 -1.25
CA ASP L 81 -37.69 -12.88 -1.23
C ASP L 81 -38.18 -12.82 -2.68
N CYS L 82 -39.24 -13.55 -3.01
CA CYS L 82 -40.09 -13.32 -4.21
C CYS L 82 -41.43 -12.72 -3.77
N LYS L 83 -42.25 -12.28 -4.73
CA LYS L 83 -43.65 -11.84 -4.44
C LYS L 83 -44.48 -13.07 -4.03
N GLN L 84 -45.68 -12.83 -3.50
CA GLN L 84 -46.68 -13.92 -3.30
C GLN L 84 -47.20 -14.31 -4.67
N GLY L 85 -47.47 -15.59 -4.87
CA GLY L 85 -47.75 -16.17 -6.20
C GLY L 85 -46.54 -16.12 -7.12
N GLN L 86 -45.35 -16.27 -6.57
CA GLN L 86 -44.08 -16.55 -7.28
C GLN L 86 -43.31 -17.61 -6.50
N GLU L 87 -42.34 -18.24 -7.14
CA GLU L 87 -41.31 -19.11 -6.50
C GLU L 87 -39.94 -18.66 -7.00
N LEU L 88 -38.89 -19.02 -6.27
CA LEU L 88 -37.50 -18.65 -6.61
C LEU L 88 -36.86 -19.83 -7.36
N THR L 89 -36.76 -19.70 -8.69
CA THR L 89 -36.01 -20.61 -9.58
C THR L 89 -34.55 -20.16 -9.63
N LYS L 90 -33.67 -20.97 -10.20
CA LYS L 90 -32.26 -20.59 -10.48
C LYS L 90 -32.24 -19.42 -11.47
N LYS L 91 -33.21 -19.34 -12.39
CA LYS L 91 -33.43 -18.20 -13.34
C LYS L 91 -33.88 -16.94 -12.58
N GLY L 92 -34.47 -17.09 -11.39
CA GLY L 92 -34.85 -15.99 -10.47
C GLY L 92 -36.28 -16.12 -10.01
N CYS L 93 -36.95 -15.00 -9.72
CA CYS L 93 -38.35 -14.97 -9.25
C CYS L 93 -39.27 -15.15 -10.46
N LYS L 94 -39.75 -16.37 -10.70
CA LYS L 94 -40.77 -16.71 -11.73
C LYS L 94 -42.16 -16.80 -11.07
N ASP L 95 -43.22 -16.35 -11.77
CA ASP L 95 -44.63 -16.43 -11.33
C ASP L 95 -45.05 -17.91 -11.25
N CYS L 96 -46.04 -18.22 -10.42
CA CYS L 96 -46.64 -19.57 -10.27
C CYS L 96 -47.37 -19.93 -11.57
N CYS L 97 -47.32 -21.21 -11.98
CA CYS L 97 -48.13 -21.75 -13.11
C CYS L 97 -49.61 -21.74 -12.71
N PHE L 98 -50.49 -22.20 -13.59
CA PHE L 98 -51.95 -21.94 -13.47
C PHE L 98 -52.52 -22.56 -12.19
N GLY L 99 -52.39 -23.90 -12.02
CA GLY L 99 -53.10 -24.65 -10.98
C GLY L 99 -52.42 -24.62 -9.62
N THR L 100 -51.54 -23.65 -9.39
CA THR L 100 -50.56 -23.65 -8.27
C THR L 100 -50.48 -22.25 -7.68
N PHE L 101 -50.21 -22.16 -6.37
CA PHE L 101 -50.26 -20.91 -5.56
C PHE L 101 -49.12 -20.87 -4.54
N ASN L 102 -48.80 -19.67 -4.04
CA ASN L 102 -47.81 -19.43 -2.96
C ASN L 102 -48.26 -18.23 -2.12
N ASP L 103 -48.70 -18.49 -0.88
CA ASP L 103 -49.23 -17.46 0.06
C ASP L 103 -48.07 -16.70 0.75
N GLN L 104 -46.83 -17.18 0.65
CA GLN L 104 -45.64 -16.58 1.30
C GLN L 104 -44.72 -15.95 0.26
N LYS L 105 -43.75 -15.17 0.76
CA LYS L 105 -42.60 -14.59 0.02
C LYS L 105 -41.39 -15.52 0.10
N ARG L 106 -41.50 -16.64 0.82
CA ARG L 106 -40.53 -17.75 0.85
C ARG L 106 -41.14 -18.95 0.11
N GLY L 107 -40.31 -19.87 -0.38
CA GLY L 107 -40.72 -21.25 -0.73
C GLY L 107 -41.09 -21.41 -2.20
N ILE L 108 -41.49 -22.61 -2.58
CA ILE L 108 -41.98 -22.97 -3.94
C ILE L 108 -43.49 -22.71 -4.02
N CYS L 109 -44.04 -22.65 -5.23
CA CYS L 109 -45.50 -22.74 -5.50
C CYS L 109 -45.94 -24.19 -5.24
N ARG L 110 -47.11 -24.38 -4.61
CA ARG L 110 -47.74 -25.69 -4.35
C ARG L 110 -49.04 -25.74 -5.15
N PRO L 111 -49.52 -26.90 -5.66
CA PRO L 111 -50.81 -26.96 -6.34
C PRO L 111 -51.99 -26.71 -5.40
N TRP L 112 -53.07 -26.08 -5.91
CA TRP L 112 -54.35 -25.84 -5.17
C TRP L 112 -54.84 -27.14 -4.55
N THR L 113 -55.71 -27.06 -3.53
CA THR L 113 -56.40 -28.23 -2.93
C THR L 113 -57.39 -28.80 -3.96
N ASN L 114 -57.38 -30.12 -4.14
CA ASN L 114 -58.34 -30.88 -4.98
C ASN L 114 -59.58 -31.11 -4.10
N CYS L 115 -60.66 -30.36 -4.34
CA CYS L 115 -61.94 -30.50 -3.59
C CYS L 115 -62.53 -31.89 -3.86
N SER L 116 -62.52 -32.30 -5.14
CA SER L 116 -63.02 -33.59 -5.66
C SER L 116 -62.51 -34.76 -4.79
N LEU L 117 -61.24 -34.71 -4.40
CA LEU L 117 -60.56 -35.80 -3.65
C LEU L 117 -61.35 -36.13 -2.37
N ASP L 118 -61.75 -35.11 -1.60
CA ASP L 118 -62.47 -35.33 -0.31
C ASP L 118 -63.98 -35.19 -0.51
N GLY L 119 -64.47 -35.18 -1.77
CA GLY L 119 -65.91 -35.21 -2.11
C GLY L 119 -66.51 -33.81 -2.32
N LYS L 120 -65.86 -32.76 -1.83
CA LYS L 120 -66.30 -31.34 -1.94
C LYS L 120 -66.22 -30.87 -3.41
N SER L 121 -66.66 -29.62 -3.67
CA SER L 121 -66.47 -28.89 -4.95
C SER L 121 -65.86 -27.51 -4.70
N VAL L 122 -65.07 -26.99 -5.65
CA VAL L 122 -64.51 -25.59 -5.67
C VAL L 122 -65.65 -24.58 -5.50
N LEU L 123 -65.83 -24.11 -4.26
CA LEU L 123 -66.80 -23.04 -3.91
C LEU L 123 -66.30 -21.70 -4.49
N VAL L 124 -65.06 -21.33 -4.16
CA VAL L 124 -64.35 -20.11 -4.68
C VAL L 124 -63.01 -20.54 -5.29
N ASN L 125 -62.64 -19.93 -6.43
CA ASN L 125 -61.63 -20.49 -7.36
C ASN L 125 -60.22 -20.48 -6.77
N GLY L 126 -59.77 -19.39 -6.15
CA GLY L 126 -58.37 -19.24 -5.70
C GLY L 126 -57.47 -18.74 -6.84
N THR L 127 -56.16 -18.51 -6.60
CA THR L 127 -55.28 -17.69 -7.51
C THR L 127 -53.79 -18.02 -7.25
N LYS L 128 -52.87 -17.38 -7.98
CA LYS L 128 -51.42 -17.42 -7.72
C LYS L 128 -51.16 -17.11 -6.24
N GLU L 129 -51.88 -16.14 -5.66
CA GLU L 129 -51.64 -15.64 -4.26
C GLU L 129 -52.23 -16.59 -3.20
N ARG L 130 -53.32 -17.32 -3.49
CA ARG L 130 -54.08 -18.04 -2.43
C ARG L 130 -54.79 -19.29 -2.94
N ASP L 131 -55.03 -20.22 -2.01
CA ASP L 131 -55.63 -21.55 -2.25
C ASP L 131 -57.12 -21.44 -2.57
N VAL L 132 -57.69 -22.52 -3.12
CA VAL L 132 -59.15 -22.72 -3.37
C VAL L 132 -59.89 -22.67 -2.03
N VAL L 133 -61.15 -22.20 -2.06
CA VAL L 133 -62.19 -22.44 -1.01
C VAL L 133 -63.07 -23.61 -1.50
N CYS L 134 -63.01 -24.77 -0.82
CA CYS L 134 -63.88 -25.95 -1.13
C CYS L 134 -65.18 -25.83 -0.34
N GLY L 135 -66.25 -26.44 -0.85
CA GLY L 135 -67.63 -26.33 -0.31
C GLY L 135 -68.02 -27.41 0.69
N PRO L 136 -69.34 -27.70 0.81
CA PRO L 136 -69.87 -28.42 1.97
C PRO L 136 -69.58 -29.92 1.94
N SER M 2 4.38 4.36 -35.84
CA SER M 2 3.12 5.13 -36.16
C SER M 2 2.93 5.19 -37.68
N ASP M 3 2.38 4.14 -38.27
CA ASP M 3 1.92 4.09 -39.70
C ASP M 3 0.90 5.17 -40.03
N LEU M 4 0.07 5.61 -39.07
CA LEU M 4 -0.79 6.83 -39.18
C LEU M 4 0.07 8.10 -39.26
N GLY M 5 1.20 8.13 -38.53
CA GLY M 5 2.26 9.15 -38.65
C GLY M 5 2.79 9.28 -40.07
N LYS M 6 3.14 8.15 -40.68
CA LYS M 6 3.66 8.05 -42.08
C LYS M 6 2.60 8.57 -43.06
N LYS M 7 1.33 8.23 -42.85
CA LYS M 7 0.16 8.62 -43.70
C LYS M 7 -0.06 10.14 -43.60
N LEU M 8 0.19 10.73 -42.42
CA LEU M 8 0.00 12.18 -42.14
C LEU M 8 1.12 12.97 -42.81
N LEU M 9 2.35 12.44 -42.86
CA LEU M 9 3.49 13.04 -43.62
C LEU M 9 3.11 13.15 -45.09
N LYS M 10 2.60 12.06 -45.70
CA LYS M 10 2.16 12.00 -47.12
C LYS M 10 1.04 13.03 -47.33
N ALA M 11 0.07 13.05 -46.42
CA ALA M 11 -1.12 13.92 -46.44
C ALA M 11 -0.67 15.38 -46.48
N ALA M 12 0.24 15.76 -45.57
CA ALA M 12 0.85 17.11 -45.46
C ALA M 12 1.61 17.45 -46.75
N GLN M 13 2.38 16.49 -47.27
CA GLN M 13 3.26 16.68 -48.45
C GLN M 13 2.40 16.90 -49.69
N GLU M 14 1.52 15.94 -49.99
CA GLU M 14 0.66 15.91 -51.20
C GLU M 14 -0.26 17.13 -51.20
N GLY M 15 -0.64 17.64 -50.02
CA GLY M 15 -1.51 18.81 -49.85
C GLY M 15 -2.99 18.43 -49.84
N GLN M 16 -3.29 17.28 -49.23
CA GLN M 16 -4.66 16.70 -49.14
C GLN M 16 -5.28 17.15 -47.81
N ASP M 17 -5.99 18.29 -47.84
CA ASP M 17 -6.47 19.03 -46.64
C ASP M 17 -7.42 18.14 -45.84
N ASP M 18 -8.38 17.50 -46.52
CA ASP M 18 -9.43 16.65 -45.89
C ASP M 18 -8.80 15.40 -45.28
N GLU M 19 -7.86 14.77 -46.00
CA GLU M 19 -7.15 13.52 -45.58
C GLU M 19 -6.34 13.77 -44.30
N VAL M 20 -5.77 14.97 -44.14
CA VAL M 20 -5.08 15.41 -42.89
C VAL M 20 -6.10 15.44 -41.76
N ARG M 21 -7.22 16.17 -41.95
CA ARG M 21 -8.29 16.34 -40.93
C ARG M 21 -8.76 14.97 -40.44
N GLU M 22 -9.00 14.04 -41.37
CA GLU M 22 -9.43 12.64 -41.09
C GLU M 22 -8.37 11.94 -40.23
N LEU M 23 -7.10 11.96 -40.67
CA LEU M 23 -5.95 11.25 -40.04
C LEU M 23 -5.69 11.81 -38.63
N LEU M 24 -5.82 13.12 -38.43
CA LEU M 24 -5.71 13.77 -37.10
C LEU M 24 -6.85 13.27 -36.20
N LYS M 25 -8.09 13.31 -36.72
CA LYS M 25 -9.32 12.88 -36.00
C LYS M 25 -9.29 11.37 -35.71
N ALA M 26 -8.51 10.59 -36.48
CA ALA M 26 -8.26 9.14 -36.26
C ALA M 26 -7.09 8.93 -35.26
N GLY M 27 -6.63 9.98 -34.59
CA GLY M 27 -5.63 9.91 -33.50
C GLY M 27 -4.22 9.64 -34.00
N ALA M 28 -3.83 10.23 -35.14
CA ALA M 28 -2.45 10.22 -35.66
C ALA M 28 -1.64 11.25 -34.87
N ASP M 29 -0.36 10.95 -34.62
CA ASP M 29 0.59 11.85 -33.92
C ASP M 29 0.91 13.03 -34.83
N VAL M 30 0.51 14.23 -34.42
CA VAL M 30 0.69 15.49 -35.18
C VAL M 30 2.19 15.84 -35.27
N ASN M 31 3.03 15.36 -34.33
CA ASN M 31 4.48 15.64 -34.28
C ASN M 31 5.30 14.42 -34.75
N ALA M 32 4.78 13.64 -35.70
CA ALA M 32 5.38 12.36 -36.14
C ALA M 32 6.64 12.63 -36.97
N LYS M 33 7.81 12.42 -36.38
CA LYS M 33 9.13 12.57 -37.07
C LYS M 33 9.33 11.38 -38.02
N ASP M 34 10.08 11.60 -39.11
CA ASP M 34 10.75 10.55 -39.92
C ASP M 34 12.18 10.39 -39.39
N LEU M 35 13.06 9.71 -40.13
CA LEU M 35 14.48 9.52 -39.73
C LEU M 35 15.24 10.85 -39.83
N ARG M 36 14.79 11.77 -40.68
CA ARG M 36 15.39 13.12 -40.85
C ARG M 36 14.77 14.14 -39.87
N GLY M 37 13.94 13.69 -38.92
CA GLY M 37 13.33 14.56 -37.89
C GLY M 37 12.28 15.50 -38.46
N ILE M 38 11.71 15.13 -39.61
CA ILE M 38 10.75 15.97 -40.37
C ILE M 38 9.33 15.61 -39.95
N THR M 39 8.66 16.57 -39.31
CA THR M 39 7.23 16.50 -38.89
C THR M 39 6.34 16.90 -40.06
N PRO M 40 5.02 16.57 -40.02
CA PRO M 40 4.06 17.13 -40.97
C PRO M 40 4.14 18.65 -41.14
N LEU M 41 4.42 19.40 -40.05
CA LEU M 41 4.45 20.89 -40.08
C LEU M 41 5.62 21.36 -40.95
N HIS M 42 6.82 20.77 -40.78
CA HIS M 42 8.01 21.01 -41.64
C HIS M 42 7.61 20.86 -43.12
N VAL M 43 6.99 19.72 -43.43
CA VAL M 43 6.59 19.29 -44.81
C VAL M 43 5.62 20.32 -45.38
N ALA M 44 4.56 20.65 -44.64
CA ALA M 44 3.53 21.63 -45.03
C ALA M 44 4.19 22.98 -45.24
N ALA M 45 5.10 23.38 -44.34
CA ALA M 45 5.85 24.65 -44.40
C ALA M 45 6.75 24.67 -45.64
N TRP M 46 7.42 23.55 -45.93
CA TRP M 46 8.32 23.38 -47.10
C TRP M 46 7.54 23.55 -48.40
N GLN M 47 6.33 23.03 -48.46
CA GLN M 47 5.53 22.81 -49.70
C GLN M 47 4.40 23.85 -49.81
N GLY M 48 4.34 24.83 -48.90
CA GLY M 48 3.48 26.03 -49.04
C GLY M 48 2.00 25.76 -48.82
N HIS M 49 1.64 24.78 -47.98
CA HIS M 49 0.24 24.36 -47.74
C HIS M 49 -0.32 25.06 -46.50
N LEU M 50 -0.60 26.36 -46.63
CA LEU M 50 -1.04 27.26 -45.53
C LEU M 50 -2.21 26.62 -44.78
N GLU M 51 -3.30 26.36 -45.50
CA GLU M 51 -4.46 25.49 -45.12
C GLU M 51 -4.02 24.45 -44.07
N ILE M 52 -3.04 23.60 -44.40
CA ILE M 52 -2.62 22.43 -43.56
C ILE M 52 -1.75 22.91 -42.40
N VAL M 53 -0.90 23.92 -42.63
CA VAL M 53 -0.06 24.54 -41.56
C VAL M 53 -0.98 25.02 -40.42
N GLU M 54 -2.10 25.66 -40.79
CA GLU M 54 -3.07 26.24 -39.83
C GLU M 54 -3.70 25.13 -39.00
N VAL M 55 -4.18 24.07 -39.64
CA VAL M 55 -4.94 22.97 -38.96
C VAL M 55 -3.98 22.14 -38.09
N LEU M 56 -2.72 21.94 -38.52
CA LEU M 56 -1.66 21.20 -37.77
C LEU M 56 -1.32 21.97 -36.49
N LEU M 57 -1.15 23.29 -36.59
CA LEU M 57 -0.91 24.20 -35.42
C LEU M 57 -2.11 24.13 -34.46
N LYS M 58 -3.32 24.24 -35.01
CA LYS M 58 -4.60 24.21 -34.27
C LYS M 58 -4.77 22.86 -33.55
N ALA M 59 -4.15 21.79 -34.06
CA ALA M 59 -4.13 20.44 -33.45
C ALA M 59 -2.85 20.22 -32.62
N GLY M 60 -2.18 21.30 -32.21
CA GLY M 60 -1.09 21.28 -31.21
C GLY M 60 0.24 20.74 -31.72
N ALA M 61 0.62 21.07 -32.96
CA ALA M 61 1.94 20.72 -33.53
C ALA M 61 3.00 21.64 -32.91
N ASP M 62 4.19 21.10 -32.63
CA ASP M 62 5.35 21.85 -32.10
C ASP M 62 5.87 22.77 -33.22
N VAL M 63 5.64 24.08 -33.08
CA VAL M 63 6.02 25.13 -34.07
C VAL M 63 7.55 25.22 -34.19
N ASN M 64 8.30 24.92 -33.13
CA ASN M 64 9.78 24.99 -33.10
C ASN M 64 10.38 23.59 -33.04
N ALA M 65 9.72 22.62 -33.67
CA ALA M 65 10.28 21.28 -33.96
C ALA M 65 11.51 21.46 -34.85
N LYS M 66 12.62 20.85 -34.47
CA LYS M 66 13.88 20.84 -35.26
C LYS M 66 13.97 19.55 -36.06
N ASP M 67 14.49 19.64 -37.29
CA ASP M 67 14.89 18.46 -38.09
C ASP M 67 16.27 18.03 -37.60
N SER M 68 16.79 16.94 -38.16
CA SER M 68 18.09 16.33 -37.82
C SER M 68 19.25 17.36 -37.95
N LYS M 69 19.13 18.31 -38.87
CA LYS M 69 20.17 19.35 -39.14
C LYS M 69 19.74 20.69 -38.52
N GLY M 70 18.72 20.71 -37.65
CA GLY M 70 18.39 21.87 -36.80
C GLY M 70 17.44 22.88 -37.43
N GLU M 71 16.84 22.55 -38.58
CA GLU M 71 15.89 23.44 -39.29
C GLU M 71 14.49 23.32 -38.68
N THR M 72 13.81 24.47 -38.50
CA THR M 72 12.43 24.59 -38.00
C THR M 72 11.48 24.85 -39.18
N PRO M 73 10.16 24.60 -39.02
CA PRO M 73 9.20 24.98 -40.05
C PRO M 73 9.33 26.44 -40.51
N LEU M 74 9.71 27.36 -39.61
CA LEU M 74 9.91 28.79 -39.98
C LEU M 74 11.10 28.89 -40.96
N HIS M 75 12.21 28.20 -40.70
CA HIS M 75 13.38 28.12 -41.61
C HIS M 75 12.92 27.71 -43.01
N LEU M 76 12.09 26.69 -43.11
CA LEU M 76 11.65 26.12 -44.41
C LEU M 76 10.75 27.13 -45.12
N ALA M 77 9.70 27.58 -44.45
CA ALA M 77 8.77 28.63 -44.94
C ALA M 77 9.56 29.85 -45.43
N ALA M 78 10.56 30.28 -44.66
CA ALA M 78 11.44 31.44 -44.94
C ALA M 78 12.22 31.18 -46.23
N PHE M 79 12.88 30.01 -46.31
CA PHE M 79 13.71 29.59 -47.46
C PHE M 79 12.86 29.44 -48.73
N ARG M 80 11.63 28.93 -48.60
CA ARG M 80 10.78 28.52 -49.74
C ARG M 80 9.86 29.67 -50.17
N GLY M 81 9.94 30.84 -49.52
CA GLY M 81 9.28 32.08 -49.99
C GLY M 81 7.77 32.06 -49.74
N HIS M 82 7.37 31.66 -48.54
CA HIS M 82 5.95 31.48 -48.16
C HIS M 82 5.63 32.47 -47.04
N LEU M 83 5.54 33.77 -47.38
CA LEU M 83 5.37 34.90 -46.42
C LEU M 83 4.19 34.63 -45.48
N GLU M 84 3.08 34.14 -46.00
CA GLU M 84 1.83 33.94 -45.22
C GLU M 84 2.07 32.87 -44.14
N ILE M 85 2.75 31.77 -44.50
CA ILE M 85 3.14 30.68 -43.58
C ILE M 85 4.12 31.22 -42.55
N VAL M 86 5.09 32.03 -42.96
CA VAL M 86 6.04 32.71 -42.04
C VAL M 86 5.24 33.47 -40.98
N GLU M 87 4.29 34.29 -41.41
CA GLU M 87 3.48 35.16 -40.53
C GLU M 87 2.66 34.31 -39.55
N VAL M 88 2.01 33.26 -40.05
CA VAL M 88 1.18 32.33 -39.24
C VAL M 88 2.05 31.65 -38.18
N LEU M 89 3.25 31.20 -38.55
CA LEU M 89 4.18 30.50 -37.63
C LEU M 89 4.60 31.46 -36.51
N LEU M 90 4.90 32.71 -36.86
CA LEU M 90 5.28 33.75 -35.87
C LEU M 90 4.14 33.99 -34.88
N LYS M 91 2.91 34.18 -35.38
CA LYS M 91 1.68 34.36 -34.55
C LYS M 91 1.48 33.16 -33.62
N ALA M 92 1.87 31.96 -34.05
CA ALA M 92 1.77 30.72 -33.25
C ALA M 92 3.04 30.49 -32.41
N GLY M 93 3.88 31.53 -32.26
CA GLY M 93 5.01 31.56 -31.32
C GLY M 93 6.26 30.87 -31.85
N ALA M 94 6.61 31.11 -33.11
CA ALA M 94 7.83 30.56 -33.77
C ALA M 94 9.05 31.33 -33.25
N ASP M 95 10.15 30.62 -33.00
CA ASP M 95 11.45 31.19 -32.55
C ASP M 95 12.13 31.81 -33.78
N VAL M 96 12.04 33.14 -33.94
CA VAL M 96 12.47 33.89 -35.15
C VAL M 96 14.00 33.95 -35.26
N ASN M 97 14.73 33.89 -34.13
CA ASN M 97 16.22 34.00 -34.12
C ASN M 97 16.87 32.63 -33.92
N ALA M 98 16.11 31.54 -34.09
CA ALA M 98 16.58 30.14 -33.98
C ALA M 98 17.68 29.90 -35.02
N GLN M 99 18.79 29.28 -34.60
CA GLN M 99 19.87 28.80 -35.50
C GLN M 99 19.59 27.34 -35.89
N ASP M 100 20.10 26.94 -37.05
CA ASP M 100 20.24 25.51 -37.48
C ASP M 100 21.67 25.09 -37.12
N GLN M 101 22.05 23.85 -37.44
CA GLN M 101 23.44 23.32 -37.30
C GLN M 101 24.45 24.33 -37.81
N GLN M 102 24.20 24.92 -38.98
CA GLN M 102 25.17 25.79 -39.71
C GLN M 102 25.02 27.24 -39.24
N GLY M 103 24.22 27.49 -38.19
CA GLY M 103 24.16 28.78 -37.48
C GLY M 103 23.44 29.84 -38.28
N GLU M 104 22.42 29.45 -39.06
CA GLU M 104 21.66 30.33 -39.98
C GLU M 104 20.25 30.48 -39.42
N THR M 105 19.80 31.74 -39.26
CA THR M 105 18.41 32.10 -38.88
C THR M 105 17.51 31.97 -40.10
N PRO M 106 16.17 31.88 -39.93
CA PRO M 106 15.25 31.99 -41.04
C PRO M 106 15.48 33.24 -41.90
N ALA M 107 15.75 34.37 -41.24
CA ALA M 107 16.15 35.64 -41.89
C ALA M 107 17.31 35.39 -42.87
N ASP M 108 18.31 34.58 -42.49
CA ASP M 108 19.48 34.25 -43.35
C ASP M 108 19.02 33.45 -44.56
N LEU M 109 18.17 32.44 -44.35
CA LEU M 109 17.68 31.53 -45.41
C LEU M 109 16.80 32.31 -46.39
N ALA M 110 15.95 33.21 -45.89
CA ALA M 110 15.13 34.11 -46.71
C ALA M 110 16.04 34.92 -47.64
N ALA M 111 17.11 35.49 -47.11
CA ALA M 111 18.10 36.29 -47.86
C ALA M 111 18.82 35.41 -48.88
N LEU M 112 19.19 34.19 -48.48
CA LEU M 112 19.89 33.20 -49.33
C LEU M 112 19.06 32.89 -50.59
N ALA M 113 17.75 32.66 -50.42
CA ALA M 113 16.79 32.39 -51.50
C ALA M 113 16.30 33.68 -52.19
N GLY M 114 16.79 34.84 -51.76
CA GLY M 114 16.44 36.16 -52.33
C GLY M 114 15.00 36.54 -52.08
N HIS M 115 14.46 36.24 -50.90
CA HIS M 115 13.10 36.67 -50.45
C HIS M 115 13.23 37.84 -49.46
N VAL M 116 13.62 39.01 -49.97
CA VAL M 116 14.00 40.19 -49.13
C VAL M 116 12.77 40.64 -48.35
N ASP M 117 11.64 40.76 -49.04
CA ASP M 117 10.28 40.97 -48.47
C ASP M 117 10.18 40.21 -47.14
N ILE M 118 10.36 38.88 -47.17
CA ILE M 118 10.22 37.96 -46.00
C ILE M 118 11.32 38.25 -44.97
N ALA M 119 12.57 38.42 -45.42
CA ALA M 119 13.73 38.72 -44.56
C ALA M 119 13.41 39.96 -43.71
N GLU M 120 12.86 41.00 -44.34
CA GLU M 120 12.48 42.28 -43.66
C GLU M 120 11.45 41.98 -42.56
N VAL M 121 10.43 41.17 -42.85
CA VAL M 121 9.37 40.79 -41.88
C VAL M 121 10.04 40.11 -40.68
N LEU M 122 10.95 39.17 -40.94
CA LEU M 122 11.62 38.38 -39.88
C LEU M 122 12.56 39.27 -39.07
N GLN M 123 13.16 40.29 -39.68
CA GLN M 123 14.10 41.18 -38.94
C GLN M 123 13.31 42.13 -38.03
N LYS M 124 12.18 42.66 -38.50
CA LYS M 124 11.32 43.57 -37.71
C LYS M 124 10.82 42.84 -36.46
N ALA M 125 10.27 41.62 -36.63
CA ALA M 125 9.83 40.74 -35.51
C ALA M 125 11.06 40.30 -34.73
N ALA M 126 11.41 41.01 -33.66
CA ALA M 126 12.63 40.83 -32.85
C ALA M 126 13.87 40.85 -33.76
N GLN N 1 0.20 2.85 -52.12
CA GLN N 1 1.65 2.86 -51.71
C GLN N 1 2.24 4.25 -51.97
N ASP N 2 3.10 4.72 -51.06
CA ASP N 2 3.86 5.98 -51.23
C ASP N 2 5.02 5.72 -52.19
N PRO N 3 5.08 6.38 -53.38
CA PRO N 3 6.23 6.25 -54.27
C PRO N 3 7.40 7.20 -53.96
N CYS N 4 7.27 8.02 -52.90
CA CYS N 4 8.29 8.98 -52.41
C CYS N 4 9.62 8.25 -52.19
N SER N 5 9.58 7.09 -51.51
CA SER N 5 10.77 6.26 -51.20
C SER N 5 11.67 6.08 -52.44
N ASN N 6 11.07 5.95 -53.62
CA ASN N 6 11.76 5.65 -54.90
C ASN N 6 12.28 6.93 -55.56
N CYS N 7 12.12 8.12 -54.95
CA CYS N 7 12.72 9.40 -55.45
C CYS N 7 14.24 9.41 -55.23
N PRO N 8 15.05 9.81 -56.24
CA PRO N 8 16.51 9.76 -56.12
C PRO N 8 17.08 10.97 -55.38
N ALA N 9 18.39 10.94 -55.12
CA ALA N 9 19.19 12.06 -54.57
C ALA N 9 19.13 13.24 -55.54
N GLY N 10 19.44 14.44 -55.05
CA GLY N 10 19.31 15.71 -55.82
C GLY N 10 17.87 16.13 -56.02
N THR N 11 16.95 15.58 -55.22
CA THR N 11 15.49 15.62 -55.46
C THR N 11 14.73 15.35 -54.14
N PHE N 12 13.50 15.87 -54.04
CA PHE N 12 12.58 15.69 -52.88
C PHE N 12 11.19 15.27 -53.37
N CYS N 13 10.43 14.57 -52.52
CA CYS N 13 9.07 14.06 -52.82
C CYS N 13 8.10 15.24 -52.88
N ASP N 14 7.31 15.32 -53.94
CA ASP N 14 6.43 16.47 -54.29
C ASP N 14 5.33 15.98 -55.23
N ASN N 15 4.10 15.81 -54.73
CA ASN N 15 2.98 15.21 -55.50
C ASN N 15 1.77 16.15 -55.51
N ASN N 16 1.95 17.46 -55.25
CA ASN N 16 0.87 18.49 -55.34
C ASN N 16 0.58 18.77 -56.83
N ARG N 17 1.63 18.91 -57.66
CA ARG N 17 1.56 19.06 -59.13
C ARG N 17 1.50 17.66 -59.77
N ASN N 18 1.67 17.60 -61.10
CA ASN N 18 1.70 16.34 -61.90
C ASN N 18 3.00 15.55 -61.63
N GLN N 19 4.09 16.22 -61.20
CA GLN N 19 5.42 15.62 -60.94
C GLN N 19 5.39 14.80 -59.64
N ILE N 20 6.10 13.66 -59.62
CA ILE N 20 6.18 12.73 -58.44
C ILE N 20 7.32 13.19 -57.52
N CYS N 21 8.42 13.66 -58.07
CA CYS N 21 9.58 14.24 -57.33
C CYS N 21 10.06 15.50 -58.07
N SER N 22 10.46 16.52 -57.32
CA SER N 22 10.99 17.80 -57.86
C SER N 22 12.49 17.92 -57.54
N PRO N 23 13.25 18.67 -58.36
CA PRO N 23 14.68 18.87 -58.13
C PRO N 23 14.87 19.81 -56.93
N CYS N 24 15.93 19.58 -56.16
CA CYS N 24 16.30 20.42 -55.01
C CYS N 24 16.49 21.86 -55.47
N PRO N 25 15.80 22.84 -54.85
CA PRO N 25 15.95 24.25 -55.24
C PRO N 25 17.37 24.74 -55.00
N PRO N 26 17.78 25.87 -55.61
CA PRO N 26 19.14 26.36 -55.48
C PRO N 26 19.54 26.57 -54.01
N ASN N 27 20.80 26.27 -53.68
CA ASN N 27 21.36 26.32 -52.31
C ASN N 27 20.66 25.31 -51.40
N SER N 28 20.19 24.20 -51.97
CA SER N 28 19.75 23.02 -51.21
C SER N 28 20.19 21.76 -51.94
N PHE N 29 20.30 20.66 -51.21
CA PHE N 29 20.79 19.36 -51.74
C PHE N 29 20.05 18.21 -51.05
N SER N 30 19.93 17.09 -51.74
CA SER N 30 19.46 15.80 -51.19
C SER N 30 20.57 14.77 -51.41
N SER N 31 21.16 14.25 -50.32
CA SER N 31 22.24 13.24 -50.36
C SER N 31 21.69 11.82 -50.48
N ALA N 32 20.47 11.60 -50.01
CA ALA N 32 19.88 10.26 -49.83
C ALA N 32 19.00 9.91 -51.02
N GLY N 33 17.98 10.71 -51.31
CA GLY N 33 16.77 10.27 -52.03
C GLY N 33 15.80 9.58 -51.07
N GLY N 34 14.50 9.68 -51.37
CA GLY N 34 13.41 9.39 -50.41
C GLY N 34 13.25 10.49 -49.38
N GLN N 35 13.81 11.69 -49.61
CA GLN N 35 13.77 12.83 -48.66
C GLN N 35 12.49 13.63 -48.93
N ARG N 36 11.79 14.04 -47.86
CA ARG N 36 10.57 14.89 -47.93
C ARG N 36 10.97 16.36 -48.15
N THR N 37 12.21 16.71 -47.79
CA THR N 37 12.79 18.08 -47.82
C THR N 37 14.24 17.99 -48.28
N CYS N 38 14.72 19.02 -48.97
CA CYS N 38 16.16 19.20 -49.31
C CYS N 38 16.87 19.89 -48.13
N ASP N 39 18.03 19.38 -47.73
CA ASP N 39 18.93 20.00 -46.72
C ASP N 39 19.54 21.26 -47.33
N ILE N 40 19.75 22.29 -46.50
CA ILE N 40 20.20 23.63 -46.97
C ILE N 40 21.74 23.65 -46.97
N CYS N 41 22.34 24.18 -48.03
CA CYS N 41 23.80 24.16 -48.29
C CYS N 41 24.54 25.05 -47.26
N ARG N 42 25.69 24.60 -46.75
CA ARG N 42 26.67 25.45 -46.02
C ARG N 42 27.07 26.63 -46.93
N GLN N 43 26.97 27.86 -46.43
CA GLN N 43 27.48 29.08 -47.11
C GLN N 43 28.88 29.38 -46.55
N CYS N 44 29.83 29.79 -47.40
CA CYS N 44 31.27 29.94 -47.06
C CYS N 44 31.90 31.13 -47.76
N LYS N 45 31.95 32.28 -47.08
CA LYS N 45 32.55 33.52 -47.60
C LYS N 45 33.38 34.18 -46.48
N GLY N 46 34.25 35.11 -46.86
CA GLY N 46 35.10 35.89 -45.94
C GLY N 46 36.19 35.05 -45.33
N VAL N 47 36.10 34.78 -44.03
CA VAL N 47 37.09 33.96 -43.26
C VAL N 47 37.02 32.52 -43.77
N PHE N 48 35.81 32.02 -44.00
CA PHE N 48 35.53 30.69 -44.55
C PHE N 48 35.77 30.70 -46.06
N ARG N 49 36.43 29.65 -46.54
CA ARG N 49 36.86 29.43 -47.94
C ARG N 49 36.27 28.09 -48.41
N THR N 50 35.77 28.03 -49.64
CA THR N 50 35.05 26.84 -50.19
C THR N 50 36.06 25.80 -50.62
N ARG N 51 36.00 24.60 -50.02
CA ARG N 51 36.86 23.42 -50.27
C ARG N 51 36.21 22.55 -51.36
N LYS N 52 34.93 22.26 -51.16
CA LYS N 52 34.02 21.63 -52.14
C LYS N 52 32.79 22.53 -52.23
N GLU N 53 32.38 22.88 -53.44
CA GLU N 53 31.17 23.70 -53.70
C GLU N 53 29.93 22.81 -53.53
N CYS N 54 28.76 23.42 -53.26
CA CYS N 54 27.47 22.70 -53.07
C CYS N 54 27.02 22.14 -54.42
N SER N 55 26.65 20.86 -54.45
CA SER N 55 25.99 20.18 -55.59
C SER N 55 24.54 19.88 -55.21
N SER N 56 23.74 19.47 -56.18
CA SER N 56 22.33 19.01 -55.98
C SER N 56 22.31 17.79 -55.05
N THR N 57 23.37 16.98 -55.05
CA THR N 57 23.44 15.69 -54.33
C THR N 57 24.30 15.79 -53.05
N SER N 58 25.16 16.80 -52.93
CA SER N 58 26.17 16.90 -51.83
C SER N 58 26.31 18.34 -51.34
N ASN N 59 26.42 18.48 -50.01
CA ASN N 59 26.67 19.75 -49.29
C ASN N 59 28.04 20.31 -49.68
N ALA N 60 28.19 21.64 -49.59
CA ALA N 60 29.50 22.30 -49.59
C ALA N 60 30.28 21.91 -48.34
N GLU N 61 31.59 21.73 -48.48
CA GLU N 61 32.55 21.60 -47.35
C GLU N 61 33.47 22.81 -47.43
N CYS N 62 34.05 23.21 -46.31
CA CYS N 62 34.82 24.50 -46.20
C CYS N 62 36.02 24.37 -45.28
N ASP N 63 37.01 25.20 -45.55
CA ASP N 63 38.24 25.37 -44.74
C ASP N 63 38.40 26.87 -44.50
N CYS N 64 39.36 27.27 -43.67
CA CYS N 64 39.59 28.69 -43.24
C CYS N 64 40.62 29.37 -44.14
N THR N 65 40.48 30.67 -44.37
CA THR N 65 41.44 31.49 -45.16
C THR N 65 42.79 31.49 -44.43
N PRO N 66 43.91 31.84 -45.10
CA PRO N 66 45.21 31.92 -44.43
C PRO N 66 45.19 32.85 -43.21
N GLY N 67 45.95 32.46 -42.18
CA GLY N 67 46.02 33.16 -40.88
C GLY N 67 44.94 32.71 -39.92
N PHE N 68 44.21 31.64 -40.27
CA PHE N 68 43.14 31.03 -39.44
C PHE N 68 43.18 29.51 -39.58
N HIS N 69 42.50 28.79 -38.69
CA HIS N 69 42.43 27.32 -38.69
C HIS N 69 41.05 26.88 -38.22
N CYS N 70 40.55 25.79 -38.80
CA CYS N 70 39.26 25.15 -38.47
C CYS N 70 39.32 24.61 -37.04
N LEU N 71 38.18 24.62 -36.36
CA LEU N 71 37.94 23.80 -35.14
C LEU N 71 36.53 23.21 -35.20
N GLY N 72 36.40 21.92 -34.87
CA GLY N 72 35.12 21.20 -34.87
C GLY N 72 34.79 20.61 -36.23
N ALA N 73 33.83 19.69 -36.22
CA ALA N 73 33.42 18.86 -37.39
C ALA N 73 32.98 19.79 -38.52
N GLY N 74 33.46 19.53 -39.75
CA GLY N 74 33.08 20.27 -40.97
C GLY N 74 33.43 21.75 -40.89
N CYS N 75 34.50 22.08 -40.14
CA CYS N 75 35.05 23.44 -40.01
C CYS N 75 33.94 24.42 -39.60
N SER N 76 33.29 24.14 -38.47
CA SER N 76 32.08 24.84 -37.96
C SER N 76 32.43 26.30 -37.68
N MET N 77 33.55 26.53 -36.99
CA MET N 77 34.10 27.88 -36.70
C MET N 77 35.60 27.89 -36.97
N CYS N 78 36.11 29.05 -37.32
CA CYS N 78 37.56 29.35 -37.49
C CYS N 78 38.13 30.08 -36.26
N GLU N 79 39.42 29.87 -35.96
CA GLU N 79 40.19 30.45 -34.83
C GLU N 79 41.50 31.02 -35.39
N GLN N 80 41.93 32.16 -34.89
CA GLN N 80 43.18 32.87 -35.31
C GLN N 80 44.39 31.95 -35.12
N ASP N 81 45.26 31.87 -36.13
CA ASP N 81 46.62 31.27 -36.00
C ASP N 81 47.47 32.16 -35.09
N CYS N 82 48.32 31.55 -34.26
CA CYS N 82 49.45 32.20 -33.57
C CYS N 82 50.74 31.64 -34.17
N LYS N 83 51.88 32.27 -33.88
CA LYS N 83 53.23 31.78 -34.26
C LYS N 83 53.54 30.51 -33.46
N GLN N 84 54.62 29.83 -33.80
CA GLN N 84 55.17 28.73 -32.99
C GLN N 84 55.80 29.33 -31.73
N GLY N 85 55.73 28.61 -30.61
CA GLY N 85 56.07 29.13 -29.27
C GLY N 85 55.14 30.25 -28.84
N GLN N 86 53.86 30.17 -29.23
CA GLN N 86 52.76 31.02 -28.70
C GLN N 86 51.54 30.14 -28.48
N GLU N 87 50.62 30.61 -27.64
CA GLU N 87 49.28 30.03 -27.43
C GLU N 87 48.26 31.16 -27.63
N LEU N 88 47.02 30.78 -27.90
CA LEU N 88 45.88 31.72 -28.05
C LEU N 88 45.16 31.81 -26.70
N THR N 89 45.36 32.93 -26.00
CA THR N 89 44.50 33.37 -24.86
C THR N 89 43.33 34.18 -25.42
N LYS N 90 42.32 34.46 -24.59
CA LYS N 90 41.20 35.35 -24.98
C LYS N 90 41.73 36.77 -25.20
N LYS N 91 42.78 37.15 -24.46
CA LYS N 91 43.53 38.43 -24.63
C LYS N 91 44.32 38.43 -25.94
N GLY N 92 44.63 37.26 -26.49
CA GLY N 92 45.15 37.09 -27.87
C GLY N 92 46.32 36.13 -27.92
N CYS N 93 47.15 36.28 -28.94
CA CYS N 93 48.38 35.48 -29.14
C CYS N 93 49.46 35.96 -28.16
N LYS N 94 49.61 35.25 -27.04
CA LYS N 94 50.68 35.44 -26.04
C LYS N 94 51.77 34.38 -26.26
N ASP N 95 53.04 34.73 -26.06
CA ASP N 95 54.22 33.82 -26.12
C ASP N 95 54.11 32.79 -24.99
N CYS N 96 54.71 31.62 -25.15
CA CYS N 96 54.77 30.54 -24.11
C CYS N 96 55.66 31.02 -22.96
N CYS N 97 55.35 30.60 -21.73
CA CYS N 97 56.19 30.80 -20.51
C CYS N 97 57.49 29.99 -20.67
N PHE N 98 58.40 30.04 -19.69
CA PHE N 98 59.78 29.48 -19.84
C PHE N 98 59.73 27.97 -20.08
N GLY N 99 59.15 27.20 -19.13
CA GLY N 99 59.30 25.74 -19.08
C GLY N 99 58.30 25.00 -19.97
N THR N 100 57.77 25.66 -21.00
CA THR N 100 56.59 25.24 -21.78
C THR N 100 56.82 25.63 -23.25
N PHE N 101 56.24 24.85 -24.16
CA PHE N 101 56.45 24.95 -25.62
C PHE N 101 55.13 24.76 -26.38
N ASN N 102 55.08 25.30 -27.59
CA ASN N 102 54.06 24.97 -28.60
C ASN N 102 54.71 24.88 -29.98
N ASP N 103 54.83 23.66 -30.51
CA ASP N 103 55.45 23.31 -31.80
C ASP N 103 54.49 23.56 -32.98
N GLN N 104 53.21 23.81 -32.70
CA GLN N 104 52.15 24.05 -33.73
C GLN N 104 51.83 25.55 -33.82
N LYS N 105 51.04 25.94 -34.82
CA LYS N 105 50.48 27.31 -35.02
C LYS N 105 49.05 27.38 -34.41
N ARG N 106 48.65 26.38 -33.61
CA ARG N 106 47.37 26.36 -32.87
C ARG N 106 47.54 25.57 -31.58
N GLY N 107 46.65 25.82 -30.61
CA GLY N 107 46.57 25.07 -29.34
C GLY N 107 47.25 25.83 -28.21
N ILE N 108 47.24 25.21 -27.03
CA ILE N 108 47.83 25.77 -25.77
C ILE N 108 49.32 25.44 -25.74
N CYS N 109 50.09 26.18 -24.94
CA CYS N 109 51.49 25.80 -24.56
C CYS N 109 51.39 24.62 -23.59
N ARG N 110 52.22 23.62 -23.81
CA ARG N 110 52.32 22.38 -22.98
C ARG N 110 53.70 22.41 -22.31
N PRO N 111 53.86 21.93 -21.06
CA PRO N 111 55.16 21.96 -20.39
C PRO N 111 56.15 20.97 -21.03
N TRP N 112 57.45 21.30 -21.00
CA TRP N 112 58.57 20.39 -21.39
C TRP N 112 58.42 19.06 -20.66
N THR N 113 58.99 18.00 -21.22
CA THR N 113 59.04 16.67 -20.57
C THR N 113 60.00 16.74 -19.37
N ASN N 114 59.60 16.21 -18.22
CA ASN N 114 60.51 15.98 -17.07
C ASN N 114 61.21 14.64 -17.31
N CYS N 115 62.48 14.68 -17.72
CA CYS N 115 63.32 13.49 -18.03
C CYS N 115 63.48 12.65 -16.76
N SER N 116 63.76 13.31 -15.63
CA SER N 116 63.93 12.75 -14.26
C SER N 116 62.83 11.74 -13.95
N LEU N 117 61.58 12.04 -14.32
CA LEU N 117 60.38 11.20 -14.02
C LEU N 117 60.60 9.78 -14.54
N ASP N 118 61.07 9.62 -15.78
CA ASP N 118 61.32 8.30 -16.44
C ASP N 118 62.75 7.80 -16.16
N GLY N 119 63.54 8.53 -15.37
CA GLY N 119 64.93 8.18 -15.01
C GLY N 119 65.96 8.87 -15.89
N LYS N 120 65.60 9.27 -17.12
CA LYS N 120 66.54 9.78 -18.16
C LYS N 120 67.07 11.16 -17.78
N SER N 121 68.04 11.70 -18.56
CA SER N 121 68.66 13.04 -18.36
C SER N 121 68.44 13.90 -19.61
N VAL N 122 68.29 15.22 -19.40
CA VAL N 122 68.12 16.25 -20.48
C VAL N 122 69.33 16.19 -21.42
N LEU N 123 69.17 15.51 -22.56
CA LEU N 123 70.24 15.39 -23.61
C LEU N 123 70.38 16.76 -24.30
N VAL N 124 69.27 17.27 -24.85
CA VAL N 124 69.18 18.62 -25.52
C VAL N 124 68.03 19.41 -24.87
N ASN N 125 68.27 20.70 -24.62
CA ASN N 125 67.31 21.62 -23.94
C ASN N 125 66.10 21.85 -24.85
N GLY N 126 64.95 22.19 -24.25
CA GLY N 126 63.74 22.60 -24.98
C GLY N 126 63.79 24.08 -25.32
N THR N 127 62.74 24.59 -25.96
CA THR N 127 62.53 26.03 -26.23
C THR N 127 61.03 26.33 -26.31
N LYS N 128 60.65 27.60 -26.48
CA LYS N 128 59.27 28.03 -26.76
C LYS N 128 58.71 27.21 -27.94
N GLU N 129 59.52 26.95 -28.97
CA GLU N 129 59.10 26.27 -30.23
C GLU N 129 59.02 24.74 -30.06
N ARG N 130 59.84 24.10 -29.21
CA ARG N 130 59.94 22.60 -29.19
C ARG N 130 60.31 22.05 -27.81
N ASP N 131 59.96 20.77 -27.60
CA ASP N 131 60.17 19.97 -26.36
C ASP N 131 61.65 19.68 -26.15
N VAL N 132 62.01 19.31 -24.92
CA VAL N 132 63.32 18.71 -24.53
C VAL N 132 63.52 17.40 -25.30
N VAL N 133 64.78 17.06 -25.59
CA VAL N 133 65.24 15.70 -25.99
C VAL N 133 65.88 15.06 -24.75
N CYS N 134 65.27 14.00 -24.20
CA CYS N 134 65.82 13.21 -23.06
C CYS N 134 66.69 12.09 -23.63
N GLY N 135 67.68 11.66 -22.86
CA GLY N 135 68.86 10.93 -23.37
C GLY N 135 68.84 9.49 -22.89
N PRO N 136 69.82 9.06 -22.05
CA PRO N 136 69.97 7.66 -21.69
C PRO N 136 68.90 7.17 -20.70
N ASP O 3 11.12 -30.62 -22.71
CA ASP O 3 10.34 -31.87 -22.46
C ASP O 3 11.36 -32.95 -22.07
N LEU O 4 11.99 -32.73 -20.92
CA LEU O 4 12.76 -33.77 -20.16
C LEU O 4 11.82 -34.86 -19.63
N GLY O 5 10.60 -34.47 -19.22
CA GLY O 5 9.54 -35.37 -18.73
C GLY O 5 9.17 -36.44 -19.75
N LYS O 6 8.98 -36.06 -21.01
CA LYS O 6 8.62 -37.00 -22.13
C LYS O 6 9.74 -38.03 -22.32
N LYS O 7 11.00 -37.60 -22.25
CA LYS O 7 12.22 -38.45 -22.39
C LYS O 7 12.29 -39.44 -21.21
N LEU O 8 11.87 -39.01 -20.02
CA LEU O 8 11.90 -39.85 -18.78
C LEU O 8 10.82 -40.93 -18.86
N LEU O 9 9.64 -40.61 -19.42
CA LEU O 9 8.53 -41.57 -19.66
C LEU O 9 9.02 -42.72 -20.54
N LYS O 10 9.65 -42.39 -21.68
CA LYS O 10 10.17 -43.38 -22.66
C LYS O 10 11.25 -44.23 -21.98
N ALA O 11 12.16 -43.57 -21.25
CA ALA O 11 13.27 -44.20 -20.50
C ALA O 11 12.72 -45.25 -19.52
N ALA O 12 11.72 -44.87 -18.72
CA ALA O 12 11.02 -45.73 -17.74
C ALA O 12 10.32 -46.88 -18.46
N GLN O 13 9.64 -46.59 -19.58
CA GLN O 13 8.89 -47.57 -20.39
C GLN O 13 9.84 -48.63 -20.97
N GLU O 14 10.87 -48.18 -21.69
CA GLU O 14 11.87 -49.04 -22.38
C GLU O 14 12.61 -49.90 -21.34
N GLY O 15 12.75 -49.43 -20.10
CA GLY O 15 13.34 -50.17 -18.97
C GLY O 15 14.83 -49.92 -18.86
N GLN O 16 15.25 -48.67 -19.15
CA GLN O 16 16.68 -48.24 -19.18
C GLN O 16 17.01 -47.63 -17.81
N ASP O 17 17.52 -48.45 -16.90
CA ASP O 17 17.72 -48.12 -15.46
C ASP O 17 18.69 -46.94 -15.35
N ASP O 18 19.81 -46.99 -16.06
CA ASP O 18 20.88 -45.95 -16.04
C ASP O 18 20.36 -44.63 -16.62
N GLU O 19 19.61 -44.70 -17.74
CA GLU O 19 19.04 -43.52 -18.46
C GLU O 19 18.06 -42.77 -17.56
N VAL O 20 17.30 -43.48 -16.71
CA VAL O 20 16.39 -42.87 -15.69
C VAL O 20 17.26 -42.12 -14.68
N ARG O 21 18.25 -42.79 -14.10
CA ARG O 21 19.15 -42.23 -13.05
C ARG O 21 19.78 -40.93 -13.55
N GLU O 22 20.29 -40.93 -14.79
CA GLU O 22 20.91 -39.75 -15.45
C GLU O 22 19.88 -38.62 -15.56
N LEU O 23 18.69 -38.91 -16.13
CA LEU O 23 17.63 -37.91 -16.42
C LEU O 23 17.09 -37.31 -15.12
N LEU O 24 16.94 -38.11 -14.07
CA LEU O 24 16.53 -37.63 -12.72
C LEU O 24 17.63 -36.71 -12.15
N LYS O 25 18.90 -37.16 -12.20
CA LYS O 25 20.07 -36.41 -11.67
C LYS O 25 20.32 -35.13 -12.49
N ALA O 26 19.81 -35.05 -13.73
CA ALA O 26 19.83 -33.84 -14.59
C ALA O 26 18.63 -32.90 -14.27
N GLY O 27 17.87 -33.18 -13.20
CA GLY O 27 16.77 -32.35 -12.71
C GLY O 27 15.53 -32.44 -13.58
N ALA O 28 15.17 -33.66 -14.03
CA ALA O 28 13.90 -33.94 -14.73
C ALA O 28 12.76 -33.99 -13.70
N ASP O 29 11.56 -33.54 -14.09
CA ASP O 29 10.35 -33.54 -13.23
C ASP O 29 9.89 -35.00 -13.06
N VAL O 30 10.01 -35.55 -11.85
CA VAL O 30 9.71 -36.99 -11.55
C VAL O 30 8.21 -37.25 -11.68
N ASN O 31 7.37 -36.22 -11.52
CA ASN O 31 5.88 -36.31 -11.60
C ASN O 31 5.38 -35.68 -12.91
N ALA O 32 6.09 -35.93 -14.01
CA ALA O 32 5.74 -35.45 -15.35
C ALA O 32 4.54 -36.23 -15.90
N LYS O 33 3.33 -35.64 -15.86
CA LYS O 33 2.11 -36.22 -16.48
C LYS O 33 2.22 -36.11 -18.00
N ASP O 34 1.64 -37.07 -18.74
CA ASP O 34 1.31 -36.91 -20.19
C ASP O 34 -0.15 -36.43 -20.29
N LEU O 35 -0.75 -36.47 -21.48
CA LEU O 35 -2.16 -36.06 -21.70
C LEU O 35 -3.11 -37.07 -21.03
N ARG O 36 -2.68 -38.33 -20.88
CA ARG O 36 -3.46 -39.40 -20.19
C ARG O 36 -3.18 -39.42 -18.69
N GLY O 37 -2.46 -38.43 -18.14
CA GLY O 37 -2.14 -38.32 -16.71
C GLY O 37 -1.17 -39.39 -16.24
N ILE O 38 -0.40 -39.97 -17.16
CA ILE O 38 0.50 -41.13 -16.91
C ILE O 38 1.90 -40.60 -16.57
N THR O 39 2.32 -40.82 -15.32
CA THR O 39 3.66 -40.46 -14.79
C THR O 39 4.65 -41.57 -15.12
N PRO O 40 5.98 -41.30 -15.05
CA PRO O 40 6.98 -42.35 -15.12
C PRO O 40 6.72 -43.54 -14.19
N LEU O 41 6.19 -43.29 -12.98
CA LEU O 41 5.96 -44.36 -11.98
C LEU O 41 4.86 -45.32 -12.46
N HIS O 42 3.75 -44.78 -12.99
CA HIS O 42 2.66 -45.58 -13.64
C HIS O 42 3.27 -46.54 -14.68
N VAL O 43 4.07 -45.98 -15.58
CA VAL O 43 4.69 -46.69 -16.75
C VAL O 43 5.58 -47.81 -16.22
N ALA O 44 6.48 -47.49 -15.28
CA ALA O 44 7.43 -48.44 -14.66
C ALA O 44 6.63 -49.54 -13.96
N ALA O 45 5.56 -49.16 -13.23
CA ALA O 45 4.66 -50.09 -12.51
C ALA O 45 3.95 -51.00 -13.53
N TRP O 46 3.47 -50.43 -14.64
CA TRP O 46 2.74 -51.15 -15.71
C TRP O 46 3.64 -52.23 -16.33
N GLN O 47 4.93 -51.93 -16.53
CA GLN O 47 5.86 -52.80 -17.30
C GLN O 47 6.81 -53.58 -16.36
N GLY O 48 6.62 -53.47 -15.04
CA GLY O 48 7.29 -54.35 -14.05
C GLY O 48 8.78 -54.07 -13.90
N HIS O 49 9.21 -52.82 -14.03
CA HIS O 49 10.62 -52.36 -13.87
C HIS O 49 10.87 -51.93 -12.42
N LEU O 50 10.93 -52.91 -11.51
CA LEU O 50 11.08 -52.72 -10.04
C LEU O 50 12.24 -51.76 -9.76
N GLU O 51 13.43 -52.14 -10.20
CA GLU O 51 14.64 -51.32 -10.48
C GLU O 51 14.26 -49.82 -10.54
N ILE O 52 13.46 -49.43 -11.53
CA ILE O 52 13.13 -48.01 -11.87
C ILE O 52 12.06 -47.50 -10.89
N VAL O 53 11.11 -48.34 -10.50
CA VAL O 53 10.06 -47.98 -9.48
C VAL O 53 10.77 -47.52 -8.20
N GLU O 54 11.84 -48.21 -7.78
CA GLU O 54 12.61 -47.92 -6.54
C GLU O 54 13.25 -46.53 -6.65
N VAL O 55 13.92 -46.24 -7.77
CA VAL O 55 14.68 -44.96 -7.94
C VAL O 55 13.70 -43.79 -8.11
N LEU O 56 12.55 -44.00 -8.76
CA LEU O 56 11.50 -42.96 -8.95
C LEU O 56 10.89 -42.57 -7.61
N LEU O 57 10.58 -43.56 -6.76
CA LEU O 57 10.05 -43.36 -5.39
C LEU O 57 11.09 -42.63 -4.55
N LYS O 58 12.36 -43.08 -4.61
CA LYS O 58 13.52 -42.53 -3.86
C LYS O 58 13.74 -41.05 -4.25
N ALA O 59 13.37 -40.66 -5.48
CA ALA O 59 13.47 -39.27 -5.99
C ALA O 59 12.15 -38.52 -5.81
N GLY O 60 11.21 -39.03 -4.99
CA GLY O 60 10.00 -38.31 -4.57
C GLY O 60 8.91 -38.30 -5.63
N ALA O 61 8.63 -39.45 -6.24
CA ALA O 61 7.46 -39.66 -7.13
C ALA O 61 6.19 -39.73 -6.27
N ASP O 62 5.09 -39.15 -6.73
CA ASP O 62 3.75 -39.23 -6.07
C ASP O 62 3.23 -40.67 -6.24
N VAL O 63 3.24 -41.44 -5.15
CA VAL O 63 2.85 -42.88 -5.13
C VAL O 63 1.35 -43.02 -5.43
N ASN O 64 0.52 -42.04 -5.07
CA ASN O 64 -0.96 -42.10 -5.29
C ASN O 64 -1.37 -41.13 -6.40
N ALA O 65 -0.47 -40.86 -7.35
CA ALA O 65 -0.78 -40.08 -8.58
C ALA O 65 -1.85 -40.83 -9.38
N LYS O 66 -2.90 -40.12 -9.82
CA LYS O 66 -4.01 -40.70 -10.62
C LYS O 66 -3.75 -40.42 -12.10
N ASP O 67 -4.08 -41.38 -12.98
CA ASP O 67 -4.17 -41.14 -14.44
C ASP O 67 -5.53 -40.50 -14.72
N SER O 68 -5.79 -40.15 -15.98
CA SER O 68 -7.05 -39.50 -16.44
C SER O 68 -8.29 -40.34 -16.08
N LYS O 69 -8.15 -41.66 -16.02
CA LYS O 69 -9.22 -42.66 -15.70
C LYS O 69 -9.22 -43.02 -14.20
N GLY O 70 -8.35 -42.41 -13.39
CA GLY O 70 -8.36 -42.56 -11.91
C GLY O 70 -7.52 -43.74 -11.41
N GLU O 71 -6.71 -44.35 -12.28
CA GLU O 71 -5.83 -45.48 -11.91
C GLU O 71 -4.52 -44.93 -11.33
N THR O 72 -4.05 -45.55 -10.25
CA THR O 72 -2.78 -45.26 -9.56
C THR O 72 -1.73 -46.29 -9.99
N PRO O 73 -0.43 -46.00 -9.79
CA PRO O 73 0.62 -47.00 -10.05
C PRO O 73 0.35 -48.35 -9.37
N LEU O 74 -0.27 -48.34 -8.18
CA LEU O 74 -0.61 -49.60 -7.47
C LEU O 74 -1.65 -50.39 -8.28
N HIS O 75 -2.69 -49.72 -8.80
CA HIS O 75 -3.71 -50.33 -9.70
C HIS O 75 -3.01 -51.06 -10.85
N LEU O 76 -2.04 -50.41 -11.50
CA LEU O 76 -1.35 -50.94 -12.70
C LEU O 76 -0.51 -52.15 -12.30
N ALA O 77 0.37 -51.98 -11.30
CA ALA O 77 1.21 -53.06 -10.72
C ALA O 77 0.33 -54.26 -10.33
N ALA O 78 -0.82 -54.00 -9.70
CA ALA O 78 -1.78 -55.01 -9.23
C ALA O 78 -2.34 -55.77 -10.42
N PHE O 79 -2.82 -55.04 -11.43
CA PHE O 79 -3.43 -55.60 -12.66
C PHE O 79 -2.40 -56.40 -13.47
N ARG O 80 -1.15 -55.95 -13.50
CA ARG O 80 -0.08 -56.52 -14.36
C ARG O 80 0.71 -57.61 -13.62
N GLY O 81 0.32 -57.95 -12.39
CA GLY O 81 0.82 -59.15 -11.66
C GLY O 81 2.23 -58.99 -11.15
N HIS O 82 2.65 -57.78 -10.73
CA HIS O 82 4.04 -57.48 -10.27
C HIS O 82 4.09 -57.38 -8.75
N LEU O 83 4.00 -58.53 -8.08
CA LEU O 83 3.87 -58.67 -6.61
C LEU O 83 4.93 -57.83 -5.88
N GLU O 84 6.18 -57.88 -6.34
CA GLU O 84 7.33 -57.21 -5.67
C GLU O 84 7.10 -55.70 -5.69
N ILE O 85 6.68 -55.15 -6.83
CA ILE O 85 6.34 -53.71 -7.03
C ILE O 85 5.13 -53.35 -6.17
N VAL O 86 4.11 -54.23 -6.11
CA VAL O 86 2.93 -54.04 -5.22
C VAL O 86 3.44 -53.83 -3.80
N GLU O 87 4.32 -54.73 -3.32
CA GLU O 87 4.86 -54.69 -1.93
C GLU O 87 5.61 -53.38 -1.70
N VAL O 88 6.49 -52.99 -2.64
CA VAL O 88 7.32 -51.75 -2.56
C VAL O 88 6.41 -50.52 -2.46
N LEU O 89 5.36 -50.47 -3.29
CA LEU O 89 4.43 -49.30 -3.33
C LEU O 89 3.70 -49.19 -2.00
N LEU O 90 3.26 -50.33 -1.44
CA LEU O 90 2.56 -50.39 -0.13
C LEU O 90 3.50 -49.83 0.96
N LYS O 91 4.74 -50.32 1.02
CA LYS O 91 5.77 -49.92 2.01
C LYS O 91 6.05 -48.41 1.89
N ALA O 92 5.94 -47.85 0.67
CA ALA O 92 6.13 -46.41 0.39
C ALA O 92 4.81 -45.64 0.57
N GLY O 93 3.78 -46.25 1.17
CA GLY O 93 2.53 -45.57 1.58
C GLY O 93 1.56 -45.38 0.44
N ALA O 94 1.34 -46.44 -0.36
CA ALA O 94 0.32 -46.50 -1.43
C ALA O 94 -1.07 -46.65 -0.78
N ASP O 95 -2.07 -45.96 -1.31
CA ASP O 95 -3.47 -46.00 -0.82
C ASP O 95 -4.11 -47.29 -1.33
N VAL O 96 -4.22 -48.31 -0.47
CA VAL O 96 -4.55 -49.71 -0.85
C VAL O 96 -6.03 -49.86 -1.25
N ASN O 97 -6.93 -49.02 -0.70
CA ASN O 97 -8.40 -49.13 -0.95
C ASN O 97 -8.85 -48.05 -1.94
N ALA O 98 -7.92 -47.38 -2.63
CA ALA O 98 -8.20 -46.31 -3.62
C ALA O 98 -9.05 -46.88 -4.77
N GLN O 99 -10.06 -46.14 -5.22
CA GLN O 99 -10.92 -46.52 -6.37
C GLN O 99 -10.38 -45.85 -7.65
N ASP O 100 -10.71 -46.43 -8.81
CA ASP O 100 -10.60 -45.81 -10.16
C ASP O 100 -11.96 -45.18 -10.48
N GLN O 101 -12.14 -44.60 -11.68
CA GLN O 101 -13.44 -44.08 -12.19
C GLN O 101 -14.56 -45.09 -11.91
N GLN O 102 -14.32 -46.37 -12.20
CA GLN O 102 -15.35 -47.44 -12.16
C GLN O 102 -15.46 -48.03 -10.75
N GLY O 103 -14.75 -47.46 -9.78
CA GLY O 103 -14.91 -47.82 -8.35
C GLY O 103 -14.31 -49.19 -8.03
N GLU O 104 -13.18 -49.52 -8.67
CA GLU O 104 -12.47 -50.80 -8.48
C GLU O 104 -11.11 -50.52 -7.81
N THR O 105 -10.81 -51.24 -6.72
CA THR O 105 -9.53 -51.17 -5.98
C THR O 105 -8.47 -51.96 -6.73
N PRO O 106 -7.16 -51.74 -6.47
CA PRO O 106 -6.11 -52.61 -7.00
C PRO O 106 -6.38 -54.10 -6.71
N ALA O 107 -6.83 -54.40 -5.49
CA ALA O 107 -7.30 -55.74 -5.06
C ALA O 107 -8.30 -56.31 -6.09
N ASP O 108 -9.22 -55.50 -6.58
CA ASP O 108 -10.25 -55.92 -7.59
C ASP O 108 -9.56 -56.24 -8.91
N LEU O 109 -8.63 -55.38 -9.36
CA LEU O 109 -7.90 -55.52 -10.64
C LEU O 109 -7.01 -56.76 -10.60
N ALA O 110 -6.34 -57.00 -9.46
CA ALA O 110 -5.55 -58.23 -9.21
C ALA O 110 -6.45 -59.45 -9.44
N ALA O 111 -7.65 -59.46 -8.86
CA ALA O 111 -8.63 -60.57 -8.98
C ALA O 111 -9.08 -60.69 -10.44
N LEU O 112 -9.34 -59.56 -11.11
CA LEU O 112 -9.77 -59.49 -12.53
C LEU O 112 -8.74 -60.19 -13.44
N ALA O 113 -7.46 -59.91 -13.24
CA ALA O 113 -6.33 -60.48 -14.01
C ALA O 113 -5.92 -61.86 -13.48
N GLY O 114 -6.62 -62.40 -12.47
CA GLY O 114 -6.36 -63.73 -11.89
C GLY O 114 -5.02 -63.78 -11.16
N HIS O 115 -4.71 -62.73 -10.40
CA HIS O 115 -3.55 -62.66 -9.48
C HIS O 115 -4.10 -62.72 -8.04
N VAL O 116 -4.57 -63.89 -7.62
CA VAL O 116 -5.24 -64.09 -6.30
C VAL O 116 -4.18 -63.85 -5.20
N ASP O 117 -3.00 -64.43 -5.38
CA ASP O 117 -1.75 -64.16 -4.60
C ASP O 117 -1.72 -62.67 -4.21
N ILE O 118 -1.72 -61.77 -5.19
CA ILE O 118 -1.59 -60.30 -5.01
C ILE O 118 -2.84 -59.75 -4.32
N ALA O 119 -4.02 -60.18 -4.75
CA ALA O 119 -5.32 -59.76 -4.18
C ALA O 119 -5.31 -60.01 -2.67
N GLU O 120 -4.83 -61.19 -2.25
CA GLU O 120 -4.75 -61.61 -0.82
C GLU O 120 -3.86 -60.63 -0.05
N VAL O 121 -2.69 -60.28 -0.61
CA VAL O 121 -1.74 -59.30 0.01
C VAL O 121 -2.48 -57.98 0.23
N LEU O 122 -3.18 -57.50 -0.79
CA LEU O 122 -3.87 -56.17 -0.76
C LEU O 122 -5.06 -56.23 0.19
N GLN O 123 -5.72 -57.38 0.33
CA GLN O 123 -6.91 -57.53 1.20
C GLN O 123 -6.46 -57.53 2.68
N LYS O 124 -5.33 -58.21 2.99
CA LYS O 124 -4.79 -58.26 4.38
C LYS O 124 -4.43 -56.84 4.81
N ALA O 125 -3.69 -56.10 3.96
CA ALA O 125 -3.29 -54.69 4.19
C ALA O 125 -4.54 -53.80 4.24
N ALA O 126 -4.94 -53.42 5.46
CA ALA O 126 -6.09 -52.53 5.78
C ALA O 126 -7.38 -53.14 5.22
N ASP P 2 9.25 -39.99 -31.90
CA ASP P 2 8.61 -40.97 -30.96
C ASP P 2 7.99 -42.10 -31.79
N PRO P 3 8.45 -43.36 -31.64
CA PRO P 3 7.85 -44.50 -32.34
C PRO P 3 6.63 -45.09 -31.63
N CYS P 4 6.30 -44.62 -30.41
CA CYS P 4 5.02 -44.90 -29.72
C CYS P 4 3.87 -44.38 -30.61
N SER P 5 4.03 -43.18 -31.18
CA SER P 5 3.12 -42.55 -32.18
C SER P 5 2.63 -43.58 -33.22
N ASN P 6 3.47 -44.53 -33.64
CA ASN P 6 3.15 -45.57 -34.67
C ASN P 6 2.27 -46.71 -34.14
N CYS P 7 1.97 -46.74 -32.85
CA CYS P 7 1.16 -47.80 -32.20
C CYS P 7 -0.31 -47.48 -32.46
N PRO P 8 -1.10 -48.44 -32.95
CA PRO P 8 -2.53 -48.24 -33.19
C PRO P 8 -3.37 -48.46 -31.93
N ALA P 9 -4.70 -48.23 -32.01
CA ALA P 9 -5.68 -48.63 -30.97
C ALA P 9 -5.68 -50.15 -30.81
N GLY P 10 -6.16 -50.65 -29.67
CA GLY P 10 -6.06 -52.06 -29.28
C GLY P 10 -4.64 -52.45 -28.88
N THR P 11 -3.79 -51.48 -28.57
CA THR P 11 -2.32 -51.67 -28.43
C THR P 11 -1.73 -50.54 -27.57
N PHE P 12 -0.61 -50.83 -26.89
CA PHE P 12 0.18 -49.85 -26.09
C PHE P 12 1.65 -49.89 -26.49
N CYS P 13 2.38 -48.76 -26.34
CA CYS P 13 3.85 -48.72 -26.65
C CYS P 13 4.61 -49.50 -25.57
N ASP P 14 5.50 -50.40 -25.98
CA ASP P 14 6.22 -51.38 -25.14
C ASP P 14 7.55 -51.69 -25.83
N ASN P 15 8.66 -51.19 -25.29
CA ASN P 15 10.02 -51.35 -25.88
C ASN P 15 10.94 -52.04 -24.86
N ASN P 16 10.40 -52.93 -24.01
CA ASN P 16 11.20 -53.81 -23.13
C ASN P 16 11.83 -54.93 -23.97
N ARG P 17 11.04 -55.54 -24.88
CA ARG P 17 11.49 -56.59 -25.84
C ARG P 17 12.05 -55.91 -27.10
N ASN P 18 12.27 -56.67 -28.18
CA ASN P 18 12.55 -56.16 -29.55
C ASN P 18 11.29 -55.49 -30.14
N GLN P 19 10.09 -55.92 -29.72
CA GLN P 19 8.79 -55.50 -30.32
C GLN P 19 8.44 -54.09 -29.86
N ILE P 20 7.85 -53.29 -30.76
CA ILE P 20 7.70 -51.80 -30.62
C ILE P 20 6.40 -51.49 -29.86
N CYS P 21 5.33 -52.24 -30.13
CA CYS P 21 4.00 -52.12 -29.47
C CYS P 21 3.46 -53.51 -29.17
N SER P 22 2.79 -53.66 -28.03
CA SER P 22 2.13 -54.91 -27.59
C SER P 22 0.62 -54.76 -27.63
N PRO P 23 -0.14 -55.87 -27.82
CA PRO P 23 -1.59 -55.84 -27.76
C PRO P 23 -2.05 -55.66 -26.32
N CYS P 24 -3.16 -54.96 -26.12
CA CYS P 24 -3.77 -54.73 -24.80
C CYS P 24 -4.06 -56.07 -24.13
N PRO P 25 -3.60 -56.30 -22.88
CA PRO P 25 -3.85 -57.57 -22.20
C PRO P 25 -5.35 -57.79 -21.95
N PRO P 26 -5.77 -59.03 -21.62
CA PRO P 26 -7.20 -59.32 -21.46
C PRO P 26 -7.86 -58.42 -20.41
N ASN P 27 -9.11 -58.02 -20.67
CA ASN P 27 -9.92 -57.10 -19.83
C ASN P 27 -9.27 -55.71 -19.78
N SER P 28 -8.53 -55.31 -20.82
CA SER P 28 -8.06 -53.92 -20.99
C SER P 28 -8.22 -53.51 -22.45
N PHE P 29 -8.28 -52.21 -22.71
CA PHE P 29 -8.51 -51.65 -24.07
C PHE P 29 -7.76 -50.34 -24.23
N SER P 30 -7.35 -50.06 -25.46
CA SER P 30 -6.79 -48.77 -25.92
C SER P 30 -7.69 -48.25 -27.04
N SER P 31 -8.33 -47.09 -26.83
CA SER P 31 -9.21 -46.44 -27.83
C SER P 31 -8.39 -45.55 -28.77
N ALA P 32 -7.24 -45.06 -28.33
CA ALA P 32 -6.51 -43.94 -29.00
C ALA P 32 -5.45 -44.48 -29.96
N GLY P 33 -4.50 -45.27 -29.48
CA GLY P 33 -3.24 -45.53 -30.19
C GLY P 33 -2.24 -44.45 -29.86
N GLY P 34 -0.97 -44.85 -29.68
CA GLY P 34 0.07 -44.04 -29.02
C GLY P 34 -0.15 -43.93 -27.51
N GLN P 35 -0.92 -44.86 -26.91
CA GLN P 35 -1.18 -44.92 -25.45
C GLN P 35 -0.02 -45.63 -24.75
N ARG P 36 0.43 -45.09 -23.59
CA ARG P 36 1.51 -45.66 -22.75
C ARG P 36 0.95 -46.84 -21.93
N THR P 37 -0.36 -46.87 -21.70
CA THR P 37 -1.07 -47.85 -20.84
C THR P 37 -2.42 -48.16 -21.49
N CYS P 38 -2.87 -49.42 -21.37
CA CYS P 38 -4.26 -49.83 -21.72
C CYS P 38 -5.17 -49.56 -20.52
N ASP P 39 -6.29 -48.90 -20.77
CA ASP P 39 -7.34 -48.62 -19.76
C ASP P 39 -8.08 -49.91 -19.45
N ILE P 40 -8.62 -50.02 -18.23
CA ILE P 40 -9.26 -51.26 -17.70
C ILE P 40 -10.73 -51.24 -18.12
N CYS P 41 -11.20 -52.39 -18.62
CA CYS P 41 -12.59 -52.65 -19.08
C CYS P 41 -13.53 -52.58 -17.88
N ARG P 42 -14.67 -51.91 -18.04
CA ARG P 42 -15.85 -52.04 -17.14
C ARG P 42 -16.25 -53.51 -17.08
N GLN P 43 -16.36 -54.07 -15.87
CA GLN P 43 -16.93 -55.41 -15.60
C GLN P 43 -18.41 -55.21 -15.27
N CYS P 44 -19.29 -56.08 -15.79
CA CYS P 44 -20.76 -55.93 -15.63
C CYS P 44 -21.40 -57.29 -15.34
N LYS P 45 -21.51 -57.64 -14.06
CA LYS P 45 -22.14 -58.90 -13.61
C LYS P 45 -23.17 -58.55 -12.53
N GLY P 46 -24.08 -59.49 -12.28
CA GLY P 46 -25.08 -59.40 -11.20
C GLY P 46 -26.19 -58.44 -11.56
N VAL P 47 -26.26 -57.27 -10.92
CA VAL P 47 -27.29 -56.23 -11.21
C VAL P 47 -27.06 -55.72 -12.64
N PHE P 48 -25.80 -55.46 -12.97
CA PHE P 48 -25.37 -54.97 -14.30
C PHE P 48 -25.31 -56.14 -15.27
N ARG P 49 -25.77 -55.91 -16.51
CA ARG P 49 -25.86 -56.90 -17.62
C ARG P 49 -25.11 -56.31 -18.80
N THR P 50 -24.27 -57.11 -19.44
CA THR P 50 -23.38 -56.70 -20.56
C THR P 50 -24.21 -56.56 -21.84
N ARG P 51 -24.20 -55.35 -22.39
CA ARG P 51 -24.99 -54.97 -23.59
C ARG P 51 -24.06 -54.99 -24.80
N LYS P 52 -22.88 -54.36 -24.67
CA LYS P 52 -21.72 -54.53 -25.57
C LYS P 52 -20.59 -55.09 -24.71
N GLU P 53 -19.94 -56.16 -25.19
CA GLU P 53 -18.73 -56.76 -24.56
C GLU P 53 -17.53 -55.85 -24.76
N CYS P 54 -16.51 -55.98 -23.90
CA CYS P 54 -15.24 -55.23 -24.01
C CYS P 54 -14.45 -55.77 -25.20
N SER P 55 -13.96 -54.88 -26.05
CA SER P 55 -13.04 -55.18 -27.17
C SER P 55 -11.65 -54.66 -26.83
N SER P 56 -10.65 -55.01 -27.65
CA SER P 56 -9.27 -54.49 -27.54
C SER P 56 -9.26 -52.96 -27.73
N THR P 57 -10.20 -52.43 -28.51
CA THR P 57 -10.23 -51.01 -28.93
C THR P 57 -11.31 -50.21 -28.17
N SER P 58 -12.29 -50.88 -27.56
CA SER P 58 -13.48 -50.21 -26.95
C SER P 58 -13.89 -50.89 -25.65
N ASN P 59 -14.24 -50.06 -24.66
CA ASN P 59 -14.82 -50.45 -23.36
C ASN P 59 -16.18 -51.12 -23.55
N ALA P 60 -16.57 -51.97 -22.61
CA ALA P 60 -17.92 -52.58 -22.52
C ALA P 60 -18.94 -51.49 -22.20
N GLU P 61 -20.16 -51.63 -22.71
CA GLU P 61 -21.35 -50.80 -22.35
C GLU P 61 -22.33 -51.77 -21.65
N CYS P 62 -23.22 -51.29 -20.76
CA CYS P 62 -24.04 -52.16 -19.88
C CYS P 62 -25.43 -51.58 -19.65
N ASP P 63 -26.40 -52.47 -19.49
CA ASP P 63 -27.76 -52.09 -18.98
C ASP P 63 -27.95 -52.84 -17.65
N CYS P 64 -29.15 -52.73 -17.07
CA CYS P 64 -29.54 -53.37 -15.79
C CYS P 64 -30.25 -54.71 -16.04
N THR P 65 -30.10 -55.67 -15.14
CA THR P 65 -30.83 -56.97 -15.18
C THR P 65 -32.32 -56.69 -15.06
N PRO P 66 -33.21 -57.62 -15.48
CA PRO P 66 -34.65 -57.43 -15.28
C PRO P 66 -35.01 -57.19 -13.80
N GLY P 67 -36.01 -56.34 -13.54
CA GLY P 67 -36.40 -55.89 -12.18
C GLY P 67 -35.57 -54.70 -11.71
N PHE P 68 -34.81 -54.08 -12.63
CA PHE P 68 -34.00 -52.87 -12.40
C PHE P 68 -34.08 -51.97 -13.62
N HIS P 69 -33.71 -50.70 -13.45
CA HIS P 69 -33.69 -49.69 -14.52
C HIS P 69 -32.47 -48.80 -14.34
N CYS P 70 -31.86 -48.40 -15.46
CA CYS P 70 -30.67 -47.52 -15.52
C CYS P 70 -31.02 -46.13 -14.97
N LEU P 71 -30.05 -45.47 -14.34
CA LEU P 71 -30.11 -44.04 -13.95
C LEU P 71 -28.72 -43.45 -14.20
N GLY P 72 -28.68 -42.32 -14.89
CA GLY P 72 -27.44 -41.59 -15.21
C GLY P 72 -26.79 -42.09 -16.50
N ALA P 73 -25.88 -41.28 -17.03
CA ALA P 73 -25.22 -41.48 -18.34
C ALA P 73 -24.49 -42.83 -18.36
N GLY P 74 -24.64 -43.59 -19.46
CA GLY P 74 -23.99 -44.90 -19.68
C GLY P 74 -24.37 -45.93 -18.62
N CYS P 75 -25.59 -45.81 -18.07
CA CYS P 75 -26.16 -46.72 -17.05
C CYS P 75 -25.17 -46.86 -15.90
N SER P 76 -24.84 -45.74 -15.26
CA SER P 76 -23.82 -45.62 -14.19
C SER P 76 -24.23 -46.47 -12.97
N MET P 77 -25.51 -46.38 -12.58
CA MET P 77 -26.10 -47.18 -11.46
C MET P 77 -27.47 -47.69 -11.88
N CYS P 78 -27.87 -48.83 -11.31
CA CYS P 78 -29.20 -49.47 -11.50
C CYS P 78 -30.03 -49.29 -10.24
N GLU P 79 -31.34 -49.07 -10.43
CA GLU P 79 -32.32 -48.70 -9.38
C GLU P 79 -33.50 -49.66 -9.48
N GLN P 80 -34.01 -50.11 -8.34
CA GLN P 80 -35.07 -51.17 -8.28
C GLN P 80 -36.32 -50.68 -9.00
N ASP P 81 -36.88 -51.50 -9.89
CA ASP P 81 -38.25 -51.33 -10.45
C ASP P 81 -39.26 -51.52 -9.32
N CYS P 82 -40.36 -50.75 -9.35
CA CYS P 82 -41.56 -51.00 -8.53
C CYS P 82 -42.70 -51.44 -9.45
N LYS P 83 -43.81 -51.90 -8.87
CA LYS P 83 -45.09 -52.15 -9.59
C LYS P 83 -45.65 -50.81 -10.06
N GLN P 84 -46.66 -50.84 -10.93
CA GLN P 84 -47.46 -49.63 -11.25
C GLN P 84 -48.33 -49.30 -10.04
N GLY P 85 -48.59 -48.02 -9.80
CA GLY P 85 -49.20 -47.55 -8.55
C GLY P 85 -48.31 -47.77 -7.34
N GLN P 86 -46.99 -47.67 -7.53
CA GLN P 86 -46.00 -47.51 -6.45
C GLN P 86 -44.98 -46.45 -6.86
N GLU P 87 -44.26 -45.92 -5.87
CA GLU P 87 -42.99 -45.18 -6.08
C GLU P 87 -41.92 -45.84 -5.20
N LEU P 88 -40.66 -45.50 -5.47
CA LEU P 88 -39.48 -45.95 -4.69
C LEU P 88 -39.20 -44.93 -3.59
N THR P 89 -39.60 -45.26 -2.35
CA THR P 89 -39.21 -44.55 -1.10
C THR P 89 -37.90 -45.15 -0.60
N LYS P 90 -37.27 -44.51 0.39
CA LYS P 90 -36.06 -45.05 1.07
C LYS P 90 -36.43 -46.35 1.80
N LYS P 91 -37.68 -46.46 2.29
CA LYS P 91 -38.25 -47.69 2.90
C LYS P 91 -38.46 -48.78 1.84
N GLY P 92 -38.60 -48.40 0.56
CA GLY P 92 -38.65 -49.32 -0.59
C GLY P 92 -39.81 -49.00 -1.52
N CYS P 93 -40.37 -50.02 -2.19
CA CYS P 93 -41.53 -49.88 -3.10
C CYS P 93 -42.80 -49.73 -2.26
N LYS P 94 -43.25 -48.49 -2.01
CA LYS P 94 -44.50 -48.15 -1.29
C LYS P 94 -45.55 -47.70 -2.33
N ASP P 95 -46.82 -48.07 -2.11
CA ASP P 95 -47.96 -47.70 -3.00
C ASP P 95 -48.19 -46.20 -2.98
N CYS P 96 -48.79 -45.64 -4.04
CA CYS P 96 -49.10 -44.19 -4.17
C CYS P 96 -50.16 -43.80 -3.13
N CYS P 97 -50.04 -42.60 -2.55
CA CYS P 97 -51.06 -41.98 -1.67
C CYS P 97 -52.32 -41.70 -2.49
N PHE P 98 -53.40 -41.21 -1.85
CA PHE P 98 -54.77 -41.33 -2.41
C PHE P 98 -54.90 -40.59 -3.75
N GLY P 99 -54.61 -39.28 -3.78
CA GLY P 99 -54.86 -38.42 -4.96
C GLY P 99 -53.76 -38.48 -5.99
N THR P 100 -52.95 -39.55 -6.00
CA THR P 100 -51.68 -39.63 -6.78
C THR P 100 -51.60 -41.00 -7.47
N PHE P 101 -50.92 -41.05 -8.63
CA PHE P 101 -50.79 -42.25 -9.47
C PHE P 101 -49.36 -42.38 -10.02
N ASN P 102 -48.97 -43.60 -10.39
CA ASN P 102 -47.77 -43.87 -11.21
C ASN P 102 -48.11 -44.96 -12.23
N ASP P 103 -48.22 -44.57 -13.49
CA ASP P 103 -48.62 -45.44 -14.63
C ASP P 103 -47.40 -46.21 -15.16
N GLN P 104 -46.18 -45.87 -14.73
CA GLN P 104 -44.91 -46.58 -15.08
C GLN P 104 -44.47 -47.52 -13.94
N LYS P 105 -43.43 -48.32 -14.20
CA LYS P 105 -42.74 -49.21 -13.22
C LYS P 105 -41.46 -48.51 -12.74
N ARG P 106 -41.33 -47.19 -12.94
CA ARG P 106 -40.21 -46.37 -12.41
C ARG P 106 -40.69 -44.95 -12.12
N GLY P 107 -39.98 -44.23 -11.25
CA GLY P 107 -40.19 -42.80 -10.99
C GLY P 107 -41.12 -42.55 -9.81
N ILE P 108 -41.52 -41.29 -9.61
CA ILE P 108 -42.32 -40.83 -8.43
C ILE P 108 -43.80 -41.05 -8.73
N CYS P 109 -44.65 -41.06 -7.68
CA CYS P 109 -46.11 -40.83 -7.80
C CYS P 109 -46.32 -39.35 -8.14
N ARG P 110 -47.23 -39.09 -9.06
CA ARG P 110 -47.62 -37.73 -9.51
C ARG P 110 -49.09 -37.56 -9.15
N PRO P 111 -49.55 -36.36 -8.74
CA PRO P 111 -50.97 -36.15 -8.43
C PRO P 111 -51.84 -36.22 -9.69
N TRP P 112 -53.07 -36.73 -9.54
CA TRP P 112 -54.09 -36.83 -10.61
C TRP P 112 -54.25 -35.48 -11.30
N THR P 113 -54.70 -35.48 -12.55
CA THR P 113 -54.95 -34.26 -13.33
C THR P 113 -56.16 -33.55 -12.74
N ASN P 114 -56.03 -32.25 -12.49
CA ASN P 114 -57.17 -31.39 -12.10
C ASN P 114 -57.85 -30.93 -13.39
N CYS P 115 -59.01 -31.53 -13.70
CA CYS P 115 -59.77 -31.27 -14.94
C CYS P 115 -60.25 -29.82 -14.96
N SER P 116 -60.68 -29.30 -13.80
CA SER P 116 -61.16 -27.90 -13.57
C SER P 116 -60.26 -26.87 -14.26
N LEU P 117 -58.94 -27.07 -14.21
CA LEU P 117 -57.91 -26.17 -14.78
C LEU P 117 -58.22 -25.87 -16.25
N ASP P 118 -58.49 -26.90 -17.06
CA ASP P 118 -58.75 -26.77 -18.52
C ASP P 118 -60.27 -26.67 -18.77
N GLY P 119 -61.11 -26.57 -17.73
CA GLY P 119 -62.58 -26.43 -17.83
C GLY P 119 -63.31 -27.76 -17.75
N LYS P 120 -62.66 -28.89 -18.03
CA LYS P 120 -63.28 -30.25 -18.10
C LYS P 120 -63.70 -30.73 -16.70
N SER P 121 -64.36 -31.89 -16.61
CA SER P 121 -64.82 -32.56 -15.36
C SER P 121 -64.45 -34.06 -15.37
N VAL P 122 -64.24 -34.67 -14.20
CA VAL P 122 -63.86 -36.10 -14.00
C VAL P 122 -64.91 -37.00 -14.66
N LEU P 123 -64.62 -37.46 -15.89
CA LEU P 123 -65.43 -38.48 -16.61
C LEU P 123 -65.28 -39.83 -15.89
N VAL P 124 -64.04 -40.29 -15.71
CA VAL P 124 -63.69 -41.54 -14.95
C VAL P 124 -62.68 -41.16 -13.86
N ASN P 125 -62.84 -41.73 -12.66
CA ASN P 125 -61.98 -41.52 -11.47
C ASN P 125 -60.58 -42.09 -11.76
N GLY P 126 -59.55 -41.55 -11.10
CA GLY P 126 -58.19 -42.09 -11.14
C GLY P 126 -58.02 -43.22 -10.15
N THR P 127 -56.81 -43.78 -10.09
CA THR P 127 -56.38 -44.81 -9.12
C THR P 127 -54.86 -44.72 -8.95
N LYS P 128 -54.31 -45.52 -8.03
CA LYS P 128 -52.83 -45.65 -7.85
C LYS P 128 -52.18 -45.95 -9.20
N GLU P 129 -52.79 -46.82 -10.00
CA GLU P 129 -52.23 -47.37 -11.26
C GLU P 129 -52.38 -46.38 -12.42
N ARG P 130 -53.38 -45.49 -12.44
CA ARG P 130 -53.66 -44.64 -13.62
C ARG P 130 -54.38 -43.34 -13.24
N ASP P 131 -54.15 -42.33 -14.08
CA ASP P 131 -54.62 -40.93 -13.94
C ASP P 131 -56.14 -40.83 -14.12
N VAL P 132 -56.70 -39.70 -13.67
CA VAL P 132 -58.12 -39.29 -13.91
C VAL P 132 -58.32 -39.12 -15.42
N VAL P 133 -59.53 -39.48 -15.87
CA VAL P 133 -60.00 -39.31 -17.27
C VAL P 133 -60.98 -38.13 -17.26
N CYS P 134 -60.64 -37.03 -17.96
CA CYS P 134 -61.46 -35.78 -18.04
C CYS P 134 -62.49 -35.90 -19.17
N GLY P 135 -63.57 -35.10 -19.14
CA GLY P 135 -64.72 -35.22 -20.04
C GLY P 135 -65.62 -33.99 -19.93
N PRO P 136 -66.87 -34.11 -19.43
CA PRO P 136 -67.85 -33.03 -19.51
C PRO P 136 -67.58 -31.88 -18.53
C1 NAG Q . 45.55 58.64 -2.87
C2 NAG Q . 45.51 60.16 -2.73
C3 NAG Q . 45.95 60.90 -3.99
C4 NAG Q . 47.30 60.39 -4.50
C5 NAG Q . 47.30 58.87 -4.67
C6 NAG Q . 48.74 58.41 -4.97
C7 NAG Q . 43.91 61.41 -1.26
C8 NAG Q . 42.48 61.85 -1.11
N2 NAG Q . 44.17 60.65 -2.36
O3 NAG Q . 46.00 62.25 -3.53
O4 NAG Q . 47.62 60.97 -5.77
O5 NAG Q . 46.79 58.21 -3.49
O6 NAG Q . 48.93 57.01 -4.82
O7 NAG Q . 44.75 61.73 -0.43
C1 FUL Q . 45.90 63.25 -4.55
C2 FUL Q . 45.56 64.56 -3.82
O2 FUL Q . 46.55 64.90 -2.84
C3 FUL Q . 45.38 65.72 -4.79
O3 FUL Q . 44.90 66.86 -4.06
C4 FUL Q . 44.44 65.34 -5.95
O4 FUL Q . 43.10 65.22 -5.47
C5 FUL Q . 44.87 64.01 -6.60
C6 FUL Q . 43.93 63.55 -7.72
O5 FUL Q . 44.98 62.97 -5.63
C1 NAG R . -49.23 -45.52 34.71
C2 NAG R . -49.58 -46.55 35.78
C3 NAG R . -49.61 -47.97 35.24
C4 NAG R . -50.43 -48.07 33.96
C5 NAG R . -49.85 -47.05 32.96
C6 NAG R . -50.47 -47.02 31.56
C7 NAG R . -48.83 -46.00 38.08
C8 NAG R . -47.63 -45.76 38.93
N2 NAG R . -48.58 -46.42 36.83
O3 NAG R . -50.19 -48.74 36.30
O4 NAG R . -50.45 -49.43 33.45
O5 NAG R . -49.98 -45.73 33.51
O6 NAG R . -51.86 -47.39 31.56
O7 NAG R . -49.95 -45.79 38.50
C1 FUL R . -49.72 -50.09 36.50
C2 FUL R . -49.78 -50.31 38.02
O2 FUL R . -51.16 -50.38 38.41
C3 FUL R . -49.08 -51.56 38.51
O3 FUL R . -48.90 -51.47 39.94
C4 FUL R . -47.73 -51.75 37.82
O4 FUL R . -46.84 -50.70 38.20
C5 FUL R . -47.97 -51.75 36.30
C6 FUL R . -46.70 -52.09 35.51
O5 FUL R . -48.45 -50.45 35.92
C1 NAG R . -51.78 -50.03 33.36
C2 NAG R . -51.89 -51.06 32.23
C3 NAG R . -53.30 -51.65 32.18
C4 NAG R . -53.69 -52.19 33.55
C5 NAG R . -53.55 -51.10 34.61
C6 NAG R . -53.85 -51.60 36.01
C7 NAG R . -50.37 -50.46 30.39
C8 NAG R . -50.32 -49.83 29.04
N2 NAG R . -51.58 -50.49 30.93
O3 NAG R . -53.41 -52.66 31.17
O4 NAG R . -55.04 -52.67 33.51
O5 NAG R . -52.21 -50.60 34.60
O6 NAG R . -52.98 -52.63 36.41
O7 NAG R . -49.37 -50.91 30.93
C1 FUL R . -52.76 -46.27 31.67
C2 FUL R . -54.12 -46.75 32.20
O2 FUL R . -53.97 -47.28 33.53
C3 FUL R . -55.14 -45.61 32.27
O3 FUL R . -56.39 -46.18 32.67
C4 FUL R . -55.23 -44.88 30.93
O4 FUL R . -55.83 -45.85 29.99
C5 FUL R . -53.84 -44.47 30.46
C6 FUL R . -53.93 -43.97 29.04
O5 FUL R . -52.96 -45.61 30.41
C1 NAG S . 25.23 56.77 -10.60
C2 NAG S . 25.51 57.92 -11.55
C3 NAG S . 25.52 59.25 -10.77
C4 NAG S . 24.31 59.45 -9.85
C5 NAG S . 24.19 58.19 -8.99
C6 NAG S . 23.06 58.15 -7.95
C7 NAG S . 27.03 57.74 -13.54
C8 NAG S . 28.45 57.53 -13.94
N2 NAG S . 26.80 57.73 -12.22
O3 NAG S . 25.72 60.27 -11.77
O4 NAG S . 24.49 60.61 -8.98
O5 NAG S . 24.06 57.04 -9.84
O6 NAG S . 21.80 58.58 -8.50
O7 NAG S . 26.20 57.92 -14.43
C1 FUL S . 26.34 61.45 -11.24
C2 FUL S . 26.64 62.45 -12.35
O2 FUL S . 25.50 62.66 -13.18
C3 FUL S . 27.06 63.75 -11.72
O3 FUL S . 27.39 64.69 -12.75
C4 FUL S . 28.25 63.54 -10.78
O4 FUL S . 29.41 63.19 -11.54
C5 FUL S . 27.95 62.45 -9.75
C6 FUL S . 29.14 62.13 -8.85
O5 FUL S . 27.51 61.26 -10.41
C1 NAG S . 23.32 61.39 -8.66
C2 NAG S . 23.63 62.45 -7.62
C3 NAG S . 22.31 62.99 -7.08
C4 NAG S . 21.43 63.49 -8.22
C5 NAG S . 21.37 62.52 -9.41
C6 NAG S . 20.70 63.11 -10.60
C7 NAG S . 25.08 62.57 -5.55
C8 NAG S . 25.78 61.76 -4.50
N2 NAG S . 24.46 61.94 -6.55
O3 NAG S . 22.53 64.05 -6.14
O4 NAG S . 20.10 63.68 -7.70
O5 NAG S . 22.66 62.03 -9.75
O6 NAG S . 19.35 63.46 -10.30
O7 NAG S . 25.08 63.79 -5.52
C1 FUL S . 21.05 57.48 -9.02
C2 FUL S . 19.82 57.98 -9.78
O2 FUL S . 20.17 59.00 -10.73
C3 FUL S . 19.19 56.77 -10.48
O3 FUL S . 18.03 57.18 -11.20
C4 FUL S . 18.86 55.67 -9.45
O4 FUL S . 17.75 56.08 -8.66
C5 FUL S . 20.08 55.34 -8.56
C6 FUL S . 19.75 54.40 -7.40
O5 FUL S . 20.64 56.54 -8.02
C1 NAG T . -28.49 -48.75 29.90
C2 NAG T . -28.44 -50.14 30.53
C3 NAG T . -28.36 -50.03 32.03
C4 NAG T . -27.18 -49.14 32.42
C5 NAG T . -27.38 -47.77 31.75
C6 NAG T . -26.38 -46.67 32.08
C7 NAG T . -29.64 -51.79 29.12
C8 NAG T . -30.94 -52.50 28.90
N2 NAG T . -29.61 -50.93 30.14
O3 NAG T . -28.24 -51.38 32.51
O4 NAG T . -27.10 -49.01 33.85
O5 NAG T . -27.40 -47.96 30.34
O6 NAG T . -25.30 -47.15 32.91
O7 NAG T . -28.68 -52.00 28.41
C1 FUL T . -29.38 -51.78 33.31
C2 FUL T . -29.25 -53.27 33.59
O2 FUL T . -28.08 -53.53 34.36
C3 FUL T . -30.47 -53.85 34.30
O3 FUL T . -30.40 -55.29 34.27
C4 FUL T . -31.78 -53.40 33.66
O4 FUL T . -31.95 -54.06 32.40
C5 FUL T . -31.80 -51.88 33.50
C6 FUL T . -33.08 -51.38 32.83
O5 FUL T . -30.67 -51.46 32.73
C1 NAG T . -26.08 -49.88 34.40
C2 NAG T . -26.16 -49.90 35.93
C3 NAG T . -24.97 -50.73 36.43
C4 NAG T . -25.02 -52.14 35.81
C5 NAG T . -25.00 -52.02 34.28
C6 NAG T . -25.04 -53.37 33.54
C7 NAG T . -27.13 -47.91 37.07
C8 NAG T . -26.81 -46.55 37.60
N2 NAG T . -26.10 -48.57 36.52
O3 NAG T . -24.95 -50.77 37.86
O4 NAG T . -23.90 -52.91 36.26
O5 NAG T . -26.10 -51.21 33.88
O6 NAG T . -24.03 -53.37 32.48
O7 NAG T . -28.26 -48.35 37.17
C1 FUL T . -24.17 -47.72 32.21
C2 FUL T . -22.92 -47.30 32.99
O2 FUL T . -22.95 -47.85 34.31
C3 FUL T . -21.65 -47.76 32.30
O3 FUL T . -20.52 -47.16 32.96
C4 FUL T . -21.67 -47.40 30.82
O4 FUL T . -21.62 -45.97 30.65
C5 FUL T . -22.94 -47.96 30.18
C6 FUL T . -23.03 -47.69 28.68
O5 FUL T . -24.08 -47.40 30.82
C1 NAG U . 62.79 8.52 -7.35
C2 NAG U . 64.28 8.14 -7.22
C3 NAG U . 64.65 7.35 -8.49
C4 NAG U . 63.91 6.01 -8.40
C5 NAG U . 62.39 6.23 -8.32
C6 NAG U . 61.70 5.14 -7.54
C7 NAG U . 65.44 9.85 -5.85
C8 NAG U . 66.38 11.02 -5.95
N2 NAG U . 65.11 9.33 -7.04
O3 NAG U . 66.07 7.35 -8.78
O4 NAG U . 64.27 5.27 -9.57
O5 NAG U . 61.94 7.41 -7.63
O6 NAG U . 60.32 5.01 -7.90
O7 NAG U . 65.05 9.44 -4.75
C1 FUL U . 66.96 6.35 -8.22
C2 FUL U . 67.76 6.96 -7.04
O2 FUL U . 67.39 6.27 -5.83
C3 FUL U . 69.28 6.89 -7.14
O3 FUL U . 69.87 7.98 -6.40
C4 FUL U . 69.76 6.95 -8.59
O4 FUL U . 69.41 8.19 -9.19
C5 FUL U . 69.14 5.77 -9.33
C6 FUL U . 69.62 5.75 -10.77
O5 FUL U . 67.71 5.80 -9.31
C1 NAG U . 64.32 3.84 -9.45
C2 NAG U . 64.34 3.22 -10.85
C3 NAG U . 64.31 1.69 -10.71
C4 NAG U . 65.51 1.25 -9.85
C5 NAG U . 65.45 1.96 -8.48
C6 NAG U . 66.65 1.61 -7.62
C7 NAG U . 63.31 4.83 -12.52
C8 NAG U . 62.05 5.21 -13.22
N2 NAG U . 63.23 3.77 -11.67
O3 NAG U . 64.36 1.01 -11.96
O4 NAG U . 65.55 -0.18 -9.71
O5 NAG U . 65.42 3.38 -8.65
O6 NAG U . 66.50 2.30 -6.36
O7 NAG U . 64.33 5.48 -12.72
C1 FUL U . 59.83 3.76 -7.34
C2 FUL U . 58.35 3.55 -7.59
O2 FUL U . 58.02 3.83 -8.94
C3 FUL U . 58.03 2.10 -7.22
O3 FUL U . 56.66 1.79 -7.47
C4 FUL U . 58.36 1.86 -5.73
O4 FUL U . 57.35 2.50 -4.94
C5 FUL U . 59.77 2.37 -5.37
C6 FUL U . 60.02 2.47 -3.85
O5 FUL U . 60.04 3.67 -5.93
C1 NAG V . -63.90 -20.45 -11.74
C2 NAG V . -65.40 -20.25 -11.50
C3 NAG V . -66.24 -20.60 -12.73
C4 NAG V . -65.71 -19.82 -13.94
C5 NAG V . -64.25 -20.25 -14.16
C6 NAG V . -63.59 -19.71 -15.43
C7 NAG V . -66.82 -20.76 -9.56
C8 NAG V . -66.96 -21.62 -8.33
N2 NAG V . -65.77 -21.03 -10.31
O3 NAG V . -67.64 -20.30 -12.53
O4 NAG V . -66.50 -20.06 -15.12
O5 NAG V . -63.48 -19.89 -13.00
O6 NAG V . -63.59 -18.29 -15.62
O7 NAG V . -67.62 -19.87 -9.81
C1 FUL V . -62.50 -17.62 -14.94
C2 FUL V . -62.59 -16.10 -15.14
O2 FUL V . -63.90 -15.63 -14.84
C3 FUL V . -61.57 -15.38 -14.26
O3 FUL V . -61.60 -13.98 -14.54
C4 FUL V . -60.16 -15.91 -14.47
O4 FUL V . -59.64 -15.45 -15.73
C5 FUL V . -60.14 -17.44 -14.40
C6 FUL V . -58.77 -18.00 -14.75
O5 FUL V . -61.15 -18.04 -15.25
C1 NAG W . -65.38 -41.44 -7.76
C2 NAG W . -66.76 -41.59 -8.40
C3 NAG W . -67.86 -41.04 -7.50
C4 NAG W . -67.76 -41.44 -6.03
C5 NAG W . -66.30 -41.33 -5.54
C6 NAG W . -66.01 -41.86 -4.14
C7 NAG W . -67.34 -41.43 -10.81
C8 NAG W . -67.29 -40.54 -12.04
N2 NAG W . -66.82 -40.90 -9.69
O3 NAG W . -69.10 -41.51 -8.04
O4 NAG W . -68.64 -40.56 -5.29
O5 NAG W . -65.42 -42.00 -6.45
O6 NAG W . -66.58 -43.17 -3.92
O7 NAG W . -67.85 -42.54 -10.87
C1 FUL W . -70.19 -40.57 -8.17
C2 FUL W . -71.04 -41.14 -9.32
O2 FUL W . -71.71 -42.31 -8.85
C3 FUL W . -72.07 -40.16 -9.87
O3 FUL W . -72.65 -40.68 -11.08
C4 FUL W . -71.44 -38.80 -10.16
O4 FUL W . -70.47 -38.92 -11.20
C5 FUL W . -70.80 -38.27 -8.88
C6 FUL W . -70.12 -36.92 -9.12
O5 FUL W . -69.82 -39.18 -8.37
C1 NAG W . -69.43 -41.21 -4.27
C2 NAG W . -70.20 -40.22 -3.40
C3 NAG W . -70.85 -40.98 -2.24
C4 NAG W . -71.70 -42.14 -2.77
C5 NAG W . -70.97 -42.97 -3.83
C6 NAG W . -71.90 -43.95 -4.54
C7 NAG W . -69.81 -37.97 -2.32
C8 NAG W . -68.76 -37.04 -1.81
N2 NAG W . -69.34 -39.17 -2.88
O3 NAG W . -71.64 -40.10 -1.44
O4 NAG W . -72.09 -42.98 -1.68
O5 NAG W . -70.39 -42.12 -4.82
O6 NAG W . -71.07 -44.77 -5.39
O7 NAG W . -70.99 -37.71 -2.24
C1 FUL W . -65.68 -44.26 -4.19
C2 FUL W . -66.52 -45.54 -4.11
O2 FUL W . -67.60 -45.46 -5.05
C3 FUL W . -65.65 -46.78 -4.35
O3 FUL W . -66.44 -47.94 -4.11
C4 FUL W . -64.43 -46.77 -3.44
O4 FUL W . -64.85 -46.96 -2.09
C5 FUL W . -63.66 -45.46 -3.58
C6 FUL W . -62.46 -45.41 -2.65
O5 FUL W . -64.54 -44.35 -3.32
C1 NAG X . 70.42 24.03 -20.83
C2 NAG X . 71.90 23.87 -21.22
C3 NAG X . 72.87 24.47 -20.21
C4 NAG X . 72.46 25.90 -19.84
C5 NAG X . 71.04 25.85 -19.27
C6 NAG X . 70.56 27.24 -18.78
C7 NAG X . 71.94 21.70 -22.50
C8 NAG X . 72.27 20.23 -22.42
N2 NAG X . 72.18 22.46 -21.41
O3 NAG X . 74.20 24.48 -20.76
O4 NAG X . 73.39 26.48 -18.91
O5 NAG X . 70.15 25.34 -20.26
O6 NAG X . 70.85 28.28 -19.72
O7 NAG X . 71.51 22.18 -23.53
#